data_4B56
#
_entry.id   4B56
#
_cell.length_a   103.385
_cell.length_b   105.412
_cell.length_c   245.258
_cell.angle_alpha   90.00
_cell.angle_beta   90.00
_cell.angle_gamma   90.00
#
_symmetry.space_group_name_H-M   'P 21 21 21'
#
loop_
_entity.id
_entity.type
_entity.pdbx_description
1 polymer 'ECTONUCLEOTIDE PYROPHOSPHATASE/PHOSPHODIESTERASE FAMILY MEMBER 1'
2 branched alpha-D-mannopyranose-(1-3)-[alpha-D-mannopyranose-(1-6)]beta-D-mannopyranose-(1-4)-2-acetamido-2-deoxy-beta-D-glucopyranose-(1-4)-2-acetamido-2-deoxy-beta-D-glucopyranose
3 branched 2-acetamido-2-deoxy-beta-D-glucopyranose-(1-4)-2-acetamido-2-deoxy-beta-D-glucopyranose
4 branched beta-D-mannopyranose-(1-4)-2-acetamido-2-deoxy-beta-D-glucopyranose-(1-4)-2-acetamido-2-deoxy-beta-D-glucopyranose
5 non-polymer 'ZINC ION'
6 non-polymer 'CALCIUM ION'
7 non-polymer 'PHOSPHATE ION'
8 non-polymer 2-acetamido-2-deoxy-beta-D-glucopyranose
#
_entity_poly.entity_id   1
_entity_poly.type   'polypeptide(L)'
_entity_poly.pdbx_seq_one_letter_code
;VKSCKGRCFERTFSNCRCDAACVSLGNCCLDFQETCVEPTHIWTCNKFRCGEKRLSRFVCSCADDCKTHNDCCINYSSVC
QDKKSWVEETCESIDTPECPAEFESPPTLLFSLDGFRAEYLHTWGGLLPVISKLKNCGTYTKNMRPMYPTKTFPNHYSIV
TGLYPESHGIIDNKMYDPKMNASFSLKSKEKFNPLWYKGQPIWVTANHQEVKSGTYFWPGSDVEIDGILPDIYKVYNGSV
PFEERILAVLEWLQLPSHERPHFYTLYLEEPDSSGHSHGPVSSEVIKALQKVDRLVGMLMDGLKDLGLDKCLNLILISDH
GMEQGSCKKYVYLNKYLGDVNNVKVVYGPAARLRPTDVPETYYSFNYEALAKNLSCREPNQHFRPYLKPFLPKRLHFAKS
DRIEPLTFYLDPQWQLALNPSERKYCGSGFHGSDNLFSNMQALFIGYGPAFKHGAEVDSFENIEVYNLMCDLLGLIPAPN
NGSHGSLNHLLKKPIYNPSHPKEEGFLSQCPIKSTSNDLGCTCDPWIVPIKDFEKQLNLTTEDVDDIYHMTVPYGRPRIL
LKQHHVCLLQQQQFLTGYSLDLLMPLWASYTFLRNDQFSRDDFSNCLYQDLRIPLSPVHKCSYYKSNSKLSYGFLTPPRL
NRVSNHIYSEALLTSNIVPMYQSFQVIWHYLHDTLLQRYAHERNGINVVSGPVFDFDYDGRYDSLEILKQNSRVIRSQEI
LIPTHFFIVLTSCKQLSETPLECSALESSAYILPHRPDNIESCTHGKRESSWVEELLTLHRARVTDVELITGLSFYQDRQ
ESVSELLRLKTHLPIFSQED
;
_entity_poly.pdbx_strand_id   A,B
#
# COMPACT_ATOMS: atom_id res chain seq x y z
N LYS A 2 11.34 -49.56 27.11
CA LYS A 2 10.23 -48.69 27.60
C LYS A 2 10.10 -47.41 26.74
N SER A 3 9.00 -46.67 26.94
CA SER A 3 8.76 -45.42 26.23
C SER A 3 9.20 -44.23 27.07
N CYS A 4 8.99 -43.03 26.52
CA CYS A 4 9.19 -41.77 27.24
C CYS A 4 7.87 -41.20 27.77
N LYS A 5 6.78 -41.95 27.64
CA LYS A 5 5.48 -41.50 28.14
C LYS A 5 5.50 -41.32 29.67
N GLY A 6 5.17 -40.12 30.12
CA GLY A 6 5.21 -39.78 31.54
C GLY A 6 6.61 -39.50 32.07
N ARG A 7 7.63 -39.62 31.21
CA ARG A 7 9.02 -39.42 31.62
C ARG A 7 9.75 -38.35 30.78
N CYS A 8 9.02 -37.54 30.01
CA CYS A 8 9.67 -36.56 29.15
C CYS A 8 10.51 -35.60 29.99
N PHE A 9 11.81 -35.60 29.75
CA PHE A 9 12.78 -34.76 30.45
C PHE A 9 12.77 -34.90 31.98
N GLU A 10 12.42 -36.08 32.50
CA GLU A 10 12.22 -36.27 33.95
C GLU A 10 13.42 -36.90 34.63
N ARG A 11 13.73 -38.15 34.28
CA ARG A 11 14.71 -38.98 35.02
C ARG A 11 15.63 -39.77 34.08
N THR A 12 16.70 -40.37 34.61
CA THR A 12 17.69 -41.03 33.76
C THR A 12 17.94 -42.53 34.01
N PHE A 13 17.63 -43.03 35.21
CA PHE A 13 18.07 -44.36 35.74
C PHE A 13 17.89 -45.59 34.83
N SER A 14 16.77 -45.65 34.11
CA SER A 14 16.43 -46.76 33.20
C SER A 14 17.44 -46.93 32.05
N ASN A 15 17.34 -48.02 31.31
CA ASN A 15 18.30 -48.32 30.23
C ASN A 15 18.36 -47.25 29.14
N CYS A 16 17.24 -46.56 28.86
CA CYS A 16 17.21 -45.46 27.89
C CYS A 16 16.72 -44.16 28.52
N ARG A 17 17.31 -43.04 28.10
CA ARG A 17 16.98 -41.71 28.63
C ARG A 17 15.99 -40.93 27.77
N CYS A 18 15.38 -39.90 28.35
CA CYS A 18 14.41 -39.05 27.66
C CYS A 18 14.69 -37.55 27.82
N ASP A 19 15.93 -37.21 28.17
CA ASP A 19 16.32 -35.80 28.29
C ASP A 19 17.20 -35.39 27.10
N ALA A 20 17.41 -34.09 26.92
CA ALA A 20 18.19 -33.56 25.79
C ALA A 20 19.62 -34.13 25.68
N ALA A 21 20.12 -34.72 26.76
CA ALA A 21 21.43 -35.38 26.73
C ALA A 21 21.43 -36.69 25.93
N CYS A 22 20.26 -37.26 25.69
CA CYS A 22 20.17 -38.55 25.01
C CYS A 22 20.60 -38.51 23.53
N VAL A 23 20.44 -37.35 22.87
CA VAL A 23 20.79 -37.22 21.43
C VAL A 23 22.32 -37.24 21.21
N SER A 24 23.07 -36.63 22.12
CA SER A 24 24.53 -36.68 22.05
C SER A 24 25.07 -38.08 22.41
N LEU A 25 24.39 -38.77 23.33
CA LEU A 25 24.85 -40.08 23.82
C LEU A 25 24.29 -41.24 22.99
N GLY A 26 23.15 -41.04 22.35
CA GLY A 26 22.46 -42.12 21.63
C GLY A 26 21.65 -42.98 22.58
N ASN A 27 21.37 -42.44 23.77
CA ASN A 27 20.60 -43.11 24.82
C ASN A 27 19.09 -42.98 24.67
N CYS A 28 18.63 -42.20 23.71
CA CYS A 28 17.21 -41.86 23.62
C CYS A 28 16.34 -43.09 23.54
N CYS A 29 15.21 -43.08 24.25
CA CYS A 29 14.20 -44.11 24.03
C CYS A 29 13.63 -43.86 22.64
N LEU A 30 13.17 -44.93 21.99
CA LEU A 30 12.91 -44.90 20.55
C LEU A 30 11.70 -44.06 20.18
N ASP A 31 10.94 -43.60 21.17
CA ASP A 31 9.82 -42.68 20.93
C ASP A 31 10.03 -41.26 21.48
N PHE A 32 11.23 -41.00 22.00
CA PHE A 32 11.60 -39.69 22.55
C PHE A 32 11.24 -38.53 21.64
N GLN A 33 11.42 -38.73 20.35
CA GLN A 33 11.21 -37.67 19.37
C GLN A 33 9.73 -37.34 19.27
N GLU A 34 8.91 -38.35 19.02
CA GLU A 34 7.46 -38.13 18.82
C GLU A 34 6.66 -38.09 20.12
N THR A 35 7.36 -38.11 21.25
CA THR A 35 6.74 -38.08 22.58
C THR A 35 7.05 -36.75 23.30
N CYS A 36 8.27 -36.23 23.13
CA CYS A 36 8.78 -35.09 23.91
C CYS A 36 9.28 -33.89 23.08
N VAL A 37 9.52 -34.09 21.79
CA VAL A 37 10.09 -33.04 20.94
C VAL A 37 9.10 -32.57 19.89
N GLU A 38 8.58 -33.50 19.09
CA GLU A 38 7.67 -33.09 18.02
C GLU A 38 6.38 -32.43 18.56
N PRO A 39 5.92 -32.79 19.78
CA PRO A 39 4.83 -32.02 20.41
C PRO A 39 5.14 -30.53 20.73
N THR A 40 6.43 -30.18 20.77
CA THR A 40 6.93 -28.82 21.08
C THR A 40 6.65 -27.81 19.94
N HIS A 41 6.39 -28.36 18.74
CA HIS A 41 6.11 -27.56 17.55
C HIS A 41 5.20 -28.29 16.52
N ILE A 42 4.43 -29.28 16.95
CA ILE A 42 3.29 -29.73 16.14
C ILE A 42 2.02 -29.45 16.92
N TRP A 43 0.94 -29.28 16.17
CA TRP A 43 -0.33 -28.81 16.71
C TRP A 43 -1.39 -29.87 16.53
N THR A 44 -0.97 -31.12 16.39
CA THR A 44 -1.85 -32.21 15.97
C THR A 44 -1.51 -33.49 16.77
N CYS A 45 -2.55 -34.18 17.25
CA CYS A 45 -2.37 -35.42 18.04
C CYS A 45 -2.07 -36.62 17.15
N ASN A 46 -1.65 -37.71 17.80
CA ASN A 46 -1.23 -38.93 17.16
C ASN A 46 -1.24 -40.09 18.17
N LYS A 47 -1.00 -41.31 17.71
CA LYS A 47 -0.99 -42.48 18.60
C LYS A 47 -0.06 -42.36 19.82
N PHE A 48 1.05 -41.61 19.69
CA PHE A 48 2.03 -41.47 20.78
C PHE A 48 1.59 -40.51 21.90
N ARG A 49 0.60 -39.65 21.62
CA ARG A 49 0.28 -38.53 22.52
C ARG A 49 -1.02 -38.65 23.35
N CYS A 50 -1.86 -39.63 23.05
CA CYS A 50 -3.12 -39.81 23.79
C CYS A 50 -2.90 -40.17 25.26
N GLY A 51 -3.45 -39.36 26.15
CA GLY A 51 -3.25 -39.54 27.58
C GLY A 51 -1.82 -39.22 27.97
N GLU A 52 -1.29 -38.15 27.40
CA GLU A 52 0.10 -37.76 27.61
C GLU A 52 0.26 -37.05 28.95
N LYS A 53 1.50 -36.96 29.41
CA LYS A 53 1.84 -36.04 30.49
C LYS A 53 1.65 -34.61 29.98
N ARG A 54 1.08 -33.74 30.82
CA ARG A 54 0.86 -32.32 30.46
C ARG A 54 2.19 -31.57 30.57
N LEU A 55 2.64 -30.98 29.47
CA LEU A 55 3.82 -30.12 29.50
C LEU A 55 3.53 -28.77 28.84
N SER A 56 4.04 -27.73 29.47
CA SER A 56 3.95 -26.35 29.00
C SER A 56 4.52 -26.21 27.59
N ARG A 57 5.71 -26.79 27.38
CA ARG A 57 6.42 -26.74 26.09
C ARG A 57 5.57 -27.05 24.86
N PHE A 58 4.52 -27.85 25.05
CA PHE A 58 3.73 -28.29 23.92
C PHE A 58 2.84 -27.17 23.39
N VAL A 59 2.77 -27.11 22.07
CA VAL A 59 1.90 -26.19 21.37
C VAL A 59 0.47 -26.43 21.82
N CYS A 60 0.18 -27.69 22.13
CA CYS A 60 -1.16 -28.22 22.04
C CYS A 60 -1.17 -29.53 22.79
N SER A 61 -2.27 -29.84 23.48
CA SER A 61 -2.33 -31.02 24.38
C SER A 61 -3.24 -32.14 23.88
N CYS A 62 -2.82 -33.38 24.15
CA CYS A 62 -3.71 -34.53 24.05
C CYS A 62 -3.86 -35.18 25.43
N ALA A 63 -3.33 -34.54 26.46
CA ALA A 63 -3.47 -35.05 27.82
C ALA A 63 -4.95 -35.07 28.16
N ASP A 64 -5.36 -35.98 29.04
CA ASP A 64 -6.76 -36.13 29.39
C ASP A 64 -7.33 -34.83 29.99
N ASP A 65 -6.50 -34.11 30.74
CA ASP A 65 -6.92 -32.88 31.43
C ASP A 65 -7.00 -31.64 30.52
N CYS A 66 -7.14 -31.85 29.21
CA CYS A 66 -7.11 -30.76 28.24
C CYS A 66 -8.48 -30.15 28.00
N LYS A 67 -9.53 -30.87 28.39
CA LYS A 67 -10.90 -30.41 28.17
C LYS A 67 -11.24 -29.26 29.12
N THR A 68 -10.87 -29.44 30.39
CA THR A 68 -11.01 -28.42 31.44
C THR A 68 -10.32 -27.09 31.14
N HIS A 69 -9.16 -27.16 30.48
CA HIS A 69 -8.35 -25.98 30.18
C HIS A 69 -8.64 -25.46 28.76
N ASN A 70 -9.35 -26.25 27.96
CA ASN A 70 -9.76 -25.86 26.61
C ASN A 70 -8.54 -25.65 25.68
N ASP A 71 -7.58 -26.57 25.77
CA ASP A 71 -6.38 -26.54 24.94
C ASP A 71 -6.06 -27.91 24.32
N CYS A 72 -7.08 -28.60 23.87
CA CYS A 72 -6.88 -29.84 23.12
C CYS A 72 -6.60 -29.49 21.67
N CYS A 73 -6.07 -30.45 20.93
CA CYS A 73 -5.75 -30.28 19.51
C CYS A 73 -7.00 -30.54 18.71
N ILE A 74 -6.98 -30.13 17.45
CA ILE A 74 -8.07 -30.45 16.53
C ILE A 74 -8.54 -31.91 16.70
N ASN A 75 -7.60 -32.84 16.79
CA ASN A 75 -7.93 -34.26 16.73
C ASN A 75 -7.82 -35.00 18.06
N TYR A 76 -7.93 -34.29 19.18
CA TYR A 76 -8.04 -34.96 20.47
C TYR A 76 -9.33 -35.77 20.55
N SER A 77 -10.41 -35.21 20.01
CA SER A 77 -11.68 -35.91 19.88
C SER A 77 -11.56 -37.14 18.99
N SER A 78 -11.01 -36.97 17.79
CA SER A 78 -11.01 -38.02 16.76
C SER A 78 -9.99 -39.12 17.03
N VAL A 79 -8.75 -38.73 17.29
CA VAL A 79 -7.67 -39.70 17.51
C VAL A 79 -7.82 -40.38 18.88
N CYS A 80 -7.98 -39.58 19.93
CA CYS A 80 -7.92 -40.06 21.31
C CYS A 80 -9.28 -40.35 21.98
N GLN A 81 -10.38 -39.97 21.35
CA GLN A 81 -11.73 -40.34 21.84
C GLN A 81 -12.66 -40.89 20.76
N ASP A 82 -12.09 -41.20 19.60
CA ASP A 82 -12.72 -42.02 18.57
C ASP A 82 -14.01 -41.45 17.96
N LYS A 83 -14.29 -40.16 18.17
CA LYS A 83 -15.44 -39.50 17.57
C LYS A 83 -15.07 -38.04 17.25
N LYS A 84 -15.70 -37.49 16.22
CA LYS A 84 -15.21 -36.26 15.61
C LYS A 84 -16.03 -35.02 15.93
N SER A 85 -15.37 -33.87 15.81
CA SER A 85 -16.03 -32.57 15.89
C SER A 85 -16.69 -32.30 14.55
N TRP A 86 -17.53 -31.27 14.48
CA TRP A 86 -18.23 -30.94 13.24
C TRP A 86 -17.23 -30.62 12.13
N VAL A 87 -16.31 -29.73 12.44
CA VAL A 87 -15.32 -29.27 11.48
C VAL A 87 -14.58 -30.42 10.80
N GLU A 88 -14.36 -31.50 11.53
CA GLU A 88 -13.58 -32.65 11.04
C GLU A 88 -14.29 -33.54 10.03
N GLU A 89 -15.63 -33.49 10.02
CA GLU A 89 -16.39 -34.42 9.18
C GLU A 89 -16.40 -33.96 7.73
N THR A 90 -16.18 -34.90 6.81
CA THR A 90 -16.19 -34.55 5.38
C THR A 90 -17.53 -33.96 4.93
N CYS A 91 -17.42 -33.10 3.91
CA CYS A 91 -18.55 -32.41 3.34
C CYS A 91 -19.61 -33.37 2.85
N GLU A 92 -20.87 -33.10 3.17
CA GLU A 92 -21.99 -33.93 2.73
C GLU A 92 -23.14 -33.07 2.21
N SER A 93 -23.78 -33.54 1.14
CA SER A 93 -24.85 -32.80 0.50
C SER A 93 -26.20 -33.04 1.18
N ILE A 94 -26.67 -32.02 1.88
CA ILE A 94 -28.00 -32.02 2.52
C ILE A 94 -29.10 -31.59 1.53
N ASP A 95 -29.54 -32.51 0.68
CA ASP A 95 -30.60 -32.24 -0.30
C ASP A 95 -31.98 -32.09 0.33
N THR A 96 -32.23 -32.83 1.41
CA THR A 96 -33.42 -32.63 2.24
C THR A 96 -33.04 -32.64 3.73
N PRO A 97 -33.65 -31.73 4.51
CA PRO A 97 -33.18 -31.44 5.86
C PRO A 97 -33.43 -32.58 6.83
N GLU A 98 -32.38 -33.10 7.43
CA GLU A 98 -32.49 -34.15 8.43
C GLU A 98 -32.74 -33.52 9.79
N CYS A 99 -34.01 -33.47 10.19
CA CYS A 99 -34.43 -32.86 11.45
C CYS A 99 -34.90 -33.89 12.46
N PRO A 100 -34.80 -33.56 13.76
CA PRO A 100 -35.53 -34.31 14.78
C PRO A 100 -37.05 -34.22 14.58
N ALA A 101 -37.79 -35.16 15.17
CA ALA A 101 -39.25 -35.22 15.01
C ALA A 101 -39.99 -33.99 15.55
N GLU A 102 -39.38 -33.32 16.54
CA GLU A 102 -39.96 -32.10 17.13
C GLU A 102 -39.93 -30.94 16.14
N PHE A 103 -38.97 -30.96 15.22
CA PHE A 103 -38.76 -29.89 14.24
C PHE A 103 -39.47 -30.17 12.91
N GLU A 104 -40.44 -29.31 12.59
CA GLU A 104 -41.26 -29.45 11.40
C GLU A 104 -40.58 -28.87 10.15
N SER A 105 -39.56 -28.06 10.36
CA SER A 105 -38.75 -27.52 9.27
C SER A 105 -37.50 -26.85 9.84
N PRO A 106 -36.43 -26.76 9.04
CA PRO A 106 -35.21 -26.16 9.54
C PRO A 106 -35.35 -24.64 9.77
N PRO A 107 -34.96 -24.15 10.95
CA PRO A 107 -34.98 -22.71 11.21
C PRO A 107 -33.78 -22.03 10.55
N THR A 108 -33.76 -20.69 10.57
CA THR A 108 -32.60 -19.95 10.10
C THR A 108 -31.97 -19.14 11.23
N LEU A 109 -30.64 -19.07 11.22
CA LEU A 109 -29.88 -18.33 12.22
C LEU A 109 -28.99 -17.31 11.52
N LEU A 110 -29.14 -16.05 11.91
CA LEU A 110 -28.39 -14.95 11.32
C LEU A 110 -27.29 -14.58 12.29
N PHE A 111 -26.07 -14.98 11.96
CA PHE A 111 -24.94 -14.89 12.87
C PHE A 111 -24.03 -13.78 12.33
N SER A 112 -23.94 -12.66 13.05
CA SER A 112 -23.14 -11.52 12.59
C SER A 112 -21.83 -11.39 13.33
N LEU A 113 -20.73 -11.33 12.57
CA LEU A 113 -19.42 -10.99 13.09
C LEU A 113 -19.07 -9.56 12.63
N ASP A 114 -19.02 -8.66 13.59
CA ASP A 114 -18.87 -7.25 13.28
C ASP A 114 -17.48 -6.98 12.69
N GLY A 115 -17.43 -6.12 11.68
CA GLY A 115 -16.18 -5.68 11.08
C GLY A 115 -15.32 -6.80 10.51
N PHE A 116 -15.99 -7.88 10.07
CA PHE A 116 -15.30 -8.98 9.41
C PHE A 116 -15.26 -8.66 7.93
N ARG A 117 -14.19 -8.01 7.51
CA ARG A 117 -14.08 -7.60 6.14
C ARG A 117 -13.84 -8.81 5.24
N ALA A 118 -14.51 -8.83 4.10
CA ALA A 118 -14.40 -9.95 3.18
C ALA A 118 -12.97 -10.51 3.02
N GLU A 119 -12.00 -9.60 3.03
CA GLU A 119 -10.60 -9.93 2.78
C GLU A 119 -9.98 -10.80 3.85
N TYR A 120 -10.46 -10.69 5.08
CA TYR A 120 -9.94 -11.49 6.18
C TYR A 120 -10.01 -12.97 5.81
N LEU A 121 -11.12 -13.38 5.22
CA LEU A 121 -11.27 -14.76 4.81
C LEU A 121 -10.43 -15.08 3.57
N HIS A 122 -10.21 -14.08 2.72
CA HIS A 122 -9.44 -14.29 1.50
C HIS A 122 -8.01 -14.60 1.85
N THR A 123 -7.48 -13.89 2.85
CA THR A 123 -6.08 -13.98 3.22
C THR A 123 -5.83 -14.97 4.35
N TRP A 124 -6.67 -14.89 5.38
CA TRP A 124 -6.50 -15.66 6.60
C TRP A 124 -7.39 -16.89 6.63
N GLY A 125 -7.97 -17.25 5.49
CA GLY A 125 -8.85 -18.42 5.43
C GLY A 125 -8.21 -19.69 5.95
N GLY A 126 -6.91 -19.84 5.68
CA GLY A 126 -6.16 -21.02 6.08
C GLY A 126 -5.78 -21.07 7.54
N LEU A 127 -6.22 -20.07 8.30
CA LEU A 127 -6.07 -20.04 9.75
C LEU A 127 -7.44 -20.20 10.43
N LEU A 128 -8.45 -20.56 9.63
CA LEU A 128 -9.85 -20.49 10.04
C LEU A 128 -10.62 -21.67 9.42
N PRO A 129 -10.33 -22.89 9.92
CA PRO A 129 -10.88 -24.12 9.36
C PRO A 129 -12.40 -24.27 9.48
N VAL A 130 -13.01 -23.69 10.51
CA VAL A 130 -14.46 -23.80 10.67
C VAL A 130 -15.20 -22.94 9.64
N ILE A 131 -14.89 -21.64 9.62
CA ILE A 131 -15.49 -20.73 8.67
C ILE A 131 -15.15 -21.15 7.24
N SER A 132 -13.95 -21.71 7.06
CA SER A 132 -13.55 -22.21 5.75
C SER A 132 -14.39 -23.40 5.33
N LYS A 133 -14.79 -24.23 6.29
CA LYS A 133 -15.65 -25.38 5.96
C LYS A 133 -17.04 -24.92 5.56
N LEU A 134 -17.60 -23.97 6.32
CA LEU A 134 -18.90 -23.40 6.00
C LEU A 134 -18.89 -22.80 4.59
N LYS A 135 -17.79 -22.13 4.25
CA LYS A 135 -17.61 -21.57 2.93
C LYS A 135 -17.58 -22.64 1.86
N ASN A 136 -16.74 -23.66 2.08
CA ASN A 136 -16.53 -24.69 1.06
C ASN A 136 -17.70 -25.64 0.94
N CYS A 137 -18.44 -25.80 2.04
CA CYS A 137 -19.59 -26.69 2.06
C CYS A 137 -20.88 -25.93 1.89
N GLY A 138 -20.80 -24.59 1.87
CA GLY A 138 -21.97 -23.75 1.74
C GLY A 138 -21.95 -22.93 0.48
N THR A 139 -22.59 -21.76 0.54
CA THR A 139 -22.69 -20.85 -0.57
C THR A 139 -21.99 -19.57 -0.14
N TYR A 140 -20.93 -19.21 -0.87
CA TYR A 140 -20.02 -18.12 -0.50
C TYR A 140 -20.04 -16.99 -1.55
N THR A 141 -19.70 -15.78 -1.12
CA THR A 141 -19.30 -14.74 -2.05
C THR A 141 -18.08 -13.99 -1.51
N LYS A 142 -17.12 -13.79 -2.40
CA LYS A 142 -15.88 -13.12 -2.07
C LYS A 142 -16.10 -11.73 -1.52
N ASN A 143 -17.20 -11.09 -1.92
CA ASN A 143 -17.61 -9.79 -1.36
C ASN A 143 -19.11 -9.67 -1.26
N MET A 144 -19.60 -9.24 -0.11
CA MET A 144 -20.97 -8.78 0.02
C MET A 144 -20.91 -7.28 0.22
N ARG A 145 -21.58 -6.53 -0.65
CA ARG A 145 -21.53 -5.08 -0.59
C ARG A 145 -22.42 -4.59 0.54
N PRO A 146 -21.86 -3.82 1.48
CA PRO A 146 -22.69 -3.16 2.48
C PRO A 146 -23.37 -1.89 1.95
N MET A 147 -24.16 -1.24 2.80
CA MET A 147 -24.77 0.03 2.46
C MET A 147 -23.94 1.18 2.99
N TYR A 148 -24.08 2.34 2.36
CA TYR A 148 -23.38 3.56 2.75
C TYR A 148 -24.25 4.34 3.71
N PRO A 149 -23.67 4.85 4.81
CA PRO A 149 -22.28 4.71 5.23
C PRO A 149 -22.02 3.32 5.82
N THR A 150 -20.80 2.84 5.70
CA THR A 150 -20.44 1.48 6.08
C THR A 150 -20.22 1.36 7.60
N LYS A 151 -21.25 1.73 8.34
CA LYS A 151 -21.21 1.73 9.79
C LYS A 151 -22.08 0.62 10.35
N THR A 152 -21.93 0.36 11.64
CA THR A 152 -22.53 -0.81 12.27
C THR A 152 -24.06 -0.81 12.34
N PHE A 153 -24.68 0.26 12.84
CA PHE A 153 -26.14 0.29 12.97
C PHE A 153 -26.89 0.31 11.64
N PRO A 154 -26.54 1.24 10.71
CA PRO A 154 -27.20 1.30 9.41
C PRO A 154 -27.25 -0.04 8.68
N ASN A 155 -26.11 -0.75 8.64
CA ASN A 155 -26.01 -2.01 7.92
C ASN A 155 -26.68 -3.18 8.59
N HIS A 156 -26.55 -3.28 9.91
CA HIS A 156 -27.24 -4.33 10.64
C HIS A 156 -28.74 -4.23 10.43
N TYR A 157 -29.25 -2.99 10.47
CA TYR A 157 -30.68 -2.75 10.30
C TYR A 157 -31.11 -2.90 8.83
N SER A 158 -30.20 -2.66 7.90
CA SER A 158 -30.50 -2.90 6.47
C SER A 158 -30.64 -4.39 6.16
N ILE A 159 -29.79 -5.20 6.80
CA ILE A 159 -29.81 -6.64 6.58
C ILE A 159 -31.17 -7.21 6.94
N VAL A 160 -31.70 -6.78 8.08
CA VAL A 160 -32.98 -7.30 8.58
C VAL A 160 -34.22 -6.54 8.10
N THR A 161 -34.02 -5.44 7.36
CA THR A 161 -35.13 -4.70 6.73
C THR A 161 -35.13 -4.87 5.22
N GLY A 162 -33.96 -4.92 4.61
CA GLY A 162 -33.86 -4.90 3.14
C GLY A 162 -33.93 -3.49 2.58
N LEU A 163 -33.87 -2.50 3.46
CA LEU A 163 -34.03 -1.11 3.08
C LEU A 163 -32.70 -0.38 3.08
N TYR A 164 -32.63 0.67 2.26
CA TYR A 164 -31.52 1.61 2.31
C TYR A 164 -31.62 2.37 3.62
N PRO A 165 -30.50 2.75 4.21
CA PRO A 165 -30.52 3.64 5.36
C PRO A 165 -31.35 4.92 5.17
N GLU A 166 -31.29 5.52 3.98
CA GLU A 166 -32.08 6.73 3.72
C GLU A 166 -33.53 6.46 4.02
N SER A 167 -33.99 5.23 3.78
CA SER A 167 -35.38 4.83 4.06
C SER A 167 -35.62 4.32 5.48
N HIS A 168 -34.81 3.39 5.97
CA HIS A 168 -35.12 2.73 7.25
C HIS A 168 -34.88 3.59 8.49
N GLY A 169 -34.23 4.74 8.33
CA GLY A 169 -34.17 5.73 9.41
C GLY A 169 -32.86 5.83 10.16
N ILE A 170 -32.19 4.70 10.33
CA ILE A 170 -30.91 4.65 11.01
C ILE A 170 -29.79 4.89 10.00
N ILE A 171 -29.43 6.15 9.84
CA ILE A 171 -28.44 6.51 8.84
C ILE A 171 -27.01 6.52 9.39
N ASP A 172 -26.85 6.45 10.71
CA ASP A 172 -25.53 6.38 11.36
C ASP A 172 -25.69 6.10 12.85
N ASN A 173 -24.62 5.70 13.53
CA ASN A 173 -24.70 5.38 14.97
C ASN A 173 -24.88 6.66 15.77
N LYS A 174 -24.55 7.78 15.15
CA LYS A 174 -24.80 9.12 15.70
C LYS A 174 -25.56 9.91 14.66
N MET A 175 -26.66 10.52 15.03
CA MET A 175 -27.43 11.32 14.08
C MET A 175 -28.38 12.26 14.78
N TYR A 176 -28.80 13.29 14.07
CA TYR A 176 -29.72 14.28 14.61
C TYR A 176 -30.87 14.56 13.67
N ASP A 177 -32.07 14.59 14.25
CA ASP A 177 -33.31 14.82 13.50
C ASP A 177 -33.85 16.22 13.81
N PRO A 178 -34.06 17.05 12.79
CA PRO A 178 -34.59 18.41 13.01
C PRO A 178 -36.07 18.44 13.39
N LYS A 179 -36.85 17.48 12.91
CA LYS A 179 -38.29 17.44 13.19
C LYS A 179 -38.62 16.85 14.55
N MET A 180 -37.77 15.96 15.08
CA MET A 180 -37.89 15.49 16.45
C MET A 180 -37.14 16.41 17.40
N ASN A 181 -36.20 17.18 16.85
CA ASN A 181 -35.30 18.03 17.64
C ASN A 181 -34.55 17.25 18.72
N ALA A 182 -34.20 16.00 18.43
CA ALA A 182 -33.45 15.13 19.34
C ALA A 182 -32.33 14.43 18.60
N SER A 183 -31.33 13.97 19.34
CA SER A 183 -30.20 13.27 18.74
C SER A 183 -30.20 11.80 19.12
N PHE A 184 -29.68 10.98 18.22
CA PHE A 184 -29.65 9.55 18.42
C PHE A 184 -28.23 9.15 18.75
N SER A 185 -28.09 8.30 19.76
CA SER A 185 -26.79 7.83 20.21
C SER A 185 -26.93 6.45 20.85
N LEU A 186 -25.98 5.56 20.60
CA LEU A 186 -26.00 4.21 21.17
C LEU A 186 -25.83 4.30 22.69
N LYS A 187 -25.03 5.26 23.12
CA LYS A 187 -24.75 5.53 24.52
C LYS A 187 -25.92 6.25 25.21
N SER A 188 -26.86 6.77 24.43
CA SER A 188 -28.02 7.52 24.94
C SER A 188 -29.23 6.63 25.17
N LYS A 189 -30.19 7.16 25.93
CA LYS A 189 -31.50 6.53 26.10
C LYS A 189 -32.32 6.58 24.81
N GLU A 190 -32.03 7.56 23.95
CA GLU A 190 -32.71 7.70 22.66
C GLU A 190 -32.61 6.44 21.78
N LYS A 191 -31.53 5.69 21.97
CA LYS A 191 -31.38 4.34 21.38
C LYS A 191 -32.68 3.51 21.38
N PHE A 192 -33.45 3.61 22.46
CA PHE A 192 -34.65 2.79 22.64
C PHE A 192 -35.95 3.50 22.24
N ASN A 193 -35.82 4.67 21.61
CA ASN A 193 -36.99 5.39 21.11
C ASN A 193 -37.39 4.82 19.74
N PRO A 194 -38.63 4.28 19.64
CA PRO A 194 -39.06 3.67 18.37
C PRO A 194 -39.06 4.59 17.14
N LEU A 195 -39.29 5.89 17.33
CA LEU A 195 -39.39 6.84 16.22
C LEU A 195 -38.20 6.84 15.27
N TRP A 196 -37.03 6.41 15.74
CA TRP A 196 -35.84 6.31 14.90
C TRP A 196 -35.91 5.15 13.91
N TYR A 197 -36.41 4.01 14.37
CA TYR A 197 -36.37 2.77 13.60
C TYR A 197 -37.60 2.64 12.71
N LYS A 198 -37.48 3.08 11.45
CA LYS A 198 -38.55 2.98 10.47
C LYS A 198 -38.43 1.66 9.72
N GLY A 199 -39.34 1.41 8.77
CA GLY A 199 -39.35 0.15 8.03
C GLY A 199 -39.87 -1.01 8.85
N GLN A 200 -39.85 -2.21 8.29
CA GLN A 200 -40.23 -3.42 9.02
C GLN A 200 -39.09 -4.43 9.11
N PRO A 201 -38.51 -4.62 10.32
CA PRO A 201 -37.52 -5.68 10.52
C PRO A 201 -38.12 -7.06 10.31
N ILE A 202 -37.28 -8.04 10.00
CA ILE A 202 -37.78 -9.39 9.72
C ILE A 202 -38.51 -10.07 10.89
N TRP A 203 -38.06 -9.85 12.13
CA TRP A 203 -38.73 -10.47 13.29
C TRP A 203 -40.14 -9.92 13.50
N VAL A 204 -40.36 -8.66 13.10
CA VAL A 204 -41.68 -8.06 13.09
C VAL A 204 -42.49 -8.65 11.94
N THR A 205 -41.84 -8.86 10.80
CA THR A 205 -42.50 -9.54 9.68
C THR A 205 -42.95 -10.93 10.13
N ALA A 206 -42.06 -11.66 10.78
CA ALA A 206 -42.33 -13.01 11.31
C ALA A 206 -43.52 -13.00 12.29
N ASN A 207 -43.53 -12.01 13.17
CA ASN A 207 -44.60 -11.83 14.15
C ASN A 207 -45.96 -11.65 13.49
N HIS A 208 -46.04 -10.73 12.55
CA HIS A 208 -47.27 -10.49 11.76
C HIS A 208 -47.78 -11.73 11.04
N GLN A 209 -46.90 -12.68 10.74
CA GLN A 209 -47.26 -13.92 10.05
C GLN A 209 -47.01 -15.14 10.94
N GLU A 210 -46.99 -14.91 12.25
CA GLU A 210 -47.08 -15.97 13.25
C GLU A 210 -45.88 -16.91 13.27
N VAL A 211 -44.69 -16.32 13.16
CA VAL A 211 -43.44 -17.05 13.24
C VAL A 211 -42.60 -16.47 14.37
N LYS A 212 -42.16 -17.35 15.27
CA LYS A 212 -41.44 -16.94 16.47
C LYS A 212 -39.98 -16.60 16.17
N SER A 213 -39.42 -15.74 17.03
CA SER A 213 -38.09 -15.19 16.80
C SER A 213 -37.31 -15.05 18.11
N GLY A 214 -36.06 -15.50 18.10
CA GLY A 214 -35.14 -15.37 19.23
C GLY A 214 -33.88 -14.65 18.81
N THR A 215 -33.78 -13.37 19.17
CA THR A 215 -32.65 -12.54 18.80
C THR A 215 -31.72 -12.38 19.98
N TYR A 216 -30.48 -12.88 19.87
CA TYR A 216 -29.58 -12.73 21.00
C TYR A 216 -29.10 -11.31 21.13
N PHE A 217 -28.39 -10.82 20.14
CA PHE A 217 -28.21 -9.39 20.07
C PHE A 217 -28.50 -8.98 18.64
N TRP A 218 -29.07 -7.79 18.47
CA TRP A 218 -29.16 -7.17 17.15
C TRP A 218 -29.62 -5.73 17.30
N PRO A 219 -29.20 -4.85 16.39
CA PRO A 219 -29.72 -3.49 16.39
C PRO A 219 -31.20 -3.44 16.04
N GLY A 220 -32.00 -2.90 16.95
CA GLY A 220 -33.44 -2.81 16.77
C GLY A 220 -34.21 -3.79 17.63
N SER A 221 -33.66 -4.99 17.81
CA SER A 221 -34.37 -6.09 18.52
C SER A 221 -34.65 -5.86 20.01
N ASP A 222 -33.99 -4.88 20.64
CA ASP A 222 -34.39 -4.46 21.99
C ASP A 222 -35.23 -3.17 21.96
N VAL A 223 -36.12 -3.07 20.96
CA VAL A 223 -36.94 -1.89 20.75
C VAL A 223 -38.32 -2.30 20.25
N GLU A 224 -39.35 -1.58 20.72
CA GLU A 224 -40.73 -1.77 20.27
C GLU A 224 -40.95 -1.05 18.95
N ILE A 225 -40.72 -1.75 17.84
CA ILE A 225 -40.78 -1.09 16.54
C ILE A 225 -42.23 -0.83 16.14
N ASP A 226 -43.02 -1.89 15.93
CA ASP A 226 -44.44 -1.69 15.69
C ASP A 226 -45.20 -2.05 16.96
N GLY A 227 -44.65 -1.66 18.10
CA GLY A 227 -45.09 -2.16 19.40
C GLY A 227 -44.79 -3.65 19.57
N ILE A 228 -43.84 -4.18 18.79
CA ILE A 228 -43.53 -5.61 18.76
C ILE A 228 -42.05 -5.86 19.02
N LEU A 229 -41.78 -6.75 19.98
CA LEU A 229 -40.44 -7.25 20.22
C LEU A 229 -40.35 -8.68 19.73
N PRO A 230 -39.12 -9.18 19.58
CA PRO A 230 -38.99 -10.59 19.25
C PRO A 230 -39.44 -11.42 20.44
N ASP A 231 -39.90 -12.63 20.16
CA ASP A 231 -40.46 -13.49 21.20
C ASP A 231 -39.46 -13.70 22.35
N ILE A 232 -38.21 -14.02 22.01
CA ILE A 232 -37.10 -13.99 22.96
C ILE A 232 -36.14 -12.89 22.48
N TYR A 233 -35.60 -12.11 23.41
CA TYR A 233 -34.66 -11.04 23.05
C TYR A 233 -33.80 -10.61 24.26
N LYS A 234 -32.62 -10.07 23.99
CA LYS A 234 -31.75 -9.54 25.06
C LYS A 234 -31.46 -8.06 24.83
N VAL A 235 -31.57 -7.26 25.89
CA VAL A 235 -31.18 -5.86 25.86
C VAL A 235 -29.68 -5.84 25.73
N TYR A 236 -29.16 -5.02 24.83
CA TYR A 236 -27.74 -5.03 24.52
C TYR A 236 -26.84 -4.81 25.74
N ASN A 237 -25.86 -5.69 25.88
CA ASN A 237 -24.81 -5.59 26.90
C ASN A 237 -23.59 -6.30 26.32
N GLY A 238 -22.64 -5.51 25.82
CA GLY A 238 -21.46 -6.03 25.14
C GLY A 238 -20.53 -6.81 26.05
N SER A 239 -20.69 -6.66 27.36
CA SER A 239 -19.88 -7.39 28.32
C SER A 239 -20.22 -8.88 28.42
N VAL A 240 -21.39 -9.28 27.93
CA VAL A 240 -21.81 -10.67 27.98
C VAL A 240 -20.86 -11.51 27.15
N PRO A 241 -20.09 -12.42 27.78
CA PRO A 241 -19.14 -13.26 27.05
C PRO A 241 -19.74 -13.97 25.85
N PHE A 242 -18.92 -14.16 24.81
CA PHE A 242 -19.41 -14.72 23.55
C PHE A 242 -19.99 -16.12 23.70
N GLU A 243 -19.50 -16.88 24.67
CA GLU A 243 -19.94 -18.27 24.86
C GLU A 243 -21.36 -18.36 25.41
N GLU A 244 -21.68 -17.46 26.34
CA GLU A 244 -23.03 -17.35 26.86
C GLU A 244 -24.01 -17.11 25.72
N ARG A 245 -23.63 -16.21 24.82
CA ARG A 245 -24.48 -15.85 23.69
C ARG A 245 -24.85 -17.07 22.87
N ILE A 246 -23.87 -17.94 22.62
CA ILE A 246 -24.08 -19.12 21.79
C ILE A 246 -24.84 -20.22 22.55
N LEU A 247 -24.44 -20.49 23.79
CA LEU A 247 -25.14 -21.47 24.61
C LEU A 247 -26.61 -21.12 24.73
N ALA A 248 -26.89 -19.83 24.88
CA ALA A 248 -28.25 -19.35 25.06
C ALA A 248 -29.13 -19.63 23.85
N VAL A 249 -28.57 -19.53 22.64
CA VAL A 249 -29.37 -19.84 21.44
C VAL A 249 -29.49 -21.35 21.26
N LEU A 250 -28.42 -22.08 21.60
CA LEU A 250 -28.48 -23.54 21.60
C LEU A 250 -29.55 -24.06 22.57
N GLU A 251 -29.75 -23.34 23.66
CA GLU A 251 -30.81 -23.70 24.61
C GLU A 251 -32.18 -23.34 24.07
N TRP A 252 -32.31 -22.19 23.42
CA TRP A 252 -33.60 -21.81 22.82
C TRP A 252 -34.04 -22.80 21.75
N LEU A 253 -33.08 -23.38 21.04
CA LEU A 253 -33.37 -24.41 20.04
C LEU A 253 -33.97 -25.66 20.66
N GLN A 254 -33.59 -25.95 21.90
CA GLN A 254 -34.12 -27.11 22.64
C GLN A 254 -35.48 -26.88 23.30
N LEU A 255 -36.01 -25.67 23.23
CA LEU A 255 -37.35 -25.36 23.77
C LEU A 255 -38.44 -26.13 23.03
N PRO A 256 -39.60 -26.32 23.68
CA PRO A 256 -40.75 -26.97 23.03
C PRO A 256 -41.30 -26.14 21.88
N SER A 257 -41.86 -26.81 20.87
CA SER A 257 -42.19 -26.18 19.59
C SER A 257 -43.09 -24.95 19.70
N HIS A 258 -44.02 -24.96 20.64
CA HIS A 258 -44.92 -23.82 20.90
C HIS A 258 -44.22 -22.65 21.59
N GLU A 259 -42.99 -22.87 22.08
CA GLU A 259 -42.15 -21.83 22.70
C GLU A 259 -40.92 -21.49 21.84
N ARG A 260 -40.70 -22.24 20.77
CA ARG A 260 -39.42 -22.28 20.08
C ARG A 260 -39.37 -21.32 18.87
N PRO A 261 -38.30 -20.50 18.75
CA PRO A 261 -38.17 -19.64 17.57
C PRO A 261 -37.87 -20.39 16.28
N HIS A 262 -38.34 -19.87 15.15
CA HIS A 262 -37.97 -20.36 13.82
C HIS A 262 -36.88 -19.48 13.21
N PHE A 263 -36.82 -18.23 13.67
CA PHE A 263 -35.75 -17.29 13.29
C PHE A 263 -34.88 -16.96 14.50
N TYR A 264 -33.57 -16.91 14.30
CA TYR A 264 -32.63 -16.53 15.34
C TYR A 264 -31.59 -15.55 14.83
N THR A 265 -31.16 -14.61 15.69
CA THR A 265 -29.98 -13.80 15.42
C THR A 265 -28.93 -14.05 16.49
N LEU A 266 -27.71 -13.69 16.17
CA LEU A 266 -26.61 -13.84 17.09
C LEU A 266 -25.55 -12.85 16.64
N TYR A 267 -24.96 -12.12 17.60
CA TYR A 267 -24.09 -11.00 17.26
C TYR A 267 -22.85 -10.94 18.15
N LEU A 268 -21.68 -10.85 17.53
CA LEU A 268 -20.41 -10.69 18.24
C LEU A 268 -19.70 -9.41 17.80
N GLU A 269 -19.02 -8.73 18.72
CA GLU A 269 -18.32 -7.48 18.39
C GLU A 269 -16.93 -7.66 17.78
N GLU A 270 -16.48 -8.89 17.61
CA GLU A 270 -15.21 -9.16 16.94
C GLU A 270 -15.48 -9.78 15.57
N PRO A 271 -14.56 -9.58 14.60
CA PRO A 271 -13.25 -8.92 14.72
C PRO A 271 -13.23 -7.39 14.70
N ASP A 272 -14.41 -6.74 14.71
CA ASP A 272 -14.48 -5.26 14.64
C ASP A 272 -13.64 -4.56 15.72
N SER A 273 -13.79 -4.98 16.98
CA SER A 273 -13.12 -4.30 18.09
C SER A 273 -11.60 -4.27 17.93
N SER A 274 -11.04 -5.44 17.61
CA SER A 274 -9.60 -5.56 17.43
C SER A 274 -9.17 -4.80 16.21
N GLY A 275 -10.07 -4.73 15.23
CA GLY A 275 -9.88 -3.89 14.02
C GLY A 275 -9.63 -2.43 14.32
N HIS A 276 -10.38 -1.84 15.24
CA HIS A 276 -10.14 -0.45 15.60
C HIS A 276 -8.90 -0.30 16.43
N SER A 277 -8.84 -1.04 17.53
CA SER A 277 -7.80 -0.86 18.52
C SER A 277 -6.43 -1.08 17.92
N HIS A 278 -6.28 -2.12 17.10
CA HIS A 278 -4.96 -2.50 16.59
C HIS A 278 -4.80 -2.51 15.08
N GLY A 279 -5.90 -2.31 14.35
CA GLY A 279 -5.85 -2.21 12.89
C GLY A 279 -6.08 -3.56 12.26
N PRO A 280 -6.52 -3.60 10.99
CA PRO A 280 -6.86 -4.87 10.30
C PRO A 280 -5.75 -5.79 9.86
N VAL A 281 -4.51 -5.37 10.01
CA VAL A 281 -3.39 -6.26 9.76
C VAL A 281 -2.57 -6.23 11.02
N SER A 282 -3.11 -6.82 12.08
CA SER A 282 -2.42 -6.89 13.35
C SER A 282 -2.51 -8.30 13.93
N SER A 283 -1.63 -8.61 14.87
CA SER A 283 -1.69 -9.87 15.60
C SER A 283 -3.04 -10.02 16.28
N GLU A 284 -3.48 -8.93 16.88
CA GLU A 284 -4.73 -8.90 17.63
C GLU A 284 -5.93 -9.27 16.77
N VAL A 285 -5.91 -8.89 15.51
CA VAL A 285 -7.01 -9.26 14.63
C VAL A 285 -6.96 -10.76 14.27
N ILE A 286 -5.76 -11.27 13.97
CA ILE A 286 -5.57 -12.72 13.75
C ILE A 286 -6.08 -13.53 14.94
N LYS A 287 -5.84 -13.02 16.14
CA LYS A 287 -6.34 -13.67 17.34
C LYS A 287 -7.86 -13.61 17.42
N ALA A 288 -8.41 -12.41 17.25
CA ALA A 288 -9.85 -12.21 17.22
C ALA A 288 -10.51 -13.09 16.17
N LEU A 289 -9.86 -13.22 15.02
CA LEU A 289 -10.40 -14.02 13.93
C LEU A 289 -10.49 -15.47 14.34
N GLN A 290 -9.39 -16.01 14.88
CA GLN A 290 -9.34 -17.39 15.38
C GLN A 290 -10.31 -17.64 16.54
N LYS A 291 -10.36 -16.70 17.47
CA LYS A 291 -11.35 -16.74 18.55
C LYS A 291 -12.76 -16.97 17.99
N VAL A 292 -13.15 -16.12 17.06
CA VAL A 292 -14.47 -16.17 16.44
C VAL A 292 -14.69 -17.44 15.59
N ASP A 293 -13.63 -17.95 14.98
CA ASP A 293 -13.71 -19.22 14.24
C ASP A 293 -14.05 -20.39 15.16
N ARG A 294 -13.51 -20.35 16.38
CA ARG A 294 -13.74 -21.42 17.35
C ARG A 294 -15.15 -21.35 17.92
N LEU A 295 -15.69 -20.14 18.02
CA LEU A 295 -17.06 -19.95 18.53
C LEU A 295 -18.08 -20.35 17.47
N VAL A 296 -17.76 -20.16 16.21
CA VAL A 296 -18.61 -20.67 15.13
C VAL A 296 -18.53 -22.19 15.17
N GLY A 297 -17.36 -22.72 15.54
CA GLY A 297 -17.18 -24.15 15.74
C GLY A 297 -17.94 -24.68 16.94
N MET A 298 -17.90 -23.94 18.04
CA MET A 298 -18.67 -24.27 19.23
C MET A 298 -20.13 -24.46 18.87
N LEU A 299 -20.67 -23.51 18.12
CA LEU A 299 -22.06 -23.59 17.73
C LEU A 299 -22.31 -24.83 16.86
N MET A 300 -21.44 -25.08 15.88
CA MET A 300 -21.64 -26.20 14.97
C MET A 300 -21.64 -27.56 15.67
N ASP A 301 -20.73 -27.74 16.63
CA ASP A 301 -20.69 -28.92 17.50
C ASP A 301 -21.96 -28.98 18.33
N GLY A 302 -22.36 -27.82 18.85
CA GLY A 302 -23.62 -27.67 19.56
C GLY A 302 -24.79 -28.20 18.76
N LEU A 303 -24.89 -27.77 17.50
CA LEU A 303 -25.98 -28.24 16.63
C LEU A 303 -25.83 -29.72 16.27
N LYS A 304 -24.59 -30.18 16.14
CA LYS A 304 -24.28 -31.58 15.88
C LYS A 304 -24.70 -32.48 17.05
N ASP A 305 -24.55 -31.97 18.26
CA ASP A 305 -24.97 -32.69 19.48
C ASP A 305 -26.49 -32.78 19.63
N LEU A 306 -27.21 -31.84 19.01
CA LEU A 306 -28.67 -31.85 19.05
C LEU A 306 -29.26 -32.42 17.77
N GLY A 307 -28.41 -32.92 16.88
CA GLY A 307 -28.87 -33.47 15.59
C GLY A 307 -29.52 -32.44 14.70
N LEU A 308 -29.04 -31.20 14.78
CA LEU A 308 -29.59 -30.09 14.03
C LEU A 308 -28.66 -29.58 12.93
N ASP A 309 -27.43 -30.09 12.89
CA ASP A 309 -26.41 -29.59 11.95
C ASP A 309 -26.67 -29.96 10.48
N LYS A 310 -27.74 -30.71 10.21
CA LYS A 310 -28.26 -30.88 8.85
C LYS A 310 -29.72 -30.42 8.79
N CYS A 311 -30.08 -29.52 9.70
CA CYS A 311 -31.46 -29.05 9.85
C CYS A 311 -31.49 -27.60 10.32
N LEU A 312 -30.57 -26.79 9.80
CA LEU A 312 -30.50 -25.39 10.17
C LEU A 312 -29.94 -24.61 8.99
N ASN A 313 -30.54 -23.46 8.71
CA ASN A 313 -30.07 -22.57 7.67
C ASN A 313 -29.30 -21.43 8.33
N LEU A 314 -27.97 -21.50 8.23
CA LEU A 314 -27.09 -20.48 8.80
C LEU A 314 -26.68 -19.44 7.76
N ILE A 315 -26.92 -18.17 8.07
CA ILE A 315 -26.28 -17.05 7.36
C ILE A 315 -25.21 -16.52 8.31
N LEU A 316 -23.94 -16.72 7.95
CA LEU A 316 -22.84 -16.11 8.67
C LEU A 316 -22.49 -14.86 7.88
N ILE A 317 -22.50 -13.71 8.55
CA ILE A 317 -22.54 -12.43 7.85
C ILE A 317 -21.78 -11.35 8.62
N SER A 318 -21.46 -10.27 7.93
CA SER A 318 -20.80 -9.14 8.52
C SER A 318 -21.49 -7.81 8.10
N ASP A 319 -21.35 -6.77 8.92
CA ASP A 319 -22.00 -5.50 8.64
C ASP A 319 -21.24 -4.64 7.65
N HIS A 320 -19.92 -4.66 7.76
CA HIS A 320 -19.01 -3.87 6.95
C HIS A 320 -17.59 -4.41 7.13
N GLY A 321 -16.61 -3.84 6.43
CA GLY A 321 -15.22 -4.24 6.57
C GLY A 321 -14.42 -3.37 7.52
N MET A 322 -13.14 -3.20 7.24
CA MET A 322 -12.26 -2.41 8.08
C MET A 322 -11.12 -1.85 7.26
N GLU A 323 -10.55 -0.76 7.73
CA GLU A 323 -9.50 -0.05 7.01
C GLU A 323 -8.55 0.57 8.01
N GLN A 324 -7.30 0.76 7.60
CA GLN A 324 -6.29 1.36 8.46
C GLN A 324 -6.31 2.88 8.36
N GLY A 325 -6.43 3.54 9.50
CA GLY A 325 -6.40 4.99 9.55
C GLY A 325 -4.98 5.47 9.64
N SER A 326 -4.78 6.78 9.63
CA SER A 326 -3.45 7.36 9.67
C SER A 326 -3.55 8.84 9.95
N CYS A 327 -2.75 9.33 10.90
CA CYS A 327 -2.78 10.75 11.23
C CYS A 327 -2.31 11.61 10.06
N LYS A 328 -1.63 10.98 9.10
CA LYS A 328 -1.23 11.63 7.86
C LYS A 328 -2.33 11.69 6.81
N LYS A 329 -3.46 11.04 7.07
CA LYS A 329 -4.59 11.05 6.14
C LYS A 329 -5.86 11.47 6.85
N TYR A 330 -5.77 12.59 7.55
CA TYR A 330 -6.92 13.16 8.24
C TYR A 330 -7.08 14.62 7.86
N VAL A 331 -8.22 14.94 7.24
CA VAL A 331 -8.60 16.31 6.89
C VAL A 331 -9.31 17.00 8.07
N TYR A 332 -8.85 18.20 8.41
CA TYR A 332 -9.50 19.02 9.43
C TYR A 332 -10.00 20.32 8.81
N LEU A 333 -11.29 20.59 8.96
CA LEU A 333 -11.92 21.76 8.34
C LEU A 333 -11.48 23.08 8.94
N ASN A 334 -11.06 23.08 10.20
CA ASN A 334 -10.62 24.32 10.86
C ASN A 334 -9.50 25.01 10.08
N LYS A 335 -8.80 24.25 9.26
CA LYS A 335 -7.78 24.79 8.35
C LYS A 335 -8.35 25.77 7.33
N TYR A 336 -9.53 25.47 6.80
CA TYR A 336 -10.17 26.33 5.79
C TYR A 336 -11.21 27.27 6.39
N LEU A 337 -11.69 26.96 7.60
CA LEU A 337 -12.76 27.71 8.24
C LEU A 337 -12.32 28.54 9.43
N GLY A 338 -11.20 28.14 10.05
CA GLY A 338 -10.82 28.66 11.35
C GLY A 338 -11.59 27.92 12.43
N ASP A 339 -11.29 28.23 13.69
CA ASP A 339 -12.02 27.65 14.82
C ASP A 339 -13.39 28.32 14.95
N VAL A 340 -14.42 27.64 14.44
CA VAL A 340 -15.79 28.15 14.42
C VAL A 340 -16.74 27.37 15.34
N ASN A 341 -17.72 28.09 15.87
CA ASN A 341 -18.68 27.59 16.85
C ASN A 341 -20.07 27.35 16.25
N ASN A 342 -20.26 27.74 15.00
CA ASN A 342 -21.57 27.69 14.36
C ASN A 342 -21.85 26.41 13.57
N VAL A 343 -20.97 25.42 13.63
CA VAL A 343 -21.16 24.15 12.89
C VAL A 343 -20.78 22.90 13.68
N LYS A 344 -21.56 21.84 13.47
CA LYS A 344 -21.25 20.50 13.99
C LYS A 344 -20.90 19.60 12.83
N VAL A 345 -19.84 18.81 13.00
CA VAL A 345 -19.43 17.85 12.00
C VAL A 345 -19.47 16.45 12.58
N VAL A 346 -20.10 15.53 11.88
CA VAL A 346 -19.97 14.12 12.21
C VAL A 346 -18.64 13.68 11.63
N TYR A 347 -17.64 13.40 12.46
CA TYR A 347 -16.29 13.05 11.97
C TYR A 347 -16.28 11.66 11.36
N GLY A 348 -15.27 11.38 10.54
CA GLY A 348 -15.12 10.06 9.91
C GLY A 348 -14.85 10.14 8.42
N PRO A 349 -14.88 8.97 7.74
CA PRO A 349 -14.75 8.93 6.29
C PRO A 349 -16.01 9.36 5.55
N ALA A 350 -17.15 9.33 6.23
CA ALA A 350 -18.42 9.73 5.64
C ALA A 350 -18.94 10.90 6.45
N ALA A 351 -18.07 11.87 6.67
CA ALA A 351 -18.41 13.02 7.47
C ALA A 351 -19.56 13.85 6.87
N ARG A 352 -20.36 14.43 7.76
CA ARG A 352 -21.50 15.26 7.39
C ARG A 352 -21.42 16.52 8.24
N LEU A 353 -22.04 17.60 7.76
CA LEU A 353 -21.98 18.89 8.43
C LEU A 353 -23.35 19.55 8.51
N ARG A 354 -23.63 20.17 9.65
CA ARG A 354 -24.80 21.04 9.80
C ARG A 354 -24.46 22.18 10.74
N PRO A 355 -25.20 23.29 10.66
CA PRO A 355 -24.98 24.41 11.56
C PRO A 355 -25.56 24.15 12.95
N THR A 356 -25.01 24.87 13.94
CA THR A 356 -25.30 24.63 15.35
C THR A 356 -26.76 24.89 15.75
N ASP A 357 -27.33 26.02 15.31
CA ASP A 357 -28.70 26.38 15.74
C ASP A 357 -29.72 25.29 15.38
N VAL A 358 -30.57 24.97 16.35
CA VAL A 358 -31.36 23.75 16.37
C VAL A 358 -32.85 24.08 16.55
N PRO A 359 -33.67 23.98 15.47
CA PRO A 359 -33.34 23.84 14.04
C PRO A 359 -33.67 25.10 13.21
N GLU A 360 -33.57 26.29 13.82
CA GLU A 360 -33.96 27.54 13.15
C GLU A 360 -33.03 27.95 12.00
N THR A 361 -31.72 27.83 12.21
CA THR A 361 -30.73 28.18 11.19
C THR A 361 -30.63 27.10 10.10
N TYR A 362 -31.03 25.88 10.46
CA TYR A 362 -30.67 24.64 9.73
C TYR A 362 -30.96 24.59 8.22
N TYR A 363 -32.14 25.02 7.79
CA TYR A 363 -32.51 24.93 6.37
C TYR A 363 -31.95 26.08 5.52
N SER A 364 -31.92 27.30 6.06
CA SER A 364 -31.55 28.50 5.30
C SER A 364 -30.11 28.98 5.57
N PHE A 365 -29.19 28.03 5.73
CA PHE A 365 -27.83 28.31 6.19
C PHE A 365 -26.89 28.66 5.04
N ASN A 366 -27.31 28.38 3.82
CA ASN A 366 -26.45 28.51 2.63
C ASN A 366 -25.27 27.57 2.71
N TYR A 367 -25.57 26.29 2.53
CA TYR A 367 -24.56 25.25 2.45
C TYR A 367 -23.80 25.33 1.12
N GLU A 368 -24.47 25.79 0.05
CA GLU A 368 -23.83 26.00 -1.25
C GLU A 368 -22.54 26.76 -1.12
N ALA A 369 -22.61 27.92 -0.46
CA ALA A 369 -21.46 28.80 -0.29
C ALA A 369 -20.31 28.06 0.39
N LEU A 370 -20.63 27.39 1.49
CA LEU A 370 -19.66 26.63 2.25
C LEU A 370 -19.05 25.52 1.40
N ALA A 371 -19.90 24.73 0.77
CA ALA A 371 -19.45 23.62 -0.08
C ALA A 371 -18.49 24.12 -1.18
N LYS A 372 -18.80 25.26 -1.76
CA LYS A 372 -17.94 25.84 -2.78
C LYS A 372 -16.62 26.31 -2.19
N ASN A 373 -16.67 26.91 -1.00
CA ASN A 373 -15.48 27.34 -0.29
C ASN A 373 -14.50 26.18 -0.13
N LEU A 374 -15.03 25.02 0.23
CA LEU A 374 -14.22 23.85 0.53
C LEU A 374 -13.82 23.04 -0.69
N SER A 375 -14.42 23.33 -1.83
CA SER A 375 -14.13 22.62 -3.08
C SER A 375 -12.78 23.05 -3.66
N CYS A 376 -12.03 22.08 -4.15
CA CYS A 376 -10.79 22.30 -4.91
C CYS A 376 -9.77 23.24 -4.26
N ARG A 377 -9.63 23.16 -2.96
CA ARG A 377 -8.67 23.98 -2.26
C ARG A 377 -7.21 23.53 -2.41
N GLU A 378 -7.01 22.25 -2.73
CA GLU A 378 -5.66 21.70 -2.74
C GLU A 378 -5.48 20.70 -3.87
N PRO A 379 -4.23 20.54 -4.35
CA PRO A 379 -3.90 19.85 -5.59
C PRO A 379 -4.45 18.43 -5.75
N ASN A 380 -4.38 17.59 -4.73
CA ASN A 380 -4.98 16.26 -4.84
C ASN A 380 -5.84 16.02 -3.64
N GLN A 381 -6.84 16.88 -3.52
CA GLN A 381 -7.71 16.90 -2.35
C GLN A 381 -8.35 15.52 -2.14
N HIS A 382 -8.28 15.02 -0.91
CA HIS A 382 -8.78 13.69 -0.63
C HIS A 382 -10.17 13.70 0.01
N PHE A 383 -10.77 14.89 0.02
CA PHE A 383 -12.14 15.04 0.44
C PHE A 383 -12.83 15.94 -0.55
N ARG A 384 -14.12 15.74 -0.70
CA ARG A 384 -14.89 16.48 -1.67
C ARG A 384 -16.26 16.76 -1.08
N PRO A 385 -16.59 18.05 -0.91
CA PRO A 385 -17.88 18.39 -0.34
C PRO A 385 -18.98 18.16 -1.36
N TYR A 386 -20.11 17.63 -0.87
CA TYR A 386 -21.24 17.30 -1.69
C TYR A 386 -22.50 17.77 -0.99
N LEU A 387 -23.32 18.56 -1.66
CA LEU A 387 -24.68 18.73 -1.23
C LEU A 387 -25.31 17.39 -1.53
N LYS A 388 -26.07 16.87 -0.57
CA LYS A 388 -26.45 15.45 -0.58
C LYS A 388 -27.22 14.94 -1.81
N PRO A 389 -27.93 15.82 -2.53
CA PRO A 389 -28.50 15.33 -3.79
C PRO A 389 -27.49 15.18 -4.92
N PHE A 390 -26.26 15.67 -4.75
CA PHE A 390 -25.23 15.52 -5.77
C PHE A 390 -24.22 14.39 -5.47
N LEU A 391 -24.36 13.72 -4.33
CA LEU A 391 -23.66 12.48 -4.14
C LEU A 391 -24.07 11.53 -5.25
N PRO A 392 -23.23 10.53 -5.54
CA PRO A 392 -23.57 9.49 -6.50
C PRO A 392 -24.86 8.76 -6.14
N LYS A 393 -25.68 8.49 -7.14
CA LYS A 393 -27.00 7.92 -6.89
C LYS A 393 -26.92 6.51 -6.39
N ARG A 394 -25.84 5.82 -6.72
CA ARG A 394 -25.63 4.44 -6.27
C ARG A 394 -25.58 4.33 -4.75
N LEU A 395 -25.12 5.38 -4.07
CA LEU A 395 -25.03 5.39 -2.62
C LEU A 395 -26.38 5.46 -1.92
N HIS A 396 -27.40 5.94 -2.63
CA HIS A 396 -28.76 6.06 -2.10
C HIS A 396 -28.76 6.73 -0.73
N PHE A 397 -28.12 7.89 -0.66
CA PHE A 397 -27.89 8.55 0.62
C PHE A 397 -28.33 10.02 0.60
N ALA A 398 -29.57 10.29 0.20
CA ALA A 398 -30.06 11.69 0.28
C ALA A 398 -31.41 11.86 0.95
N LYS A 399 -32.33 10.92 0.75
CA LYS A 399 -33.77 11.13 1.07
C LYS A 399 -34.08 10.91 2.55
N SER A 400 -33.63 11.81 3.40
CA SER A 400 -33.93 11.73 4.82
C SER A 400 -33.54 13.04 5.48
N ASP A 401 -34.38 13.51 6.39
CA ASP A 401 -34.07 14.72 7.14
C ASP A 401 -32.90 14.43 8.06
N ARG A 402 -32.79 13.20 8.50
CA ARG A 402 -31.70 12.74 9.36
C ARG A 402 -30.31 12.96 8.70
N ILE A 403 -30.25 12.88 7.39
CA ILE A 403 -29.01 13.15 6.63
C ILE A 403 -28.81 14.65 6.45
N GLU A 404 -27.65 15.14 6.85
CA GLU A 404 -27.40 16.59 6.79
C GLU A 404 -27.26 17.04 5.35
N PRO A 405 -27.57 18.31 5.06
CA PRO A 405 -27.51 18.83 3.70
C PRO A 405 -26.12 18.72 3.07
N LEU A 406 -25.08 18.93 3.87
CA LEU A 406 -23.71 18.88 3.38
C LEU A 406 -22.98 17.62 3.84
N THR A 407 -22.62 16.75 2.89
CA THR A 407 -21.86 15.54 3.17
C THR A 407 -20.49 15.64 2.51
N PHE A 408 -19.60 14.74 2.90
CA PHE A 408 -18.26 14.70 2.35
C PHE A 408 -17.93 13.31 1.88
N TYR A 409 -17.32 13.23 0.71
CA TYR A 409 -16.86 11.98 0.14
C TYR A 409 -15.35 11.92 0.31
N LEU A 410 -14.85 10.91 1.04
CA LEU A 410 -13.39 10.76 1.19
C LEU A 410 -12.77 9.66 0.36
N ASP A 411 -11.56 9.93 -0.10
CA ASP A 411 -10.77 8.94 -0.78
C ASP A 411 -10.48 7.77 0.16
N PRO A 412 -10.17 6.59 -0.39
CA PRO A 412 -9.82 5.47 0.46
C PRO A 412 -8.75 5.81 1.48
N GLN A 413 -8.93 5.31 2.69
CA GLN A 413 -8.03 5.52 3.84
C GLN A 413 -8.11 6.87 4.54
N TRP A 414 -8.82 7.82 3.93
CA TRP A 414 -8.89 9.18 4.47
C TRP A 414 -10.12 9.39 5.36
N GLN A 415 -9.99 10.34 6.29
CA GLN A 415 -11.06 10.72 7.20
C GLN A 415 -11.07 12.23 7.43
N LEU A 416 -12.24 12.76 7.79
CA LEU A 416 -12.40 14.19 8.02
C LEU A 416 -12.97 14.46 9.41
N ALA A 417 -12.52 15.53 10.04
CA ALA A 417 -13.11 16.03 11.28
C ALA A 417 -13.11 17.55 11.23
N LEU A 418 -13.72 18.20 12.22
CA LEU A 418 -13.69 19.66 12.26
C LEU A 418 -12.30 20.12 12.68
N ASN A 419 -11.68 19.37 13.59
CA ASN A 419 -10.34 19.68 14.08
C ASN A 419 -9.76 18.43 14.74
N PRO A 420 -8.47 18.47 15.14
CA PRO A 420 -7.86 17.30 15.76
C PRO A 420 -8.51 16.80 17.05
N SER A 421 -9.24 17.68 17.75
CA SER A 421 -9.90 17.31 19.01
C SER A 421 -11.18 16.51 18.82
N GLU A 422 -11.93 16.77 17.74
CA GLU A 422 -13.20 16.08 17.50
C GLU A 422 -12.99 14.59 17.24
N ARG A 423 -12.10 14.29 16.30
CA ARG A 423 -11.86 12.90 15.88
C ARG A 423 -11.44 11.96 17.03
N LYS A 424 -11.68 10.67 16.79
CA LYS A 424 -11.09 9.59 17.58
C LYS A 424 -9.57 9.63 17.31
N TYR A 425 -8.79 8.80 18.00
CA TYR A 425 -7.37 8.70 17.69
C TYR A 425 -7.19 8.28 16.24
N CYS A 426 -6.34 9.00 15.51
CA CYS A 426 -6.25 8.86 14.03
C CYS A 426 -5.47 7.64 13.55
N GLY A 427 -4.69 7.05 14.44
CA GLY A 427 -3.95 5.83 14.11
C GLY A 427 -4.80 4.57 14.09
N SER A 428 -6.03 4.65 14.57
CA SER A 428 -6.90 3.47 14.68
C SER A 428 -7.32 2.89 13.35
N GLY A 429 -7.97 1.74 13.38
CA GLY A 429 -8.69 1.25 12.23
C GLY A 429 -10.02 1.99 12.20
N PHE A 430 -10.63 2.11 11.01
CA PHE A 430 -11.97 2.72 10.86
C PHE A 430 -12.78 2.08 9.74
N HIS A 431 -14.02 2.52 9.62
CA HIS A 431 -14.85 2.18 8.48
C HIS A 431 -15.94 3.25 8.31
N GLY A 432 -16.74 3.12 7.26
CA GLY A 432 -17.77 4.12 6.94
C GLY A 432 -17.65 4.64 5.52
N SER A 433 -16.50 4.39 4.91
CA SER A 433 -16.20 4.84 3.56
C SER A 433 -17.13 4.29 2.50
N ASP A 434 -16.98 4.83 1.29
CA ASP A 434 -17.68 4.37 0.09
C ASP A 434 -17.87 2.84 0.12
N ASN A 435 -19.11 2.40 0.10
CA ASN A 435 -19.40 0.96 0.14
C ASN A 435 -18.92 0.13 -1.07
N LEU A 436 -18.23 0.75 -2.02
CA LEU A 436 -17.64 0.00 -3.12
C LEU A 436 -16.12 -0.10 -2.99
N PHE A 437 -15.55 0.48 -1.95
CA PHE A 437 -14.15 0.24 -1.67
C PHE A 437 -13.98 -1.20 -1.22
N SER A 438 -12.90 -1.85 -1.68
CA SER A 438 -12.71 -3.28 -1.46
C SER A 438 -12.61 -3.67 0.02
N ASN A 439 -11.92 -2.87 0.83
CA ASN A 439 -11.78 -3.19 2.24
C ASN A 439 -13.02 -2.96 3.10
N MET A 440 -14.05 -2.33 2.54
CA MET A 440 -15.35 -2.19 3.22
C MET A 440 -16.28 -3.34 2.89
N GLN A 441 -15.92 -4.13 1.88
CA GLN A 441 -16.72 -5.31 1.53
C GLN A 441 -16.85 -6.25 2.72
N ALA A 442 -17.91 -7.06 2.71
CA ALA A 442 -18.33 -7.83 3.86
C ALA A 442 -18.42 -9.35 3.62
N LEU A 443 -18.56 -10.08 4.72
CA LEU A 443 -18.62 -11.53 4.71
C LEU A 443 -20.05 -12.03 4.58
N PHE A 444 -20.24 -13.04 3.72
CA PHE A 444 -21.49 -13.77 3.65
C PHE A 444 -21.20 -15.22 3.31
N ILE A 445 -21.63 -16.13 4.18
CA ILE A 445 -21.67 -17.54 3.88
C ILE A 445 -23.02 -18.08 4.26
N GLY A 446 -23.66 -18.76 3.31
CA GLY A 446 -24.93 -19.43 3.57
C GLY A 446 -24.66 -20.91 3.59
N TYR A 447 -24.97 -21.56 4.70
CA TYR A 447 -24.82 -23.02 4.83
C TYR A 447 -26.10 -23.61 5.39
N GLY A 448 -26.52 -24.73 4.84
CA GLY A 448 -27.73 -25.39 5.30
C GLY A 448 -28.41 -26.22 4.23
N PRO A 449 -29.53 -26.85 4.57
CA PRO A 449 -30.25 -27.68 3.63
C PRO A 449 -30.97 -26.91 2.52
N ALA A 450 -30.85 -25.58 2.51
CA ALA A 450 -31.48 -24.73 1.50
C ALA A 450 -30.44 -24.21 0.52
N PHE A 451 -29.25 -23.89 1.05
CA PHE A 451 -28.17 -23.33 0.27
C PHE A 451 -27.35 -24.41 -0.44
N LYS A 452 -27.01 -24.15 -1.70
CA LYS A 452 -26.12 -25.02 -2.46
C LYS A 452 -24.83 -25.29 -1.70
N HIS A 453 -24.25 -26.46 -1.92
CA HIS A 453 -22.96 -26.78 -1.29
C HIS A 453 -21.83 -26.47 -2.23
N GLY A 454 -20.86 -25.71 -1.75
CA GLY A 454 -19.67 -25.38 -2.48
C GLY A 454 -19.94 -24.58 -3.73
N ALA A 455 -20.85 -23.62 -3.62
CA ALA A 455 -21.17 -22.71 -4.72
C ALA A 455 -20.62 -21.35 -4.36
N GLU A 456 -19.84 -20.78 -5.25
CA GLU A 456 -19.37 -19.41 -5.09
C GLU A 456 -20.13 -18.52 -6.05
N VAL A 457 -20.57 -17.37 -5.57
CA VAL A 457 -21.38 -16.46 -6.38
C VAL A 457 -20.81 -15.04 -6.37
N ASP A 458 -21.22 -14.24 -7.34
CA ASP A 458 -20.74 -12.87 -7.47
C ASP A 458 -21.37 -12.03 -6.38
N SER A 459 -20.71 -10.91 -6.08
CA SER A 459 -21.13 -10.02 -5.02
C SER A 459 -22.55 -9.54 -5.20
N PHE A 460 -23.29 -9.52 -4.08
CA PHE A 460 -24.61 -8.93 -4.02
C PHE A 460 -24.65 -8.01 -2.81
N GLU A 461 -25.63 -7.11 -2.78
CA GLU A 461 -25.75 -6.12 -1.71
C GLU A 461 -26.48 -6.75 -0.54
N ASN A 462 -26.19 -6.34 0.69
CA ASN A 462 -26.78 -6.96 1.85
C ASN A 462 -28.30 -6.74 1.96
N ILE A 463 -28.82 -5.70 1.31
CA ILE A 463 -30.29 -5.48 1.32
C ILE A 463 -31.05 -6.60 0.62
N GLU A 464 -30.34 -7.38 -0.19
CA GLU A 464 -30.96 -8.51 -0.85
C GLU A 464 -31.28 -9.63 0.14
N VAL A 465 -30.69 -9.58 1.33
CA VAL A 465 -30.81 -10.70 2.28
C VAL A 465 -32.20 -10.73 2.95
N TYR A 466 -32.83 -9.57 3.15
CA TYR A 466 -34.19 -9.54 3.75
C TYR A 466 -35.11 -10.53 3.05
N ASN A 467 -35.17 -10.44 1.71
CA ASN A 467 -36.01 -11.33 0.93
C ASN A 467 -35.58 -12.80 1.05
N LEU A 468 -34.28 -13.05 1.09
CA LEU A 468 -33.77 -14.41 1.19
C LEU A 468 -34.24 -15.10 2.47
N MET A 469 -34.18 -14.36 3.58
CA MET A 469 -34.57 -14.89 4.88
C MET A 469 -36.08 -15.06 4.96
N CYS A 470 -36.82 -14.20 4.25
CA CYS A 470 -38.27 -14.37 4.12
C CYS A 470 -38.58 -15.68 3.39
N ASP A 471 -37.90 -15.91 2.28
CA ASP A 471 -38.04 -17.15 1.52
C ASP A 471 -37.63 -18.37 2.36
N LEU A 472 -36.64 -18.22 3.22
CA LEU A 472 -36.18 -19.32 4.08
C LEU A 472 -37.14 -19.58 5.24
N LEU A 473 -37.68 -18.53 5.83
CA LEU A 473 -38.64 -18.66 6.93
C LEU A 473 -40.05 -18.90 6.43
N GLY A 474 -40.30 -18.64 5.15
CA GLY A 474 -41.61 -18.81 4.54
C GLY A 474 -42.53 -17.64 4.80
N LEU A 475 -41.99 -16.44 4.65
CA LEU A 475 -42.71 -15.21 4.95
C LEU A 475 -42.88 -14.38 3.67
N ILE A 476 -44.02 -13.70 3.56
CA ILE A 476 -44.26 -12.72 2.50
C ILE A 476 -43.52 -11.45 2.91
N PRO A 477 -42.55 -11.00 2.10
CA PRO A 477 -41.70 -9.88 2.50
C PRO A 477 -42.39 -8.54 2.38
N ALA A 478 -42.11 -7.67 3.36
CA ALA A 478 -42.55 -6.29 3.32
C ALA A 478 -41.86 -5.58 2.16
N PRO A 479 -42.46 -4.49 1.66
CA PRO A 479 -41.80 -3.80 0.54
C PRO A 479 -40.40 -3.30 0.95
N ASN A 480 -39.38 -3.75 0.23
CA ASN A 480 -37.99 -3.38 0.50
C ASN A 480 -37.31 -2.96 -0.79
N ASN A 481 -36.01 -2.68 -0.75
CA ASN A 481 -35.22 -2.29 -1.93
C ASN A 481 -34.44 -3.45 -2.54
N GLY A 482 -34.73 -4.65 -2.09
CA GLY A 482 -34.12 -5.83 -2.66
C GLY A 482 -34.96 -6.34 -3.81
N SER A 483 -34.29 -6.78 -4.88
CA SER A 483 -34.97 -7.42 -6.01
C SER A 483 -35.27 -8.88 -5.71
N HIS A 484 -36.51 -9.15 -5.32
CA HIS A 484 -36.94 -10.50 -4.95
C HIS A 484 -36.66 -11.52 -6.07
N GLY A 485 -35.86 -12.55 -5.75
CA GLY A 485 -35.51 -13.59 -6.70
C GLY A 485 -34.10 -13.47 -7.28
N SER A 486 -33.44 -12.35 -7.03
CA SER A 486 -32.09 -12.12 -7.54
C SER A 486 -31.02 -13.04 -6.90
N LEU A 487 -31.34 -13.61 -5.73
CA LEU A 487 -30.44 -14.58 -5.08
C LEU A 487 -30.87 -16.05 -5.25
N ASN A 488 -31.87 -16.33 -6.10
CA ASN A 488 -32.31 -17.73 -6.34
C ASN A 488 -31.17 -18.71 -6.64
N HIS A 489 -30.15 -18.20 -7.33
CA HIS A 489 -28.95 -19.00 -7.63
C HIS A 489 -28.13 -19.44 -6.41
N LEU A 490 -28.38 -18.86 -5.24
CA LEU A 490 -27.80 -19.33 -3.97
C LEU A 490 -28.54 -20.55 -3.42
N LEU A 491 -29.78 -20.75 -3.86
CA LEU A 491 -30.66 -21.79 -3.30
C LEU A 491 -30.71 -23.05 -4.16
N LYS A 492 -30.90 -24.19 -3.49
CA LYS A 492 -31.07 -25.44 -4.19
C LYS A 492 -32.39 -25.41 -4.95
N LYS A 493 -33.45 -25.05 -4.23
CA LYS A 493 -34.79 -24.99 -4.81
C LYS A 493 -35.46 -23.67 -4.45
N PRO A 494 -35.48 -22.72 -5.41
CA PRO A 494 -36.10 -21.40 -5.22
C PRO A 494 -37.58 -21.46 -4.85
N ILE A 495 -37.96 -20.60 -3.90
CA ILE A 495 -39.35 -20.48 -3.46
C ILE A 495 -40.11 -19.48 -4.33
N TYR A 496 -39.44 -18.39 -4.70
CA TYR A 496 -40.04 -17.31 -5.48
C TYR A 496 -39.52 -17.29 -6.91
N ASN A 497 -40.43 -17.19 -7.88
CA ASN A 497 -40.06 -17.03 -9.28
C ASN A 497 -40.40 -15.61 -9.74
N PRO A 498 -39.39 -14.77 -9.89
CA PRO A 498 -39.66 -13.37 -10.23
C PRO A 498 -40.20 -13.20 -11.64
N SER A 499 -40.91 -12.08 -11.86
CA SER A 499 -41.47 -11.73 -13.16
C SER A 499 -40.91 -10.40 -13.63
N HIS A 500 -40.91 -10.17 -14.94
CA HIS A 500 -40.65 -8.84 -15.48
C HIS A 500 -41.86 -7.95 -15.23
N PRO A 501 -41.64 -6.68 -14.88
CA PRO A 501 -42.77 -5.78 -14.66
C PRO A 501 -43.44 -5.43 -15.99
N LYS A 502 -44.77 -5.35 -16.01
CA LYS A 502 -45.50 -5.07 -17.24
C LYS A 502 -45.57 -3.59 -17.55
N GLU A 503 -45.81 -3.26 -18.82
CA GLU A 503 -45.94 -1.87 -19.25
C GLU A 503 -47.27 -1.35 -18.78
N GLU A 504 -47.28 -0.13 -18.28
CA GLU A 504 -48.49 0.35 -17.61
C GLU A 504 -49.72 0.54 -18.54
N GLY A 505 -49.53 1.30 -19.62
CA GLY A 505 -50.58 1.67 -20.57
C GLY A 505 -50.32 1.17 -21.98
N PHE A 506 -51.15 1.63 -22.92
CA PHE A 506 -50.82 1.53 -24.34
C PHE A 506 -50.02 2.75 -24.84
N LEU A 507 -49.27 2.53 -25.92
CA LEU A 507 -48.45 3.57 -26.57
C LEU A 507 -49.26 4.37 -27.56
N SER A 508 -48.97 5.66 -27.67
CA SER A 508 -49.68 6.45 -28.67
C SER A 508 -48.91 6.42 -29.98
N GLN A 509 -49.61 6.76 -31.07
CA GLN A 509 -49.01 6.95 -32.39
C GLN A 509 -48.51 8.37 -32.61
N CYS A 510 -47.28 8.50 -33.08
CA CYS A 510 -46.82 9.73 -33.71
C CYS A 510 -46.69 9.46 -35.20
N PRO A 511 -47.67 9.92 -35.98
CA PRO A 511 -47.54 9.84 -37.44
C PRO A 511 -47.02 11.14 -37.97
N ILE A 512 -46.42 11.05 -39.15
CA ILE A 512 -45.77 12.19 -39.74
C ILE A 512 -46.80 13.20 -40.22
N LYS A 513 -47.19 14.13 -39.35
CA LYS A 513 -48.24 15.08 -39.69
C LYS A 513 -47.77 16.52 -39.72
N SER A 514 -46.94 16.91 -38.76
CA SER A 514 -46.60 18.32 -38.55
C SER A 514 -45.99 18.98 -39.80
N THR A 515 -46.36 20.22 -40.07
CA THR A 515 -45.77 20.93 -41.20
C THR A 515 -44.46 21.56 -40.75
N SER A 516 -43.54 21.72 -41.70
CA SER A 516 -42.25 22.36 -41.46
C SER A 516 -42.38 23.84 -41.11
N ASN A 517 -41.85 24.22 -39.95
CA ASN A 517 -41.62 25.62 -39.60
C ASN A 517 -40.14 25.93 -39.76
N ASP A 518 -39.78 27.21 -39.65
CA ASP A 518 -38.39 27.60 -39.61
C ASP A 518 -37.87 27.42 -38.17
N LEU A 519 -36.90 26.53 -37.99
CA LEU A 519 -36.28 26.34 -36.67
C LEU A 519 -35.20 27.38 -36.43
N GLY A 520 -34.78 28.05 -37.50
CA GLY A 520 -33.76 29.08 -37.42
C GLY A 520 -32.37 28.51 -37.28
N CYS A 521 -32.08 27.48 -38.07
CA CYS A 521 -30.75 26.87 -38.08
C CYS A 521 -30.06 27.10 -39.40
N THR A 522 -28.84 27.65 -39.35
CA THR A 522 -27.96 27.69 -40.51
C THR A 522 -27.13 26.40 -40.50
N CYS A 523 -27.55 25.43 -41.30
CA CYS A 523 -26.80 24.20 -41.49
C CYS A 523 -25.68 24.44 -42.50
N ASP A 524 -24.53 23.80 -42.27
CA ASP A 524 -23.39 23.84 -43.19
C ASP A 524 -23.75 23.22 -44.54
N PRO A 525 -22.94 23.48 -45.59
CA PRO A 525 -23.08 22.71 -46.83
C PRO A 525 -22.62 21.26 -46.61
N TRP A 526 -21.69 21.07 -45.66
CA TRP A 526 -21.21 19.74 -45.24
C TRP A 526 -22.35 18.73 -45.02
N ILE A 527 -23.42 19.17 -44.36
CA ILE A 527 -24.52 18.26 -43.97
C ILE A 527 -25.36 17.85 -45.18
N VAL A 528 -25.87 16.62 -45.15
CA VAL A 528 -26.59 16.02 -46.28
C VAL A 528 -28.09 15.74 -46.03
N PRO A 529 -28.91 16.81 -45.99
CA PRO A 529 -30.37 16.65 -45.98
C PRO A 529 -30.94 16.51 -47.38
N ILE A 530 -30.73 15.35 -48.00
CA ILE A 530 -31.23 15.15 -49.37
C ILE A 530 -32.77 15.15 -49.35
N LYS A 531 -33.37 15.77 -50.37
CA LYS A 531 -34.83 15.95 -50.45
C LYS A 531 -35.55 14.70 -49.92
N ASP A 532 -35.03 13.54 -50.32
CA ASP A 532 -35.57 12.23 -49.94
C ASP A 532 -35.62 11.99 -48.43
N PHE A 533 -34.88 12.75 -47.64
CA PHE A 533 -34.79 12.52 -46.19
C PHE A 533 -36.15 12.29 -45.51
N GLU A 534 -37.16 13.09 -45.88
CA GLU A 534 -38.49 12.99 -45.26
C GLU A 534 -39.11 11.59 -45.31
N LYS A 535 -38.80 10.84 -46.36
CA LYS A 535 -39.26 9.44 -46.46
C LYS A 535 -38.91 8.61 -45.23
N GLN A 536 -37.68 8.79 -44.72
CA GLN A 536 -37.15 8.06 -43.57
C GLN A 536 -38.09 8.07 -42.38
N LEU A 537 -38.89 9.12 -42.26
CA LEU A 537 -39.82 9.26 -41.14
C LEU A 537 -40.98 8.26 -41.18
N ASN A 538 -41.23 7.62 -42.32
CA ASN A 538 -42.21 6.55 -42.46
C ASN A 538 -41.69 5.15 -42.13
N LEU A 539 -40.43 5.04 -41.70
CA LEU A 539 -39.95 3.83 -41.04
C LEU A 539 -40.72 3.63 -39.76
N THR A 540 -41.16 2.40 -39.52
CA THR A 540 -41.80 2.03 -38.26
C THR A 540 -40.99 0.93 -37.57
N THR A 541 -41.41 0.59 -36.36
CA THR A 541 -40.75 -0.48 -35.60
C THR A 541 -41.08 -1.82 -36.25
N GLU A 542 -42.27 -1.94 -36.80
CA GLU A 542 -42.68 -3.14 -37.52
C GLU A 542 -41.79 -3.49 -38.72
N ASP A 543 -40.76 -2.68 -38.98
CA ASP A 543 -39.70 -3.08 -39.90
C ASP A 543 -38.85 -4.17 -39.27
N VAL A 544 -39.47 -5.35 -39.19
CA VAL A 544 -39.14 -6.42 -38.21
C VAL A 544 -37.63 -6.58 -38.18
N ASP A 545 -37.12 -6.84 -37.00
CA ASP A 545 -35.70 -6.85 -36.79
C ASP A 545 -35.10 -5.88 -37.83
N ASP A 546 -34.24 -6.38 -38.72
CA ASP A 546 -33.57 -5.56 -39.66
C ASP A 546 -33.00 -4.43 -38.81
N ILE A 547 -33.53 -3.24 -39.01
CA ILE A 547 -33.13 -2.07 -38.26
C ILE A 547 -33.70 -2.03 -36.83
N TYR A 548 -34.87 -2.63 -36.61
CA TYR A 548 -35.44 -2.68 -35.26
C TYR A 548 -34.58 -3.50 -34.31
N HIS A 549 -34.12 -4.67 -34.76
CA HIS A 549 -33.27 -5.55 -33.96
C HIS A 549 -31.88 -4.93 -33.78
N MET A 550 -31.38 -4.28 -34.83
CA MET A 550 -30.10 -3.59 -34.75
C MET A 550 -30.08 -2.50 -33.69
N THR A 551 -31.26 -1.97 -33.35
CA THR A 551 -31.35 -0.85 -32.40
C THR A 551 -31.62 -1.30 -30.98
N VAL A 552 -32.49 -2.29 -30.82
CA VAL A 552 -32.85 -2.83 -29.50
C VAL A 552 -32.79 -4.36 -29.50
N PRO A 553 -31.58 -4.93 -29.68
CA PRO A 553 -31.41 -6.39 -29.79
C PRO A 553 -31.83 -7.21 -28.55
N TYR A 554 -31.94 -6.58 -27.37
CA TYR A 554 -32.29 -7.31 -26.13
C TYR A 554 -33.75 -7.09 -25.74
N GLY A 555 -34.51 -6.51 -26.67
CA GLY A 555 -35.86 -6.02 -26.39
C GLY A 555 -35.78 -4.53 -26.16
N ARG A 556 -36.84 -3.80 -26.52
CA ARG A 556 -36.85 -2.35 -26.35
C ARG A 556 -37.14 -2.02 -24.90
N PRO A 557 -36.59 -0.91 -24.39
CA PRO A 557 -36.95 -0.62 -23.00
C PRO A 557 -38.46 -0.57 -22.84
N ARG A 558 -38.99 -1.06 -21.72
CA ARG A 558 -40.43 -1.06 -21.45
C ARG A 558 -40.75 0.11 -20.56
N ILE A 559 -41.84 0.81 -20.87
CA ILE A 559 -42.22 1.99 -20.10
C ILE A 559 -43.10 1.62 -18.90
N LEU A 560 -42.61 1.90 -17.70
CA LEU A 560 -43.33 1.59 -16.46
C LEU A 560 -43.97 2.84 -15.86
N LEU A 561 -43.69 4.00 -16.45
CA LEU A 561 -44.25 5.26 -15.98
C LEU A 561 -45.75 5.15 -16.03
N LYS A 562 -46.40 5.56 -14.94
CA LYS A 562 -47.77 5.14 -14.65
C LYS A 562 -48.72 5.50 -15.79
N GLN A 563 -49.02 6.78 -15.95
CA GLN A 563 -49.71 7.25 -17.15
C GLN A 563 -48.77 8.24 -17.78
N HIS A 564 -48.24 7.85 -18.94
CA HIS A 564 -47.27 8.67 -19.62
C HIS A 564 -47.36 8.37 -21.11
N HIS A 565 -47.64 9.41 -21.90
CA HIS A 565 -47.88 9.24 -23.32
C HIS A 565 -46.55 9.13 -24.05
N VAL A 566 -46.34 8.00 -24.72
CA VAL A 566 -45.07 7.69 -25.36
C VAL A 566 -45.27 7.26 -26.81
N CYS A 567 -44.39 7.76 -27.68
CA CYS A 567 -44.20 7.25 -29.04
C CYS A 567 -42.91 6.43 -29.12
N LEU A 568 -42.89 5.42 -29.98
CA LEU A 568 -41.65 4.79 -30.39
C LEU A 568 -41.29 5.34 -31.75
N LEU A 569 -40.24 6.14 -31.84
CA LEU A 569 -39.81 6.71 -33.10
C LEU A 569 -38.65 5.92 -33.65
N GLN A 570 -38.88 5.23 -34.76
CA GLN A 570 -37.85 4.46 -35.45
C GLN A 570 -37.04 5.34 -36.38
N GLN A 571 -35.74 5.14 -36.36
CA GLN A 571 -34.82 5.71 -37.33
C GLN A 571 -33.95 4.55 -37.82
N GLN A 572 -33.00 4.84 -38.72
CA GLN A 572 -32.19 3.79 -39.30
C GLN A 572 -31.19 3.15 -38.35
N GLN A 573 -30.53 3.96 -37.54
CA GLN A 573 -29.48 3.47 -36.63
C GLN A 573 -29.83 3.62 -35.15
N PHE A 574 -31.00 4.18 -34.84
CA PHE A 574 -31.48 4.18 -33.47
C PHE A 574 -33.00 4.14 -33.34
N LEU A 575 -33.47 3.83 -32.14
CA LEU A 575 -34.87 3.83 -31.80
C LEU A 575 -35.02 4.74 -30.61
N THR A 576 -35.85 5.77 -30.74
CA THR A 576 -36.14 6.66 -29.62
C THR A 576 -37.50 6.37 -29.03
N GLY A 577 -37.57 6.28 -27.70
CA GLY A 577 -38.83 6.30 -26.97
C GLY A 577 -39.15 7.73 -26.56
N TYR A 578 -40.14 8.34 -27.23
CA TYR A 578 -40.38 9.79 -27.13
C TYR A 578 -41.62 10.14 -26.30
N SER A 579 -41.40 10.86 -25.19
CA SER A 579 -42.49 11.30 -24.32
C SER A 579 -43.21 12.50 -24.90
N LEU A 580 -44.48 12.31 -25.23
CA LEU A 580 -45.33 13.39 -25.69
C LEU A 580 -45.65 14.33 -24.54
N ASP A 581 -45.72 13.79 -23.32
CA ASP A 581 -45.97 14.60 -22.13
C ASP A 581 -44.90 15.65 -21.90
N LEU A 582 -43.64 15.28 -22.12
CA LEU A 582 -42.51 16.18 -21.84
C LEU A 582 -41.92 16.83 -23.10
N LEU A 583 -42.37 16.39 -24.27
CA LEU A 583 -41.78 16.80 -25.55
C LEU A 583 -40.26 16.72 -25.47
N MET A 584 -39.80 15.49 -25.31
CA MET A 584 -38.41 15.21 -24.96
C MET A 584 -38.26 13.69 -25.08
N PRO A 585 -37.09 13.22 -25.56
CA PRO A 585 -36.89 11.77 -25.62
C PRO A 585 -36.58 11.18 -24.24
N LEU A 586 -37.33 10.16 -23.84
CA LEU A 586 -37.05 9.41 -22.60
C LEU A 586 -35.83 8.48 -22.74
N TRP A 587 -35.63 7.92 -23.94
CA TRP A 587 -34.45 7.11 -24.23
C TRP A 587 -34.19 6.92 -25.71
N ALA A 588 -32.93 6.86 -26.08
CA ALA A 588 -32.52 6.42 -27.41
C ALA A 588 -31.68 5.15 -27.27
N SER A 589 -31.88 4.20 -28.18
CA SER A 589 -31.16 2.93 -28.14
C SER A 589 -30.48 2.67 -29.47
N TYR A 590 -29.19 2.36 -29.44
CA TYR A 590 -28.46 2.06 -30.66
C TYR A 590 -27.32 1.08 -30.44
N THR A 591 -26.74 0.59 -31.54
CA THR A 591 -25.65 -0.38 -31.48
C THR A 591 -24.44 0.11 -32.30
N PHE A 592 -23.36 0.43 -31.61
CA PHE A 592 -22.13 0.87 -32.25
C PHE A 592 -21.26 -0.38 -32.51
N LEU A 593 -21.27 -0.85 -33.76
CA LEU A 593 -20.47 -2.01 -34.11
C LEU A 593 -19.00 -1.62 -34.21
N ARG A 594 -18.12 -2.57 -33.90
CA ARG A 594 -16.66 -2.36 -33.89
C ARG A 594 -16.14 -1.60 -35.11
N ASN A 595 -16.62 -1.98 -36.29
CA ASN A 595 -16.15 -1.32 -37.51
C ASN A 595 -16.83 0.04 -37.81
N ASP A 596 -17.80 0.45 -37.00
CA ASP A 596 -18.53 1.71 -37.25
C ASP A 596 -17.69 2.94 -36.99
N GLN A 597 -17.80 3.92 -37.90
CA GLN A 597 -17.22 5.25 -37.76
C GLN A 597 -18.27 6.28 -37.35
N PHE A 598 -17.81 7.43 -36.89
CA PHE A 598 -18.73 8.52 -36.59
C PHE A 598 -17.99 9.87 -36.66
N SER A 599 -18.62 10.84 -37.31
CA SER A 599 -17.88 11.98 -37.83
C SER A 599 -17.62 13.10 -36.82
N ARG A 600 -16.48 13.75 -36.97
CA ARG A 600 -16.10 14.93 -36.19
C ARG A 600 -16.17 16.21 -37.03
N ASP A 601 -16.90 16.15 -38.14
CA ASP A 601 -17.39 17.35 -38.80
C ASP A 601 -18.20 18.13 -37.78
N ASP A 602 -18.31 19.43 -38.00
CA ASP A 602 -18.96 20.32 -37.06
C ASP A 602 -20.44 20.45 -37.40
N PHE A 603 -21.31 20.11 -36.45
CA PHE A 603 -22.76 20.23 -36.61
C PHE A 603 -23.34 21.22 -35.63
N SER A 604 -22.66 22.35 -35.48
CA SER A 604 -23.17 23.45 -34.72
C SER A 604 -24.43 23.97 -35.42
N ASN A 605 -25.44 24.24 -34.61
CA ASN A 605 -26.60 24.95 -35.06
C ASN A 605 -27.28 24.37 -36.30
N CYS A 606 -27.52 23.06 -36.28
CA CYS A 606 -28.31 22.40 -37.33
C CYS A 606 -29.23 21.34 -36.74
N LEU A 607 -30.54 21.63 -36.79
CA LEU A 607 -31.58 20.72 -36.32
C LEU A 607 -32.60 20.45 -37.43
N TYR A 608 -33.13 19.23 -37.44
CA TYR A 608 -34.12 18.80 -38.42
C TYR A 608 -35.43 18.50 -37.72
N GLN A 609 -36.46 19.29 -38.02
CA GLN A 609 -37.72 19.11 -37.35
C GLN A 609 -38.29 17.75 -37.67
N ASP A 610 -38.34 16.90 -36.65
CA ASP A 610 -39.09 15.68 -36.74
C ASP A 610 -40.56 16.06 -36.94
N LEU A 611 -41.09 15.72 -38.12
CA LEU A 611 -42.49 15.96 -38.46
C LEU A 611 -43.47 15.05 -37.69
N ARG A 612 -42.95 14.00 -37.04
CA ARG A 612 -43.79 13.07 -36.30
C ARG A 612 -44.19 13.59 -34.91
N ILE A 613 -43.48 14.60 -34.41
CA ILE A 613 -43.74 15.12 -33.04
C ILE A 613 -44.14 16.59 -33.01
N PRO A 614 -44.85 17.01 -31.93
CA PRO A 614 -45.25 18.40 -31.78
C PRO A 614 -44.05 19.30 -31.66
N LEU A 615 -44.09 20.44 -32.32
CA LEU A 615 -42.98 21.36 -32.32
C LEU A 615 -43.02 22.21 -31.06
N SER A 616 -42.05 22.03 -30.18
CA SER A 616 -41.88 22.87 -29.01
C SER A 616 -40.98 24.04 -29.35
N PRO A 617 -41.20 25.19 -28.70
CA PRO A 617 -40.25 26.29 -28.87
C PRO A 617 -38.81 25.95 -28.41
N VAL A 618 -38.67 24.93 -27.59
CA VAL A 618 -37.33 24.52 -27.15
C VAL A 618 -36.63 23.51 -28.11
N HIS A 619 -37.32 23.10 -29.17
CA HIS A 619 -36.69 22.29 -30.25
C HIS A 619 -35.99 23.17 -31.27
N LYS A 620 -36.26 24.47 -31.23
CA LYS A 620 -35.74 25.38 -32.24
C LYS A 620 -34.31 25.80 -31.91
N CYS A 621 -33.48 25.91 -32.95
CA CYS A 621 -32.11 26.40 -32.81
C CYS A 621 -32.07 27.82 -32.27
N SER A 622 -32.96 28.66 -32.78
CA SER A 622 -33.07 30.05 -32.34
C SER A 622 -33.08 30.12 -30.81
N TYR A 623 -33.79 29.20 -30.16
CA TYR A 623 -33.88 29.18 -28.70
C TYR A 623 -32.53 29.09 -28.01
N TYR A 624 -31.64 28.26 -28.56
CA TYR A 624 -30.31 28.08 -27.99
C TYR A 624 -29.28 29.01 -28.63
N LYS A 625 -29.62 29.61 -29.76
CA LYS A 625 -28.72 30.52 -30.47
C LYS A 625 -28.05 31.48 -29.49
N SER A 626 -26.75 31.28 -29.27
CA SER A 626 -25.97 32.12 -28.36
C SER A 626 -26.58 32.25 -26.96
N ASN A 627 -27.21 31.16 -26.50
CA ASN A 627 -27.81 31.09 -25.18
C ASN A 627 -26.75 30.72 -24.15
N SER A 628 -26.36 31.70 -23.33
CA SER A 628 -25.37 31.48 -22.27
C SER A 628 -25.87 30.51 -21.19
N LYS A 629 -27.16 30.58 -20.86
CA LYS A 629 -27.73 29.78 -19.78
C LYS A 629 -27.65 28.26 -20.02
N LEU A 630 -28.11 27.80 -21.17
CA LEU A 630 -27.95 26.39 -21.51
C LEU A 630 -27.92 26.13 -23.00
N SER A 631 -27.61 24.89 -23.35
CA SER A 631 -27.51 24.46 -24.73
C SER A 631 -28.36 23.20 -24.87
N TYR A 632 -28.07 22.40 -25.90
CA TYR A 632 -28.71 21.10 -26.08
C TYR A 632 -27.64 20.03 -26.39
N GLY A 633 -28.03 18.75 -26.27
CA GLY A 633 -27.15 17.63 -26.58
C GLY A 633 -27.91 16.52 -27.29
N PHE A 634 -27.18 15.63 -27.98
CA PHE A 634 -27.80 14.51 -28.69
C PHE A 634 -27.71 13.20 -27.88
N LEU A 635 -28.82 12.48 -27.79
CA LEU A 635 -28.83 11.20 -27.09
C LEU A 635 -28.12 10.12 -27.90
N THR A 636 -28.02 10.33 -29.21
CA THR A 636 -27.23 9.45 -30.05
C THR A 636 -26.29 10.29 -30.91
N PRO A 637 -24.99 9.96 -30.91
CA PRO A 637 -24.02 10.76 -31.63
C PRO A 637 -24.23 10.69 -33.14
N PRO A 638 -23.83 11.74 -33.87
CA PRO A 638 -23.90 11.66 -35.34
C PRO A 638 -22.83 10.75 -35.95
N ARG A 639 -23.28 9.73 -36.69
CA ARG A 639 -22.45 8.65 -37.23
C ARG A 639 -22.37 8.64 -38.72
N LEU A 640 -21.25 8.14 -39.23
CA LEU A 640 -20.91 8.27 -40.64
C LEU A 640 -21.43 7.12 -41.50
N ASN A 641 -21.87 7.46 -42.71
CA ASN A 641 -22.30 6.52 -43.73
C ASN A 641 -21.10 6.29 -44.61
N ARG A 642 -20.49 5.11 -44.48
CA ARG A 642 -19.21 4.84 -45.14
C ARG A 642 -19.27 4.78 -46.68
N VAL A 643 -20.40 4.37 -47.24
CA VAL A 643 -20.53 4.25 -48.72
C VAL A 643 -20.66 5.61 -49.43
N SER A 644 -21.37 6.54 -48.79
CA SER A 644 -21.47 7.94 -49.22
C SER A 644 -20.36 8.80 -48.60
N ASN A 645 -19.93 8.39 -47.40
CA ASN A 645 -18.97 9.15 -46.61
C ASN A 645 -19.55 10.49 -46.12
N HIS A 646 -20.85 10.49 -45.84
CA HIS A 646 -21.55 11.62 -45.24
C HIS A 646 -22.33 11.17 -44.01
N ILE A 647 -22.68 12.11 -43.15
CA ILE A 647 -23.23 11.79 -41.84
C ILE A 647 -24.72 11.45 -41.93
N TYR A 648 -25.16 10.55 -41.06
CA TYR A 648 -26.59 10.25 -40.91
C TYR A 648 -27.32 11.43 -40.28
N SER A 649 -28.07 12.15 -41.11
CA SER A 649 -28.77 13.36 -40.69
C SER A 649 -29.79 13.07 -39.60
N GLU A 650 -30.31 11.84 -39.60
CA GLU A 650 -31.26 11.41 -38.58
C GLU A 650 -30.87 11.69 -37.11
N ALA A 651 -29.57 11.81 -36.82
CA ALA A 651 -29.09 12.12 -35.48
C ALA A 651 -29.40 13.56 -35.08
N LEU A 652 -29.56 14.41 -36.10
CA LEU A 652 -29.84 15.85 -35.92
C LEU A 652 -31.33 16.14 -35.84
N LEU A 653 -32.17 15.11 -35.85
CA LEU A 653 -33.61 15.27 -35.63
C LEU A 653 -33.92 15.91 -34.28
N THR A 654 -34.91 16.80 -34.28
CA THR A 654 -35.37 17.50 -33.08
C THR A 654 -35.86 16.57 -31.96
N SER A 655 -36.14 15.31 -32.29
CA SER A 655 -36.58 14.30 -31.31
C SER A 655 -35.41 13.57 -30.66
N ASN A 656 -34.19 13.99 -31.01
CA ASN A 656 -32.99 13.36 -30.48
C ASN A 656 -32.19 14.29 -29.61
N ILE A 657 -32.72 15.47 -29.32
CA ILE A 657 -32.00 16.45 -28.51
C ILE A 657 -32.62 16.60 -27.14
N VAL A 658 -31.84 17.17 -26.22
CA VAL A 658 -32.21 17.33 -24.82
C VAL A 658 -31.49 18.56 -24.28
N PRO A 659 -32.09 19.24 -23.28
CA PRO A 659 -31.40 20.39 -22.71
C PRO A 659 -30.10 19.97 -22.02
N MET A 660 -29.04 20.74 -22.17
CA MET A 660 -27.75 20.32 -21.65
C MET A 660 -26.81 21.49 -21.43
N TYR A 661 -26.52 21.80 -20.18
CA TYR A 661 -25.50 22.77 -19.81
C TYR A 661 -24.23 22.62 -20.63
N GLN A 662 -23.61 23.74 -20.97
CA GLN A 662 -22.37 23.76 -21.74
C GLN A 662 -21.27 22.98 -21.05
N SER A 663 -21.19 23.10 -19.72
CA SER A 663 -20.13 22.44 -18.97
C SER A 663 -20.25 20.91 -19.03
N PHE A 664 -21.47 20.41 -18.92
CA PHE A 664 -21.71 18.98 -19.01
C PHE A 664 -21.38 18.45 -20.41
N GLN A 665 -21.53 19.29 -21.42
CA GLN A 665 -21.20 18.90 -22.80
C GLN A 665 -19.75 18.41 -22.90
N VAL A 666 -18.87 19.03 -22.12
CA VAL A 666 -17.48 18.58 -22.06
C VAL A 666 -17.41 17.09 -21.71
N ILE A 667 -18.09 16.72 -20.64
CA ILE A 667 -18.19 15.32 -20.22
C ILE A 667 -18.85 14.50 -21.32
N TRP A 668 -19.95 15.01 -21.87
CA TRP A 668 -20.76 14.27 -22.83
C TRP A 668 -20.05 14.09 -24.15
N HIS A 669 -19.26 15.09 -24.53
CA HIS A 669 -18.50 14.99 -25.76
C HIS A 669 -17.42 13.94 -25.67
N TYR A 670 -16.62 14.03 -24.60
CA TYR A 670 -15.50 13.12 -24.40
C TYR A 670 -15.99 11.70 -24.36
N LEU A 671 -17.06 11.47 -23.61
CA LEU A 671 -17.68 10.16 -23.49
C LEU A 671 -18.00 9.58 -24.88
N HIS A 672 -18.48 10.40 -25.80
CA HIS A 672 -18.86 9.90 -27.12
C HIS A 672 -17.75 9.95 -28.14
N ASP A 673 -16.95 11.02 -28.09
CA ASP A 673 -15.86 11.18 -29.05
C ASP A 673 -14.77 10.15 -28.93
N THR A 674 -14.26 9.96 -27.72
CA THR A 674 -13.11 9.08 -27.51
C THR A 674 -13.50 7.76 -26.83
N LEU A 675 -14.29 7.83 -25.75
CA LEU A 675 -14.57 6.63 -24.95
C LEU A 675 -15.45 5.60 -25.63
N LEU A 676 -16.54 6.04 -26.25
CA LEU A 676 -17.50 5.09 -26.79
C LEU A 676 -16.87 4.32 -27.97
N GLN A 677 -16.08 5.02 -28.78
CA GLN A 677 -15.22 4.39 -29.81
C GLN A 677 -14.29 3.30 -29.23
N ARG A 678 -13.65 3.60 -28.10
CA ARG A 678 -12.74 2.65 -27.46
C ARG A 678 -13.48 1.42 -26.96
N TYR A 679 -14.55 1.62 -26.19
CA TYR A 679 -15.33 0.50 -25.67
C TYR A 679 -15.84 -0.36 -26.81
N ALA A 680 -16.24 0.28 -27.90
CA ALA A 680 -16.72 -0.44 -29.07
C ALA A 680 -15.62 -1.33 -29.60
N HIS A 681 -14.42 -0.79 -29.62
CA HIS A 681 -13.26 -1.54 -30.09
C HIS A 681 -12.92 -2.68 -29.13
N GLU A 682 -12.81 -2.35 -27.85
CA GLU A 682 -12.46 -3.31 -26.82
C GLU A 682 -13.50 -4.40 -26.49
N ARG A 683 -14.75 -4.24 -26.92
CA ARG A 683 -15.81 -5.23 -26.60
C ARG A 683 -16.46 -5.84 -27.88
N ASN A 684 -15.80 -5.69 -29.03
CA ASN A 684 -16.34 -6.12 -30.32
C ASN A 684 -17.71 -5.53 -30.64
N GLY A 685 -17.87 -4.24 -30.36
CA GLY A 685 -19.15 -3.57 -30.51
C GLY A 685 -19.75 -3.24 -29.17
N ILE A 686 -20.67 -2.28 -29.16
CA ILE A 686 -21.29 -1.87 -27.91
C ILE A 686 -22.70 -1.36 -28.19
N ASN A 687 -23.62 -1.68 -27.30
CA ASN A 687 -25.01 -1.23 -27.41
C ASN A 687 -25.30 -0.19 -26.36
N VAL A 688 -25.87 0.94 -26.78
CA VAL A 688 -26.07 2.10 -25.91
C VAL A 688 -27.55 2.38 -25.72
N VAL A 689 -27.93 2.75 -24.51
CA VAL A 689 -29.24 3.33 -24.24
C VAL A 689 -29.00 4.55 -23.36
N SER A 690 -29.14 5.73 -23.93
CA SER A 690 -28.93 6.98 -23.24
C SER A 690 -30.28 7.65 -23.01
N GLY A 691 -30.35 8.52 -22.01
CA GLY A 691 -31.55 9.27 -21.77
C GLY A 691 -31.46 10.17 -20.56
N PRO A 692 -32.33 11.19 -20.51
CA PRO A 692 -32.37 12.13 -19.41
C PRO A 692 -32.97 11.49 -18.15
N VAL A 693 -32.80 12.15 -17.02
CA VAL A 693 -33.29 11.68 -15.73
C VAL A 693 -33.89 12.83 -14.93
N PHE A 694 -35.01 12.58 -14.25
CA PHE A 694 -35.63 13.61 -13.44
C PHE A 694 -35.91 13.06 -12.06
N ASP A 695 -35.07 13.47 -11.11
CA ASP A 695 -35.24 13.11 -9.70
C ASP A 695 -35.03 14.33 -8.81
N PHE A 696 -35.94 15.30 -8.90
CA PHE A 696 -35.83 16.57 -8.17
C PHE A 696 -36.06 16.44 -6.68
N ASP A 697 -36.90 15.49 -6.27
CA ASP A 697 -37.08 15.14 -4.85
C ASP A 697 -35.97 14.23 -4.28
N TYR A 698 -34.97 13.92 -5.11
CA TYR A 698 -33.85 13.03 -4.78
C TYR A 698 -34.21 11.81 -3.93
N ASP A 699 -35.28 11.12 -4.32
CA ASP A 699 -35.69 9.88 -3.67
C ASP A 699 -35.29 8.67 -4.49
N GLY A 700 -34.46 8.88 -5.51
CA GLY A 700 -33.95 7.79 -6.34
C GLY A 700 -34.92 7.17 -7.33
N ARG A 701 -36.12 7.74 -7.44
CA ARG A 701 -37.15 7.18 -8.30
C ARG A 701 -37.69 8.23 -9.26
N TYR A 702 -38.23 7.78 -10.39
CA TYR A 702 -38.71 8.69 -11.41
C TYR A 702 -39.76 9.63 -10.82
N ASP A 703 -39.67 10.90 -11.19
CA ASP A 703 -40.52 11.91 -10.59
C ASP A 703 -41.96 11.83 -11.11
N SER A 704 -42.90 12.07 -10.19
CA SER A 704 -44.30 12.29 -10.50
C SER A 704 -44.43 13.47 -11.48
N LEU A 705 -45.44 13.42 -12.36
CA LEU A 705 -45.74 14.56 -13.26
C LEU A 705 -46.07 15.85 -12.50
N GLU A 706 -46.71 15.72 -11.34
CA GLU A 706 -46.88 16.84 -10.41
C GLU A 706 -45.54 17.50 -10.06
N ILE A 707 -44.56 16.67 -9.72
CA ILE A 707 -43.25 17.15 -9.28
C ILE A 707 -42.45 17.76 -10.44
N LEU A 708 -42.60 17.17 -11.63
CA LEU A 708 -41.97 17.70 -12.84
C LEU A 708 -42.47 19.11 -13.13
N LYS A 709 -43.79 19.31 -13.08
CA LYS A 709 -44.39 20.63 -13.24
C LYS A 709 -43.67 21.64 -12.35
N GLN A 710 -43.53 21.28 -11.07
CA GLN A 710 -42.99 22.20 -10.08
C GLN A 710 -41.54 22.59 -10.32
N ASN A 711 -40.80 21.74 -11.04
CA ASN A 711 -39.38 21.98 -11.28
C ASN A 711 -39.05 22.40 -12.70
N SER A 712 -40.07 22.56 -13.53
CA SER A 712 -39.92 23.30 -14.78
C SER A 712 -39.53 24.74 -14.46
N ARG A 713 -38.80 25.35 -15.38
CA ARG A 713 -38.30 26.71 -15.24
C ARG A 713 -38.40 27.43 -16.57
N VAL A 714 -38.28 28.75 -16.56
CA VAL A 714 -38.28 29.51 -17.81
C VAL A 714 -36.89 30.12 -18.02
N ILE A 715 -36.30 29.92 -19.19
CA ILE A 715 -34.92 30.34 -19.44
C ILE A 715 -34.84 31.48 -20.48
N ARG A 716 -35.38 31.28 -21.67
CA ARG A 716 -35.50 32.43 -22.58
C ARG A 716 -36.97 32.77 -22.71
N SER A 717 -37.58 33.04 -21.56
CA SER A 717 -39.02 33.27 -21.48
C SER A 717 -39.76 32.07 -22.07
N GLN A 718 -39.12 30.91 -22.01
CA GLN A 718 -39.71 29.69 -22.50
C GLN A 718 -39.59 28.62 -21.43
N GLU A 719 -40.68 27.91 -21.19
CA GLU A 719 -40.72 26.92 -20.13
C GLU A 719 -39.97 25.65 -20.56
N ILE A 720 -39.03 25.24 -19.72
CA ILE A 720 -38.17 24.10 -20.00
C ILE A 720 -37.84 23.37 -18.70
N LEU A 721 -37.61 22.08 -18.82
CA LEU A 721 -37.37 21.23 -17.68
C LEU A 721 -36.04 20.55 -17.84
N ILE A 722 -35.09 20.90 -16.96
CA ILE A 722 -33.69 20.48 -17.09
C ILE A 722 -33.35 19.20 -16.31
N PRO A 723 -32.87 18.16 -17.01
CA PRO A 723 -32.58 16.86 -16.34
C PRO A 723 -31.63 16.94 -15.14
N THR A 724 -31.99 16.28 -14.06
CA THR A 724 -31.17 16.24 -12.86
C THR A 724 -29.90 15.43 -13.14
N HIS A 725 -30.05 14.36 -13.90
CA HIS A 725 -28.92 13.54 -14.32
C HIS A 725 -29.10 13.08 -15.77
N PHE A 726 -28.08 12.43 -16.30
CA PHE A 726 -28.17 11.72 -17.58
C PHE A 726 -27.72 10.27 -17.42
N PHE A 727 -28.51 9.33 -17.92
CA PHE A 727 -28.20 7.92 -17.77
C PHE A 727 -27.72 7.34 -19.07
N ILE A 728 -26.94 6.28 -18.95
CA ILE A 728 -26.43 5.56 -20.08
C ILE A 728 -26.23 4.10 -19.65
N VAL A 729 -26.61 3.17 -20.52
CA VAL A 729 -26.52 1.75 -20.23
C VAL A 729 -25.82 1.02 -21.37
N LEU A 730 -24.57 0.66 -21.13
CA LEU A 730 -23.77 -0.04 -22.12
C LEU A 730 -24.00 -1.54 -22.01
N THR A 731 -24.04 -2.23 -23.14
CA THR A 731 -24.22 -3.66 -23.18
C THR A 731 -23.47 -4.31 -24.34
N SER A 732 -22.76 -5.40 -24.02
CA SER A 732 -22.05 -6.20 -25.02
C SER A 732 -21.96 -7.64 -24.56
N CYS A 733 -21.49 -8.50 -25.46
CA CYS A 733 -21.38 -9.92 -25.18
C CYS A 733 -20.19 -10.18 -24.27
N LYS A 734 -20.27 -11.29 -23.52
CA LYS A 734 -19.16 -11.75 -22.68
C LYS A 734 -18.11 -12.37 -23.57
N GLN A 735 -18.53 -13.19 -24.51
CA GLN A 735 -17.63 -13.73 -25.51
C GLN A 735 -17.25 -12.67 -26.54
N LEU A 736 -16.00 -12.23 -26.50
CA LEU A 736 -15.52 -11.19 -27.41
C LEU A 736 -15.72 -11.54 -28.89
N SER A 737 -15.96 -12.81 -29.22
CA SER A 737 -16.23 -13.22 -30.60
C SER A 737 -17.63 -12.86 -31.10
N GLU A 738 -18.51 -12.42 -30.20
CA GLU A 738 -19.90 -12.10 -30.57
C GLU A 738 -20.19 -10.59 -30.51
N THR A 739 -20.78 -10.03 -31.57
CA THR A 739 -21.22 -8.63 -31.54
C THR A 739 -22.51 -8.50 -30.71
N PRO A 740 -22.81 -7.27 -30.23
CA PRO A 740 -23.93 -7.10 -29.30
C PRO A 740 -25.26 -7.58 -29.86
N LEU A 741 -25.37 -7.72 -31.18
CA LEU A 741 -26.58 -8.21 -31.83
C LEU A 741 -26.81 -9.71 -31.69
N GLU A 742 -25.85 -10.44 -31.11
CA GLU A 742 -25.90 -11.90 -31.04
C GLU A 742 -25.18 -12.46 -29.79
N CYS A 743 -25.41 -11.84 -28.64
CA CYS A 743 -24.84 -12.30 -27.38
C CYS A 743 -25.51 -13.57 -26.87
N SER A 744 -24.69 -14.48 -26.37
CA SER A 744 -25.16 -15.63 -25.63
C SER A 744 -25.37 -15.25 -24.17
N ALA A 745 -24.47 -14.41 -23.66
CA ALA A 745 -24.58 -13.83 -22.32
C ALA A 745 -24.18 -12.36 -22.34
N LEU A 746 -24.78 -11.55 -21.50
CA LEU A 746 -24.59 -10.11 -21.56
C LEU A 746 -23.58 -9.58 -20.54
N GLU A 747 -22.90 -8.51 -20.93
CA GLU A 747 -22.05 -7.72 -20.06
C GLU A 747 -22.70 -6.32 -19.97
N SER A 748 -23.01 -5.86 -18.76
CA SER A 748 -23.72 -4.58 -18.58
C SER A 748 -22.99 -3.58 -17.70
N SER A 749 -22.75 -2.39 -18.22
CA SER A 749 -22.38 -1.25 -17.40
C SER A 749 -23.54 -0.26 -17.42
N ALA A 750 -23.61 0.57 -16.40
CA ALA A 750 -24.65 1.58 -16.31
C ALA A 750 -24.15 2.76 -15.50
N TYR A 751 -24.56 3.96 -15.91
CA TYR A 751 -24.12 5.20 -15.26
C TYR A 751 -25.30 6.16 -15.11
N ILE A 752 -25.24 6.98 -14.06
CA ILE A 752 -26.20 8.03 -13.79
C ILE A 752 -25.39 9.29 -13.51
N LEU A 753 -25.03 9.99 -14.59
CA LEU A 753 -24.12 11.12 -14.51
C LEU A 753 -24.82 12.35 -14.04
N PRO A 754 -24.29 13.02 -13.01
CA PRO A 754 -24.97 14.22 -12.57
C PRO A 754 -24.85 15.31 -13.61
N HIS A 755 -25.96 16.04 -13.78
CA HIS A 755 -26.06 17.11 -14.76
C HIS A 755 -25.91 18.46 -14.12
N ARG A 756 -24.68 18.86 -13.84
CA ARG A 756 -24.42 20.08 -13.11
C ARG A 756 -23.94 21.19 -14.06
N PRO A 757 -24.29 22.46 -13.77
CA PRO A 757 -23.98 23.59 -14.66
C PRO A 757 -22.52 24.07 -14.65
N ASP A 758 -21.71 23.56 -13.72
CA ASP A 758 -20.25 23.72 -13.75
C ASP A 758 -19.60 22.35 -13.59
N ASN A 759 -18.27 22.31 -13.43
CA ASN A 759 -17.57 21.04 -13.18
C ASN A 759 -16.67 21.13 -11.94
N ILE A 760 -17.12 21.82 -10.90
CA ILE A 760 -16.29 21.96 -9.70
C ILE A 760 -16.12 20.62 -8.98
N GLU A 761 -17.08 19.72 -9.14
CA GLU A 761 -16.97 18.37 -8.61
C GLU A 761 -15.62 17.81 -9.02
N SER A 762 -15.22 18.04 -10.28
CA SER A 762 -14.02 17.45 -10.84
C SER A 762 -12.72 18.25 -10.65
N CYS A 763 -12.81 19.43 -10.06
CA CYS A 763 -11.61 20.24 -9.84
C CYS A 763 -10.65 20.16 -11.01
N THR A 764 -11.09 20.64 -12.16
CA THR A 764 -10.39 20.38 -13.42
C THR A 764 -9.02 21.03 -13.52
N HIS A 765 -8.88 22.23 -12.98
CA HIS A 765 -7.64 22.99 -13.16
C HIS A 765 -6.42 22.10 -13.05
N GLY A 766 -5.54 22.19 -14.04
CA GLY A 766 -4.33 21.39 -14.07
C GLY A 766 -4.49 20.00 -14.69
N LYS A 767 -5.70 19.46 -14.68
CA LYS A 767 -5.92 18.09 -15.15
C LYS A 767 -6.21 18.04 -16.65
N ARG A 768 -6.22 16.82 -17.18
CA ARG A 768 -6.58 16.57 -18.57
C ARG A 768 -7.93 15.84 -18.57
N GLU A 769 -8.69 15.99 -19.65
CA GLU A 769 -10.05 15.43 -19.67
C GLU A 769 -10.08 13.92 -19.56
N SER A 770 -9.14 13.26 -20.21
CA SER A 770 -9.00 11.82 -20.08
C SER A 770 -8.99 11.43 -18.62
N SER A 771 -8.19 12.13 -17.82
CA SER A 771 -8.11 11.89 -16.38
C SER A 771 -9.43 12.15 -15.65
N TRP A 772 -9.93 13.38 -15.70
CA TRP A 772 -11.06 13.76 -14.83
C TRP A 772 -12.45 13.31 -15.28
N VAL A 773 -12.68 13.17 -16.58
CA VAL A 773 -14.00 12.73 -17.05
C VAL A 773 -14.18 11.24 -16.74
N GLU A 774 -13.16 10.45 -17.05
CA GLU A 774 -13.22 9.01 -16.81
C GLU A 774 -13.32 8.70 -15.33
N GLU A 775 -12.64 9.49 -14.50
CA GLU A 775 -12.81 9.38 -13.06
C GLU A 775 -14.26 9.64 -12.61
N LEU A 776 -14.88 10.66 -13.21
CA LEU A 776 -16.24 11.02 -12.91
C LEU A 776 -17.24 9.91 -13.28
N LEU A 777 -17.08 9.29 -14.45
CA LEU A 777 -17.95 8.18 -14.84
C LEU A 777 -17.88 7.07 -13.82
N THR A 778 -16.67 6.69 -13.51
CA THR A 778 -16.40 5.60 -12.59
C THR A 778 -17.05 5.88 -11.24
N LEU A 779 -16.91 7.10 -10.76
CA LEU A 779 -17.56 7.49 -9.50
C LEU A 779 -19.09 7.37 -9.56
N HIS A 780 -19.67 7.66 -10.71
CA HIS A 780 -21.13 7.66 -10.86
C HIS A 780 -21.66 6.43 -11.60
N ARG A 781 -20.86 5.38 -11.56
CA ARG A 781 -21.24 4.05 -11.96
C ARG A 781 -22.48 3.70 -11.18
N ALA A 782 -23.38 2.92 -11.74
CA ALA A 782 -24.60 2.52 -11.02
C ALA A 782 -25.10 1.19 -11.49
N ARG A 783 -26.01 0.63 -10.73
CA ARG A 783 -26.64 -0.63 -11.10
C ARG A 783 -27.57 -0.35 -12.28
N VAL A 784 -27.79 -1.33 -13.15
CA VAL A 784 -28.80 -1.14 -14.20
C VAL A 784 -30.13 -0.89 -13.48
N THR A 785 -30.39 -1.65 -12.43
CA THR A 785 -31.60 -1.46 -11.64
C THR A 785 -31.75 -0.03 -11.11
N ASP A 786 -30.63 0.63 -10.79
CA ASP A 786 -30.68 2.01 -10.31
C ASP A 786 -31.26 2.93 -11.37
N VAL A 787 -30.84 2.71 -12.61
CA VAL A 787 -31.40 3.40 -13.75
C VAL A 787 -32.90 3.08 -13.88
N GLU A 788 -33.23 1.80 -13.90
CA GLU A 788 -34.63 1.39 -13.98
C GLU A 788 -35.52 2.08 -12.95
N LEU A 789 -35.07 2.16 -11.69
CA LEU A 789 -35.86 2.81 -10.65
C LEU A 789 -36.06 4.30 -10.87
N ILE A 790 -35.02 4.98 -11.35
CA ILE A 790 -35.02 6.43 -11.46
C ILE A 790 -35.59 6.96 -12.80
N THR A 791 -35.75 6.09 -13.79
CA THR A 791 -36.26 6.45 -15.11
C THR A 791 -37.66 5.89 -15.37
N GLY A 792 -37.98 4.78 -14.74
CA GLY A 792 -39.25 4.10 -14.98
C GLY A 792 -39.20 3.25 -16.23
N LEU A 793 -38.00 2.80 -16.60
CA LEU A 793 -37.80 1.89 -17.73
C LEU A 793 -37.36 0.49 -17.28
N SER A 794 -37.47 -0.49 -18.19
CA SER A 794 -37.16 -1.88 -17.88
C SER A 794 -36.46 -2.56 -19.05
N PHE A 795 -35.22 -2.98 -18.79
CA PHE A 795 -34.32 -3.43 -19.86
C PHE A 795 -34.24 -4.94 -20.02
N TYR A 796 -33.74 -5.35 -21.17
CA TYR A 796 -33.39 -6.75 -21.45
C TYR A 796 -34.57 -7.74 -21.36
N GLN A 797 -35.80 -7.26 -21.51
CA GLN A 797 -36.96 -8.12 -21.26
C GLN A 797 -37.10 -9.27 -22.26
N ASP A 798 -36.67 -9.07 -23.50
CA ASP A 798 -36.82 -10.08 -24.53
C ASP A 798 -35.71 -11.12 -24.51
N ARG A 799 -34.73 -10.93 -23.63
CA ARG A 799 -33.65 -11.89 -23.50
C ARG A 799 -34.14 -13.26 -23.09
N GLN A 800 -33.57 -14.28 -23.73
CA GLN A 800 -33.84 -15.69 -23.45
C GLN A 800 -33.65 -16.10 -21.98
N GLU A 801 -32.67 -15.50 -21.30
CA GLU A 801 -32.38 -15.82 -19.90
C GLU A 801 -33.59 -15.67 -18.99
N SER A 802 -33.59 -16.38 -17.87
CA SER A 802 -34.67 -16.27 -16.89
C SER A 802 -34.65 -14.90 -16.23
N VAL A 803 -35.71 -14.56 -15.52
CA VAL A 803 -35.80 -13.25 -14.91
C VAL A 803 -34.80 -13.11 -13.77
N SER A 804 -34.62 -14.18 -12.99
CA SER A 804 -33.67 -14.14 -11.87
C SER A 804 -32.23 -14.02 -12.36
N GLU A 805 -31.95 -14.60 -13.52
CA GLU A 805 -30.64 -14.43 -14.17
C GLU A 805 -30.41 -12.96 -14.48
N LEU A 806 -31.39 -12.36 -15.15
CA LEU A 806 -31.32 -10.96 -15.54
C LEU A 806 -31.31 -10.03 -14.32
N LEU A 807 -31.97 -10.44 -13.25
CA LEU A 807 -31.92 -9.67 -12.00
C LEU A 807 -30.52 -9.62 -11.38
N ARG A 808 -29.68 -10.62 -11.63
CA ARG A 808 -28.29 -10.58 -11.22
C ARG A 808 -27.54 -9.55 -12.05
N LEU A 809 -27.66 -9.69 -13.36
CA LEU A 809 -27.04 -8.79 -14.31
C LEU A 809 -27.40 -7.35 -13.97
N LYS A 810 -28.65 -7.11 -13.63
CA LYS A 810 -29.13 -5.76 -13.41
C LYS A 810 -28.75 -5.15 -12.07
N THR A 811 -28.58 -5.98 -11.04
CA THR A 811 -28.22 -5.49 -9.69
C THR A 811 -26.72 -5.39 -9.48
N HIS A 812 -25.93 -5.86 -10.44
CA HIS A 812 -24.47 -5.88 -10.28
C HIS A 812 -23.85 -4.48 -10.25
N LEU A 813 -22.73 -4.37 -9.53
CA LEU A 813 -21.88 -3.18 -9.55
C LEU A 813 -20.45 -3.58 -9.27
N PRO A 814 -19.48 -3.06 -10.04
CA PRO A 814 -18.08 -3.35 -9.74
C PRO A 814 -17.52 -2.77 -8.46
N ILE A 815 -16.65 -3.51 -7.79
CA ILE A 815 -15.94 -3.04 -6.62
C ILE A 815 -14.75 -2.21 -7.09
N PHE A 816 -14.49 -1.10 -6.42
CA PHE A 816 -13.29 -0.28 -6.65
C PHE A 816 -12.09 -0.93 -6.00
N SER A 817 -11.00 -1.07 -6.75
CA SER A 817 -9.74 -1.68 -6.26
C SER A 817 -9.93 -3.12 -5.82
N LYS B 83 8.23 -27.71 36.79
CA LYS B 83 8.90 -27.50 35.47
C LYS B 83 8.17 -26.46 34.58
N LYS B 84 8.75 -25.27 34.41
CA LYS B 84 8.35 -24.36 33.34
C LYS B 84 9.27 -24.48 32.13
N SER B 85 8.76 -24.10 30.96
CA SER B 85 9.60 -23.97 29.76
C SER B 85 10.36 -22.64 29.83
N TRP B 86 11.34 -22.45 28.94
CA TRP B 86 12.16 -21.24 28.97
C TRP B 86 11.33 -19.99 28.77
N VAL B 87 10.51 -20.01 27.73
CA VAL B 87 9.65 -18.88 27.39
C VAL B 87 8.81 -18.40 28.57
N GLU B 88 8.40 -19.32 29.44
CA GLU B 88 7.53 -18.99 30.57
C GLU B 88 8.20 -18.24 31.71
N GLU B 89 9.51 -18.35 31.84
CA GLU B 89 10.21 -17.81 33.00
C GLU B 89 10.41 -16.30 32.88
N THR B 90 10.16 -15.58 33.98
CA THR B 90 10.36 -14.14 34.08
C THR B 90 11.75 -13.73 33.64
N CYS B 91 11.82 -12.56 33.02
CA CYS B 91 13.08 -11.99 32.57
C CYS B 91 14.04 -11.83 33.73
N GLU B 92 15.30 -12.23 33.53
CA GLU B 92 16.32 -12.09 34.57
C GLU B 92 17.60 -11.54 33.98
N SER B 93 18.25 -10.65 34.74
CA SER B 93 19.46 -9.99 34.26
C SER B 93 20.70 -10.86 34.52
N ILE B 94 21.25 -11.40 33.44
CA ILE B 94 22.50 -12.15 33.46
C ILE B 94 23.73 -11.23 33.39
N ASP B 95 24.10 -10.64 34.54
CA ASP B 95 25.25 -9.73 34.61
C ASP B 95 26.58 -10.44 34.48
N THR B 96 26.65 -11.67 34.98
CA THR B 96 27.79 -12.55 34.72
C THR B 96 27.31 -13.96 34.34
N PRO B 97 27.97 -14.59 33.36
CA PRO B 97 27.46 -15.80 32.75
C PRO B 97 27.49 -17.00 33.69
N GLU B 98 26.33 -17.59 33.93
CA GLU B 98 26.23 -18.79 34.75
C GLU B 98 26.44 -20.02 33.87
N CYS B 99 27.69 -20.53 33.88
CA CYS B 99 28.07 -21.68 33.06
C CYS B 99 28.32 -22.93 33.90
N PRO B 100 28.18 -24.11 33.28
CA PRO B 100 28.70 -25.35 33.88
C PRO B 100 30.23 -25.31 34.01
N ALA B 101 30.80 -26.15 34.88
CA ALA B 101 32.24 -26.15 35.16
C ALA B 101 33.09 -26.51 33.94
N GLU B 102 32.52 -27.25 33.00
CA GLU B 102 33.19 -27.62 31.76
C GLU B 102 33.40 -26.42 30.85
N PHE B 103 32.50 -25.43 30.95
CA PHE B 103 32.53 -24.23 30.11
C PHE B 103 33.27 -23.07 30.79
N GLU B 104 34.38 -22.66 30.18
CA GLU B 104 35.19 -21.57 30.74
C GLU B 104 34.71 -20.18 30.29
N SER B 105 33.82 -20.15 29.31
CA SER B 105 33.20 -18.90 28.89
C SER B 105 32.01 -19.19 27.96
N PRO B 106 31.05 -18.26 27.87
CA PRO B 106 29.86 -18.53 27.06
C PRO B 106 30.18 -18.46 25.57
N PRO B 107 29.76 -19.49 24.80
CA PRO B 107 29.94 -19.45 23.36
C PRO B 107 28.89 -18.55 22.69
N THR B 108 29.06 -18.29 21.40
CA THR B 108 28.04 -17.55 20.65
C THR B 108 27.45 -18.42 19.54
N LEU B 109 26.15 -18.25 19.33
CA LEU B 109 25.42 -18.98 18.31
C LEU B 109 24.75 -17.97 17.36
N LEU B 110 25.04 -18.11 16.07
CA LEU B 110 24.49 -17.25 15.06
C LEU B 110 23.36 -17.99 14.34
N PHE B 111 22.13 -17.62 14.66
CA PHE B 111 20.94 -18.37 14.25
C PHE B 111 20.24 -17.53 13.20
N SER B 112 20.24 -17.99 11.95
CA SER B 112 19.65 -17.22 10.84
C SER B 112 18.31 -17.78 10.39
N LEU B 113 17.30 -16.91 10.36
CA LEU B 113 16.00 -17.21 9.78
C LEU B 113 15.89 -16.44 8.46
N ASP B 114 15.89 -17.18 7.37
CA ASP B 114 15.94 -16.58 6.05
C ASP B 114 14.65 -15.80 5.75
N GLY B 115 14.80 -14.64 5.12
CA GLY B 115 13.67 -13.82 4.68
C GLY B 115 12.72 -13.38 5.79
N PHE B 116 13.26 -13.25 7.01
CA PHE B 116 12.47 -12.78 8.14
C PHE B 116 12.60 -11.27 8.14
N ARG B 117 11.66 -10.62 7.47
CA ARG B 117 11.72 -9.17 7.35
C ARG B 117 11.38 -8.52 8.68
N ALA B 118 12.12 -7.48 9.04
CA ALA B 118 11.95 -6.83 10.32
C ALA B 118 10.49 -6.64 10.73
N GLU B 119 9.65 -6.34 9.73
CA GLU B 119 8.23 -6.02 9.92
C GLU B 119 7.41 -7.17 10.49
N TYR B 120 7.82 -8.40 10.19
CA TYR B 120 7.12 -9.58 10.66
C TYR B 120 7.02 -9.51 12.18
N LEU B 121 8.10 -9.13 12.82
CA LEU B 121 8.09 -9.02 14.26
C LEU B 121 7.34 -7.79 14.73
N HIS B 122 7.29 -6.74 13.91
CA HIS B 122 6.57 -5.53 14.27
C HIS B 122 5.08 -5.78 14.33
N THR B 123 4.58 -6.55 13.37
CA THR B 123 3.16 -6.78 13.22
C THR B 123 2.69 -8.05 13.92
N TRP B 124 3.48 -9.13 13.72
CA TRP B 124 3.11 -10.45 14.20
C TRP B 124 3.86 -10.82 15.48
N GLY B 125 4.48 -9.84 16.13
CA GLY B 125 5.17 -10.12 17.39
C GLY B 125 4.31 -10.81 18.43
N GLY B 126 3.04 -10.43 18.50
CA GLY B 126 2.11 -10.99 19.49
C GLY B 126 1.63 -12.39 19.17
N LEU B 127 2.12 -12.96 18.07
CA LEU B 127 1.88 -14.35 17.71
C LEU B 127 3.16 -15.16 17.87
N LEU B 128 4.17 -14.55 18.50
CA LEU B 128 5.52 -15.10 18.53
C LEU B 128 6.16 -14.82 19.90
N PRO B 129 5.68 -15.51 20.95
CA PRO B 129 6.11 -15.28 22.33
C PRO B 129 7.59 -15.58 22.60
N VAL B 130 8.19 -16.52 21.88
CA VAL B 130 9.58 -16.90 22.13
C VAL B 130 10.50 -15.81 21.62
N ILE B 131 10.36 -15.49 20.34
CA ILE B 131 11.15 -14.43 19.71
C ILE B 131 10.87 -13.08 20.37
N SER B 132 9.63 -12.89 20.82
CA SER B 132 9.28 -11.68 21.56
C SER B 132 10.00 -11.63 22.90
N LYS B 133 10.19 -12.78 23.57
CA LYS B 133 10.91 -12.77 24.85
C LYS B 133 12.38 -12.46 24.65
N LEU B 134 12.99 -13.06 23.63
CA LEU B 134 14.37 -12.76 23.26
C LEU B 134 14.56 -11.28 23.00
N LYS B 135 13.60 -10.68 22.28
CA LYS B 135 13.60 -9.26 22.00
C LYS B 135 13.51 -8.43 23.28
N ASN B 136 12.52 -8.76 24.12
CA ASN B 136 12.26 -7.98 25.32
C ASN B 136 13.30 -8.19 26.41
N CYS B 137 13.91 -9.36 26.43
CA CYS B 137 14.94 -9.69 27.41
C CYS B 137 16.33 -9.51 26.86
N GLY B 138 16.42 -9.21 25.56
CA GLY B 138 17.71 -9.04 24.91
C GLY B 138 17.90 -7.63 24.39
N THR B 139 18.66 -7.52 23.31
CA THR B 139 18.95 -6.27 22.67
C THR B 139 18.42 -6.32 21.25
N TYR B 140 17.48 -5.43 20.94
CA TYR B 140 16.70 -5.46 19.68
C TYR B 140 16.94 -4.22 18.83
N THR B 141 16.75 -4.35 17.52
CA THR B 141 16.57 -3.19 16.66
C THR B 141 15.44 -3.43 15.67
N LYS B 142 14.59 -2.41 15.54
CA LYS B 142 13.41 -2.47 14.69
C LYS B 142 13.77 -2.77 13.23
N ASN B 143 14.98 -2.38 12.83
CA ASN B 143 15.49 -2.71 11.50
C ASN B 143 17.00 -2.93 11.54
N MET B 144 17.45 -4.03 10.94
CA MET B 144 18.86 -4.21 10.61
C MET B 144 18.97 -4.10 9.10
N ARG B 145 19.80 -3.17 8.63
CA ARG B 145 19.94 -2.94 7.20
C ARG B 145 20.82 -4.02 6.59
N PRO B 146 20.31 -4.70 5.56
CA PRO B 146 21.12 -5.67 4.84
C PRO B 146 21.97 -4.97 3.79
N MET B 147 22.78 -5.75 3.07
CA MET B 147 23.60 -5.22 2.00
C MET B 147 22.87 -5.39 0.68
N TYR B 148 23.24 -4.57 -0.28
CA TYR B 148 22.69 -4.65 -1.63
C TYR B 148 23.59 -5.54 -2.48
N PRO B 149 23.01 -6.44 -3.29
CA PRO B 149 21.58 -6.70 -3.42
C PRO B 149 21.09 -7.52 -2.23
N THR B 150 19.81 -7.37 -1.88
CA THR B 150 19.25 -7.99 -0.69
C THR B 150 18.89 -9.46 -0.95
N LYS B 151 19.90 -10.23 -1.32
CA LYS B 151 19.76 -11.64 -1.63
C LYS B 151 20.43 -12.50 -0.57
N THR B 152 20.16 -13.79 -0.62
CA THR B 152 20.52 -14.71 0.45
C THR B 152 22.02 -14.94 0.62
N PHE B 153 22.72 -15.27 -0.46
CA PHE B 153 24.16 -15.54 -0.33
C PHE B 153 25.01 -14.31 0.03
N PRO B 154 24.85 -13.19 -0.71
CA PRO B 154 25.63 -11.98 -0.42
C PRO B 154 25.56 -11.55 1.04
N ASN B 155 24.35 -11.55 1.59
CA ASN B 155 24.13 -11.07 2.95
C ASN B 155 24.58 -12.04 4.04
N HIS B 156 24.33 -13.33 3.83
CA HIS B 156 24.82 -14.34 4.78
C HIS B 156 26.34 -14.30 4.90
N TYR B 157 27.01 -14.14 3.76
CA TYR B 157 28.47 -14.06 3.73
C TYR B 157 28.99 -12.70 4.22
N SER B 158 28.19 -11.63 4.09
CA SER B 158 28.57 -10.33 4.66
C SER B 158 28.50 -10.33 6.18
N ILE B 159 27.51 -11.02 6.73
CA ILE B 159 27.36 -11.12 8.18
C ILE B 159 28.61 -11.73 8.82
N VAL B 160 29.11 -12.82 8.22
CA VAL B 160 30.26 -13.56 8.77
C VAL B 160 31.61 -13.06 8.30
N THR B 161 31.61 -12.10 7.39
CA THR B 161 32.83 -11.46 6.92
C THR B 161 32.96 -10.01 7.40
N GLY B 162 31.85 -9.28 7.44
CA GLY B 162 31.88 -7.85 7.72
C GLY B 162 32.18 -7.03 6.48
N LEU B 163 32.18 -7.68 5.33
CA LEU B 163 32.56 -7.04 4.09
C LEU B 163 31.36 -6.75 3.22
N TYR B 164 31.49 -5.74 2.37
CA TYR B 164 30.53 -5.48 1.31
C TYR B 164 30.63 -6.61 0.30
N PRO B 165 29.52 -6.98 -0.35
CA PRO B 165 29.58 -7.95 -1.44
C PRO B 165 30.59 -7.60 -2.54
N GLU B 166 30.71 -6.31 -2.88
CA GLU B 166 31.67 -5.91 -3.89
C GLU B 166 33.05 -6.42 -3.51
N SER B 167 33.35 -6.48 -2.21
CA SER B 167 34.65 -6.97 -1.72
C SER B 167 34.72 -8.48 -1.50
N HIS B 168 33.74 -9.05 -0.80
CA HIS B 168 33.84 -10.46 -0.41
C HIS B 168 33.63 -11.47 -1.53
N GLY B 169 33.15 -11.02 -2.69
CA GLY B 169 33.15 -11.85 -3.90
C GLY B 169 31.80 -12.43 -4.30
N ILE B 170 30.97 -12.74 -3.31
CA ILE B 170 29.64 -13.29 -3.56
C ILE B 170 28.65 -12.14 -3.72
N ILE B 171 28.47 -11.68 -4.95
CA ILE B 171 27.62 -10.53 -5.21
C ILE B 171 26.17 -10.90 -5.51
N ASP B 172 25.89 -12.19 -5.74
CA ASP B 172 24.53 -12.70 -5.96
C ASP B 172 24.52 -14.23 -5.99
N ASN B 173 23.36 -14.85 -5.85
CA ASN B 173 23.26 -16.31 -5.85
C ASN B 173 23.54 -16.88 -7.24
N LYS B 174 23.43 -16.01 -8.24
CA LYS B 174 23.79 -16.34 -9.60
C LYS B 174 24.73 -15.23 -10.10
N MET B 175 25.90 -15.59 -10.62
CA MET B 175 26.85 -14.59 -11.09
C MET B 175 27.86 -15.20 -12.04
N TYR B 176 28.49 -14.35 -12.84
CA TYR B 176 29.48 -14.79 -13.81
C TYR B 176 30.75 -13.94 -13.74
N ASP B 177 31.89 -14.62 -13.77
CA ASP B 177 33.20 -13.99 -13.67
C ASP B 177 33.88 -14.08 -15.04
N PRO B 178 34.28 -12.92 -15.61
CA PRO B 178 34.97 -12.94 -16.90
C PRO B 178 36.40 -13.48 -16.84
N LYS B 179 37.09 -13.29 -15.71
CA LYS B 179 38.47 -13.71 -15.58
C LYS B 179 38.61 -15.19 -15.27
N MET B 180 37.60 -15.78 -14.62
CA MET B 180 37.54 -17.23 -14.44
C MET B 180 36.84 -17.90 -15.61
N ASN B 181 36.06 -17.11 -16.35
CA ASN B 181 35.23 -17.60 -17.44
C ASN B 181 34.31 -18.74 -17.01
N ALA B 182 33.84 -18.66 -15.75
CA ALA B 182 32.89 -19.63 -15.21
C ALA B 182 31.75 -18.92 -14.49
N SER B 183 30.64 -19.61 -14.32
CA SER B 183 29.46 -19.05 -13.64
C SER B 183 29.23 -19.71 -12.30
N PHE B 184 28.68 -18.94 -11.37
CA PHE B 184 28.43 -19.42 -10.04
C PHE B 184 26.94 -19.66 -9.88
N SER B 185 26.60 -20.79 -9.29
CA SER B 185 25.22 -21.20 -9.09
C SER B 185 25.12 -22.10 -7.86
N LEU B 186 24.07 -21.92 -7.04
CA LEU B 186 23.86 -22.76 -5.86
C LEU B 186 23.59 -24.20 -6.26
N LYS B 187 22.89 -24.36 -7.38
CA LYS B 187 22.57 -25.67 -7.95
C LYS B 187 23.79 -26.31 -8.66
N SER B 188 24.83 -25.52 -8.92
CA SER B 188 26.02 -25.98 -9.63
C SER B 188 27.09 -26.52 -8.69
N LYS B 189 28.04 -27.25 -9.26
CA LYS B 189 29.24 -27.70 -8.54
C LYS B 189 30.16 -26.52 -8.22
N GLU B 190 30.07 -25.46 -9.02
CA GLU B 190 30.86 -24.25 -8.80
C GLU B 190 30.67 -23.64 -7.40
N LYS B 191 29.48 -23.87 -6.82
CA LYS B 191 29.20 -23.54 -5.42
C LYS B 191 30.37 -23.84 -4.48
N PHE B 192 31.08 -24.95 -4.71
CA PHE B 192 32.14 -25.41 -3.81
C PHE B 192 33.55 -25.00 -4.26
N ASN B 193 33.63 -24.15 -5.28
CA ASN B 193 34.92 -23.65 -5.73
C ASN B 193 35.34 -22.48 -4.83
N PRO B 194 36.49 -22.61 -4.14
CA PRO B 194 36.95 -21.55 -3.24
C PRO B 194 37.17 -20.17 -3.87
N LEU B 195 37.54 -20.12 -5.15
CA LEU B 195 37.87 -18.86 -5.83
C LEU B 195 36.77 -17.79 -5.76
N TRP B 196 35.52 -18.21 -5.57
CA TRP B 196 34.39 -17.28 -5.44
C TRP B 196 34.39 -16.55 -4.09
N TYR B 197 34.70 -17.28 -3.02
CA TYR B 197 34.55 -16.76 -1.66
C TYR B 197 35.82 -16.05 -1.19
N LYS B 198 35.86 -14.74 -1.38
CA LYS B 198 37.00 -13.92 -0.95
C LYS B 198 36.78 -13.44 0.49
N GLY B 199 37.71 -12.67 1.03
CA GLY B 199 37.59 -12.19 2.42
C GLY B 199 37.87 -13.28 3.43
N GLN B 200 37.73 -12.97 4.72
CA GLN B 200 37.91 -13.99 5.77
C GLN B 200 36.65 -14.16 6.61
N PRO B 201 35.96 -15.32 6.47
CA PRO B 201 34.82 -15.63 7.33
C PRO B 201 35.24 -15.79 8.77
N ILE B 202 34.30 -15.59 9.70
CA ILE B 202 34.65 -15.61 11.11
C ILE B 202 35.17 -16.98 11.61
N TRP B 203 34.66 -18.08 11.08
CA TRP B 203 35.14 -19.41 11.51
C TRP B 203 36.60 -19.65 11.10
N VAL B 204 37.01 -19.04 9.99
CA VAL B 204 38.40 -19.05 9.57
C VAL B 204 39.22 -18.14 10.47
N THR B 205 38.65 -17.00 10.86
CA THR B 205 39.28 -16.12 11.84
C THR B 205 39.49 -16.89 13.14
N ALA B 206 38.44 -17.57 13.60
CA ALA B 206 38.49 -18.40 14.82
C ALA B 206 39.59 -19.47 14.73
N ASN B 207 39.67 -20.13 13.58
CA ASN B 207 40.67 -21.18 13.32
C ASN B 207 42.09 -20.65 13.46
N HIS B 208 42.38 -19.53 12.78
CA HIS B 208 43.68 -18.86 12.86
C HIS B 208 44.10 -18.48 14.27
N GLN B 209 43.11 -18.28 15.16
CA GLN B 209 43.35 -17.91 16.55
C GLN B 209 42.88 -18.98 17.52
N GLU B 210 42.77 -20.21 17.02
CA GLU B 210 42.62 -21.41 17.84
C GLU B 210 41.32 -21.46 18.62
N VAL B 211 40.24 -21.12 17.92
CA VAL B 211 38.89 -21.21 18.46
C VAL B 211 38.07 -22.12 17.55
N LYS B 212 37.45 -23.13 18.15
CA LYS B 212 36.69 -24.12 17.40
C LYS B 212 35.31 -23.60 16.96
N SER B 213 34.79 -24.19 15.89
CA SER B 213 33.58 -23.72 15.25
C SER B 213 32.73 -24.87 14.74
N GLY B 214 31.43 -24.81 15.03
CA GLY B 214 30.46 -25.79 14.55
C GLY B 214 29.34 -25.09 13.79
N THR B 215 29.38 -25.18 12.46
CA THR B 215 28.41 -24.51 11.60
C THR B 215 27.41 -25.53 11.09
N TYR B 216 26.13 -25.39 11.45
CA TYR B 216 25.17 -26.36 10.97
C TYR B 216 24.89 -26.14 9.50
N PHE B 217 24.35 -25.00 9.14
CA PHE B 217 24.36 -24.63 7.75
C PHE B 217 24.82 -23.20 7.69
N TRP B 218 25.55 -22.85 6.65
CA TRP B 218 25.82 -21.47 6.35
C TRP B 218 26.44 -21.36 4.98
N PRO B 219 26.21 -20.25 4.28
CA PRO B 219 26.93 -20.04 3.03
C PRO B 219 28.42 -19.84 3.23
N GLY B 220 29.21 -20.71 2.60
CA GLY B 220 30.66 -20.68 2.72
C GLY B 220 31.23 -21.80 3.57
N SER B 221 30.51 -22.17 4.62
CA SER B 221 30.99 -23.13 5.61
C SER B 221 31.19 -24.57 5.10
N ASP B 222 30.64 -24.93 3.94
CA ASP B 222 30.97 -26.22 3.30
C ASP B 222 31.98 -26.01 2.16
N VAL B 223 32.95 -25.12 2.39
CA VAL B 223 33.94 -24.76 1.38
C VAL B 223 35.29 -24.49 2.05
N GLU B 224 36.36 -24.92 1.37
CA GLU B 224 37.73 -24.66 1.81
C GLU B 224 38.13 -23.24 1.42
N ILE B 225 37.91 -22.28 2.31
CA ILE B 225 38.17 -20.89 1.96
C ILE B 225 39.67 -20.61 1.96
N ASP B 226 40.32 -20.68 3.12
CA ASP B 226 41.77 -20.56 3.13
C ASP B 226 42.37 -21.96 3.29
N GLY B 227 41.78 -22.93 2.59
CA GLY B 227 42.05 -24.34 2.86
C GLY B 227 41.54 -24.78 4.24
N ILE B 228 40.60 -24.03 4.80
CA ILE B 228 40.10 -24.27 6.17
C ILE B 228 38.60 -24.41 6.18
N LEU B 229 38.13 -25.49 6.80
CA LEU B 229 36.72 -25.69 7.10
C LEU B 229 36.47 -25.48 8.57
N PRO B 230 35.19 -25.31 8.93
CA PRO B 230 34.89 -25.27 10.35
C PRO B 230 35.13 -26.64 10.97
N ASP B 231 35.43 -26.66 12.25
CA ASP B 231 35.79 -27.90 12.92
C ASP B 231 34.68 -28.95 12.77
N ILE B 232 33.44 -28.55 13.00
CA ILE B 232 32.27 -29.35 12.63
C ILE B 232 31.51 -28.56 11.57
N TYR B 233 31.01 -29.25 10.55
CA TYR B 233 30.25 -28.59 9.48
C TYR B 233 29.38 -29.58 8.69
N LYS B 234 28.29 -29.08 8.10
CA LYS B 234 27.41 -29.91 7.26
C LYS B 234 27.33 -29.37 5.83
N VAL B 235 27.47 -30.26 4.86
CA VAL B 235 27.29 -29.92 3.46
C VAL B 235 25.81 -29.62 3.30
N TYR B 236 25.49 -28.51 2.64
CA TYR B 236 24.11 -28.06 2.54
C TYR B 236 23.16 -29.10 1.95
N ASN B 237 22.05 -29.30 2.65
CA ASN B 237 20.94 -30.13 2.19
C ASN B 237 19.69 -29.57 2.85
N GLY B 238 18.90 -28.81 2.08
CA GLY B 238 17.74 -28.11 2.60
C GLY B 238 16.62 -29.03 3.05
N SER B 239 16.68 -30.30 2.63
CA SER B 239 15.68 -31.28 3.03
C SER B 239 15.80 -31.70 4.51
N VAL B 240 16.94 -31.45 5.13
CA VAL B 240 17.17 -31.84 6.52
C VAL B 240 16.19 -31.08 7.41
N PRO B 241 15.24 -31.79 8.05
CA PRO B 241 14.27 -31.15 8.94
C PRO B 241 14.88 -30.21 9.96
N PHE B 242 14.14 -29.16 10.29
CA PHE B 242 14.68 -28.11 11.16
C PHE B 242 15.04 -28.62 12.56
N GLU B 243 14.36 -29.68 13.03
CA GLU B 243 14.57 -30.19 14.39
C GLU B 243 15.93 -30.88 14.52
N GLU B 244 16.29 -31.64 13.49
CA GLU B 244 17.59 -32.27 13.41
C GLU B 244 18.69 -31.23 13.54
N ARG B 245 18.51 -30.12 12.82
CA ARG B 245 19.49 -29.03 12.81
C ARG B 245 19.75 -28.52 14.23
N ILE B 246 18.69 -28.37 15.01
CA ILE B 246 18.80 -27.82 16.36
C ILE B 246 19.34 -28.85 17.35
N LEU B 247 18.82 -30.07 17.29
CA LEU B 247 19.30 -31.14 18.16
C LEU B 247 20.80 -31.36 17.95
N ALA B 248 21.23 -31.25 16.70
CA ALA B 248 22.63 -31.47 16.34
C ALA B 248 23.56 -30.42 16.97
N VAL B 249 23.10 -29.19 17.09
CA VAL B 249 23.88 -28.13 17.73
C VAL B 249 23.88 -28.34 19.24
N LEU B 250 22.70 -28.69 19.77
CA LEU B 250 22.57 -29.01 21.17
C LEU B 250 23.48 -30.19 21.59
N GLU B 251 23.68 -31.14 20.68
CA GLU B 251 24.58 -32.25 20.95
C GLU B 251 26.03 -31.79 20.87
N TRP B 252 26.37 -30.94 19.91
CA TRP B 252 27.75 -30.42 19.82
C TRP B 252 28.15 -29.63 21.06
N LEU B 253 27.18 -28.94 21.67
CA LEU B 253 27.42 -28.22 22.92
C LEU B 253 27.80 -29.16 24.07
N GLN B 254 27.26 -30.38 24.05
CA GLN B 254 27.56 -31.39 25.06
C GLN B 254 28.88 -32.15 24.84
N LEU B 255 29.59 -31.89 23.74
CA LEU B 255 30.90 -32.51 23.47
C LEU B 255 31.94 -32.08 24.50
N PRO B 256 33.01 -32.91 24.68
CA PRO B 256 34.12 -32.57 25.57
C PRO B 256 34.90 -31.34 25.09
N SER B 257 35.46 -30.57 26.03
CA SER B 257 35.98 -29.21 25.74
C SER B 257 37.01 -29.18 24.61
N HIS B 258 37.82 -30.23 24.51
CA HIS B 258 38.83 -30.33 23.45
C HIS B 258 38.23 -30.68 22.08
N GLU B 259 36.95 -31.05 22.05
CA GLU B 259 36.20 -31.31 20.82
C GLU B 259 35.13 -30.26 20.54
N ARG B 260 34.91 -29.34 21.48
CA ARG B 260 33.69 -28.53 21.52
C ARG B 260 33.87 -27.14 20.86
N PRO B 261 32.94 -26.74 19.98
CA PRO B 261 33.00 -25.37 19.39
C PRO B 261 32.68 -24.24 20.36
N HIS B 262 33.30 -23.08 20.14
CA HIS B 262 32.99 -21.85 20.87
C HIS B 262 32.08 -20.96 20.02
N PHE B 263 32.16 -21.14 18.70
CA PHE B 263 31.28 -20.47 17.75
C PHE B 263 30.37 -21.49 17.07
N TYR B 264 29.09 -21.13 16.93
CA TYR B 264 28.13 -21.98 16.22
C TYR B 264 27.28 -21.15 15.24
N THR B 265 26.91 -21.75 14.11
CA THR B 265 25.87 -21.18 13.24
C THR B 265 24.72 -22.16 13.13
N LEU B 266 23.58 -21.64 12.70
CA LEU B 266 22.40 -22.44 12.53
C LEU B 266 21.54 -21.70 11.53
N TYR B 267 20.99 -22.42 10.56
CA TYR B 267 20.30 -21.78 9.43
C TYR B 267 19.00 -22.49 9.05
N LEU B 268 17.91 -21.73 8.97
CA LEU B 268 16.62 -22.25 8.50
C LEU B 268 16.17 -21.50 7.27
N GLU B 269 15.53 -22.19 6.33
CA GLU B 269 15.02 -21.52 5.11
C GLU B 269 13.66 -20.81 5.26
N GLU B 270 13.05 -20.86 6.44
CA GLU B 270 11.81 -20.13 6.71
C GLU B 270 12.09 -18.95 7.61
N PRO B 271 11.28 -17.87 7.51
CA PRO B 271 10.05 -17.74 6.72
C PRO B 271 10.24 -17.41 5.23
N ASP B 272 11.48 -17.39 4.73
CA ASP B 272 11.75 -17.03 3.34
C ASP B 272 10.94 -17.86 2.36
N SER B 273 10.94 -19.18 2.52
CA SER B 273 10.31 -20.06 1.53
C SER B 273 8.82 -19.78 1.36
N SER B 274 8.12 -19.65 2.48
CA SER B 274 6.71 -19.35 2.47
C SER B 274 6.48 -17.93 1.92
N GLY B 275 7.44 -17.05 2.17
CA GLY B 275 7.45 -15.72 1.61
C GLY B 275 7.38 -15.71 0.09
N HIS B 276 8.14 -16.58 -0.58
CA HIS B 276 8.09 -16.62 -2.04
C HIS B 276 6.84 -17.27 -2.52
N SER B 277 6.58 -18.48 -2.02
CA SER B 277 5.50 -19.29 -2.53
C SER B 277 4.17 -18.59 -2.37
N HIS B 278 3.93 -17.99 -1.20
CA HIS B 278 2.61 -17.44 -0.90
C HIS B 278 2.57 -15.96 -0.59
N GLY B 279 3.74 -15.32 -0.51
CA GLY B 279 3.85 -13.89 -0.29
C GLY B 279 3.99 -13.59 1.18
N PRO B 280 4.61 -12.46 1.54
CA PRO B 280 4.60 -11.99 2.93
C PRO B 280 3.13 -11.67 3.15
N VAL B 281 2.61 -11.49 4.36
CA VAL B 281 1.09 -11.39 4.51
C VAL B 281 0.25 -12.45 3.76
N SER B 282 0.54 -13.70 4.09
CA SER B 282 -0.28 -14.85 3.77
C SER B 282 -0.42 -15.71 5.03
N SER B 283 -1.40 -16.60 5.03
CA SER B 283 -1.58 -17.57 6.11
C SER B 283 -0.34 -18.45 6.28
N GLU B 284 0.20 -18.88 5.14
CA GLU B 284 1.39 -19.72 5.11
C GLU B 284 2.59 -19.07 5.80
N VAL B 285 2.74 -17.75 5.67
CA VAL B 285 3.84 -17.08 6.35
C VAL B 285 3.61 -17.02 7.86
N ILE B 286 2.38 -16.70 8.28
CA ILE B 286 2.03 -16.75 9.71
C ILE B 286 2.35 -18.11 10.29
N LYS B 287 2.09 -19.16 9.52
CA LYS B 287 2.39 -20.52 9.97
C LYS B 287 3.90 -20.74 10.06
N ALA B 288 4.61 -20.40 9.00
CA ALA B 288 6.06 -20.49 8.98
C ALA B 288 6.65 -19.70 10.14
N LEU B 289 6.08 -18.54 10.44
CA LEU B 289 6.61 -17.69 11.49
C LEU B 289 6.49 -18.39 12.85
N GLN B 290 5.30 -18.90 13.11
CA GLN B 290 5.02 -19.64 14.34
C GLN B 290 5.84 -20.93 14.45
N LYS B 291 5.95 -21.66 13.35
CA LYS B 291 6.83 -22.83 13.28
C LYS B 291 8.24 -22.49 13.78
N VAL B 292 8.82 -21.45 13.20
CA VAL B 292 10.15 -21.01 13.53
C VAL B 292 10.26 -20.46 14.97
N ASP B 293 9.18 -19.86 15.49
CA ASP B 293 9.15 -19.37 16.87
C ASP B 293 9.25 -20.54 17.87
N ARG B 294 8.64 -21.67 17.50
CA ARG B 294 8.63 -22.85 18.36
C ARG B 294 9.99 -23.55 18.34
N LEU B 295 10.68 -23.48 17.21
CA LEU B 295 12.01 -24.05 17.10
C LEU B 295 13.05 -23.23 17.83
N VAL B 296 12.86 -21.92 17.86
CA VAL B 296 13.74 -21.08 18.67
C VAL B 296 13.45 -21.43 20.13
N GLY B 297 12.21 -21.79 20.42
CA GLY B 297 11.79 -22.22 21.75
C GLY B 297 12.37 -23.57 22.11
N MET B 298 12.31 -24.49 21.15
CA MET B 298 12.95 -25.80 21.31
C MET B 298 14.40 -25.64 21.72
N LEU B 299 15.14 -24.78 21.02
CA LEU B 299 16.54 -24.56 21.34
C LEU B 299 16.69 -23.99 22.75
N MET B 300 15.87 -23.00 23.11
CA MET B 300 16.00 -22.35 24.42
C MET B 300 15.77 -23.32 25.59
N ASP B 301 14.76 -24.18 25.45
CA ASP B 301 14.50 -25.25 26.40
C ASP B 301 15.67 -26.21 26.42
N GLY B 302 16.17 -26.53 25.22
CA GLY B 302 17.38 -27.33 25.07
C GLY B 302 18.52 -26.79 25.90
N LEU B 303 18.79 -25.50 25.78
CA LEU B 303 19.87 -24.88 26.55
C LEU B 303 19.58 -24.81 28.04
N LYS B 304 18.30 -24.64 28.37
CA LYS B 304 17.83 -24.63 29.75
C LYS B 304 18.03 -25.99 30.42
N ASP B 305 17.84 -27.06 29.65
CA ASP B 305 18.05 -28.43 30.12
C ASP B 305 19.53 -28.77 30.35
N LEU B 306 20.43 -28.07 29.66
CA LEU B 306 21.86 -28.28 29.82
C LEU B 306 22.48 -27.22 30.74
N GLY B 307 21.66 -26.35 31.33
CA GLY B 307 22.15 -25.26 32.17
C GLY B 307 23.02 -24.25 31.43
N LEU B 308 22.69 -24.04 30.15
CA LEU B 308 23.44 -23.13 29.30
C LEU B 308 22.67 -21.85 28.95
N ASP B 309 21.39 -21.77 29.32
CA ASP B 309 20.55 -20.64 28.91
C ASP B 309 20.87 -19.31 29.59
N LYS B 310 21.84 -19.34 30.51
CA LYS B 310 22.44 -18.11 31.03
C LYS B 310 23.94 -18.09 30.75
N CYS B 311 24.35 -18.83 29.72
CA CYS B 311 25.77 -19.03 29.39
C CYS B 311 25.95 -19.19 27.88
N LEU B 312 25.16 -18.45 27.11
CA LEU B 312 25.24 -18.49 25.66
C LEU B 312 24.87 -17.13 25.09
N ASN B 313 25.64 -16.68 24.11
CA ASN B 313 25.37 -15.45 23.40
C ASN B 313 24.72 -15.77 22.08
N LEU B 314 23.41 -15.55 22.00
CA LEU B 314 22.63 -15.79 20.79
C LEU B 314 22.44 -14.51 19.97
N ILE B 315 22.81 -14.58 18.69
CA ILE B 315 22.41 -13.60 17.70
C ILE B 315 21.36 -14.30 16.86
N LEU B 316 20.11 -13.86 16.98
CA LEU B 316 19.03 -14.29 16.09
C LEU B 316 18.94 -13.23 15.01
N ILE B 317 19.04 -13.64 13.76
CA ILE B 317 19.28 -12.72 12.67
C ILE B 317 18.59 -13.17 11.38
N SER B 318 18.43 -12.25 10.43
CA SER B 318 17.95 -12.58 9.09
C SER B 318 18.82 -11.93 8.00
N ASP B 319 18.75 -12.50 6.81
CA ASP B 319 19.61 -12.05 5.71
C ASP B 319 19.07 -10.82 5.00
N HIS B 320 17.75 -10.80 4.85
CA HIS B 320 17.03 -9.75 4.12
C HIS B 320 15.55 -9.88 4.45
N GLY B 321 14.72 -8.98 3.92
CA GLY B 321 13.27 -9.06 4.13
C GLY B 321 12.53 -9.73 2.98
N MET B 322 11.30 -9.30 2.74
CA MET B 322 10.48 -9.88 1.69
C MET B 322 9.48 -8.84 1.20
N GLU B 323 9.03 -9.02 -0.03
CA GLU B 323 8.15 -8.08 -0.69
C GLU B 323 7.23 -8.85 -1.61
N GLN B 324 6.05 -8.31 -1.87
CA GLN B 324 5.09 -8.92 -2.76
C GLN B 324 5.33 -8.53 -4.21
N GLY B 325 5.48 -9.52 -5.08
CA GLY B 325 5.67 -9.26 -6.51
C GLY B 325 4.33 -9.11 -7.17
N SER B 326 4.32 -8.83 -8.47
CA SER B 326 3.07 -8.66 -9.21
C SER B 326 3.36 -8.66 -10.70
N CYS B 327 2.58 -9.41 -11.45
CA CYS B 327 2.77 -9.45 -12.90
C CYS B 327 2.47 -8.11 -13.55
N LYS B 328 1.78 -7.23 -12.81
CA LYS B 328 1.56 -5.85 -13.22
C LYS B 328 2.73 -4.91 -12.92
N LYS B 329 3.75 -5.40 -12.22
CA LYS B 329 4.92 -4.58 -11.90
C LYS B 329 6.18 -5.29 -12.32
N TYR B 330 6.19 -5.72 -13.57
CA TYR B 330 7.36 -6.38 -14.12
C TYR B 330 7.76 -5.72 -15.44
N VAL B 331 8.97 -5.17 -15.47
CA VAL B 331 9.59 -4.60 -16.68
C VAL B 331 10.29 -5.65 -17.53
N TYR B 332 10.00 -5.68 -18.83
CA TYR B 332 10.66 -6.58 -19.77
C TYR B 332 11.39 -5.75 -20.84
N LEU B 333 12.70 -5.99 -20.97
CA LEU B 333 13.54 -5.22 -21.90
C LEU B 333 13.25 -5.51 -23.38
N ASN B 334 12.74 -6.70 -23.70
CA ASN B 334 12.42 -7.03 -25.09
C ASN B 334 11.47 -6.02 -25.73
N LYS B 335 10.73 -5.28 -24.90
CA LYS B 335 9.87 -4.19 -25.38
C LYS B 335 10.67 -3.07 -26.05
N TYR B 336 11.83 -2.74 -25.51
CA TYR B 336 12.66 -1.65 -26.02
C TYR B 336 13.79 -2.15 -26.94
N LEU B 337 14.10 -3.44 -26.85
CA LEU B 337 15.22 -4.04 -27.58
C LEU B 337 14.80 -5.00 -28.68
N GLY B 338 13.59 -5.56 -28.56
CA GLY B 338 13.19 -6.69 -29.39
C GLY B 338 13.76 -7.97 -28.81
N ASP B 339 13.40 -9.11 -29.41
CA ASP B 339 13.93 -10.40 -28.97
C ASP B 339 15.36 -10.57 -29.48
N VAL B 340 16.32 -10.30 -28.60
CA VAL B 340 17.76 -10.34 -28.94
C VAL B 340 18.49 -11.49 -28.26
N ASN B 341 19.52 -11.99 -28.94
CA ASN B 341 20.31 -13.12 -28.48
C ASN B 341 21.70 -12.73 -28.00
N ASN B 342 22.05 -11.44 -28.11
CA ASN B 342 23.39 -10.99 -27.78
C ASN B 342 23.54 -10.49 -26.33
N VAL B 343 22.52 -10.65 -25.47
CA VAL B 343 22.59 -10.19 -24.08
C VAL B 343 21.99 -11.17 -23.07
N LYS B 344 22.62 -11.26 -21.89
CA LYS B 344 22.07 -12.00 -20.75
C LYS B 344 21.70 -11.02 -19.68
N VAL B 345 20.53 -11.22 -19.08
CA VAL B 345 20.07 -10.38 -17.98
C VAL B 345 19.86 -11.24 -16.73
N VAL B 346 20.42 -10.82 -15.61
CA VAL B 346 20.08 -11.42 -14.33
C VAL B 346 18.76 -10.78 -13.93
N TYR B 347 17.67 -11.54 -13.98
CA TYR B 347 16.34 -10.99 -13.70
C TYR B 347 16.18 -10.68 -12.23
N GLY B 348 15.22 -9.83 -11.90
CA GLY B 348 14.94 -9.47 -10.50
C GLY B 348 14.81 -7.97 -10.28
N PRO B 349 14.72 -7.54 -9.01
CA PRO B 349 14.68 -6.13 -8.67
C PRO B 349 16.03 -5.45 -8.77
N ALA B 350 17.10 -6.23 -8.75
CA ALA B 350 18.44 -5.69 -8.86
C ALA B 350 19.08 -6.26 -10.12
N ALA B 351 18.35 -6.19 -11.22
CA ALA B 351 18.77 -6.81 -12.46
C ALA B 351 20.06 -6.20 -13.01
N ARG B 352 20.86 -7.05 -13.66
CA ARG B 352 22.13 -6.66 -14.23
C ARG B 352 22.19 -7.23 -15.63
N LEU B 353 22.97 -6.61 -16.50
CA LEU B 353 23.03 -6.99 -17.90
C LEU B 353 24.47 -7.09 -18.38
N ARG B 354 24.74 -8.11 -19.20
CA ARG B 354 25.99 -8.20 -19.92
C ARG B 354 25.74 -8.86 -21.27
N PRO B 355 26.63 -8.63 -22.24
CA PRO B 355 26.49 -9.26 -23.55
C PRO B 355 26.92 -10.74 -23.54
N THR B 356 26.41 -11.49 -24.51
CA THR B 356 26.53 -12.95 -24.55
C THR B 356 27.97 -13.44 -24.72
N ASP B 357 28.73 -12.86 -25.65
CA ASP B 357 30.09 -13.35 -25.91
C ASP B 357 30.95 -13.32 -24.65
N VAL B 358 31.65 -14.43 -24.44
CA VAL B 358 32.25 -14.78 -23.16
C VAL B 358 33.75 -15.06 -23.33
N PRO B 359 34.62 -14.12 -22.91
CA PRO B 359 34.42 -12.73 -22.52
C PRO B 359 35.00 -11.68 -23.53
N GLU B 360 35.02 -12.03 -24.82
CA GLU B 360 35.66 -11.17 -25.85
C GLU B 360 34.90 -9.86 -26.11
N THR B 361 33.56 -9.95 -26.20
CA THR B 361 32.71 -8.78 -26.44
C THR B 361 32.56 -7.92 -25.17
N TYR B 362 32.74 -8.56 -24.01
CA TYR B 362 32.28 -8.05 -22.71
C TYR B 362 32.68 -6.63 -22.29
N TYR B 363 33.95 -6.26 -22.48
CA TYR B 363 34.42 -4.93 -22.05
C TYR B 363 34.12 -3.83 -23.07
N SER B 364 34.23 -4.15 -24.35
CA SER B 364 34.08 -3.16 -25.43
C SER B 364 32.72 -3.25 -26.12
N PHE B 365 31.66 -3.37 -25.34
CA PHE B 365 30.29 -3.56 -25.85
C PHE B 365 29.50 -2.26 -26.05
N ASN B 366 29.99 -1.17 -25.48
CA ASN B 366 29.26 0.11 -25.44
C ASN B 366 27.96 -0.02 -24.68
N TYR B 367 28.09 -0.15 -23.37
CA TYR B 367 26.95 -0.16 -22.47
C TYR B 367 26.34 1.24 -22.37
N GLU B 368 27.15 2.29 -22.49
CA GLU B 368 26.67 3.68 -22.49
C GLU B 368 25.48 3.86 -23.41
N ALA B 369 25.66 3.42 -24.66
CA ALA B 369 24.62 3.57 -25.69
C ALA B 369 23.35 2.89 -25.26
N LEU B 370 23.49 1.65 -24.79
CA LEU B 370 22.34 0.85 -24.35
C LEU B 370 21.66 1.53 -23.18
N ALA B 371 22.44 1.90 -22.17
CA ALA B 371 21.90 2.55 -20.97
C ALA B 371 21.10 3.81 -21.33
N LYS B 372 21.61 4.58 -22.28
CA LYS B 372 20.93 5.79 -22.72
C LYS B 372 19.65 5.45 -23.47
N ASN B 373 19.70 4.42 -24.31
CA ASN B 373 18.53 3.91 -25.03
C ASN B 373 17.39 3.64 -24.04
N LEU B 374 17.71 2.99 -22.93
CA LEU B 374 16.72 2.54 -21.95
C LEU B 374 16.31 3.61 -20.93
N SER B 375 17.04 4.72 -20.91
CA SER B 375 16.74 5.82 -19.99
C SER B 375 15.50 6.61 -20.43
N CYS B 376 14.65 6.96 -19.47
CA CYS B 376 13.53 7.90 -19.67
C CYS B 376 12.62 7.57 -20.85
N ARG B 377 12.36 6.29 -21.09
CA ARG B 377 11.47 5.89 -22.17
C ARG B 377 10.00 6.11 -21.87
N GLU B 378 9.63 6.17 -20.60
CA GLU B 378 8.23 6.21 -20.22
C GLU B 378 7.97 7.10 -19.02
N PRO B 379 6.75 7.65 -18.91
CA PRO B 379 6.43 8.76 -18.01
C PRO B 379 6.76 8.55 -16.53
N ASN B 380 6.46 7.38 -15.97
CA ASN B 380 6.84 7.13 -14.58
C ASN B 380 7.58 5.83 -14.51
N GLN B 381 8.68 5.79 -15.24
CA GLN B 381 9.46 4.59 -15.41
C GLN B 381 9.86 4.05 -14.03
N HIS B 382 9.64 2.75 -13.82
CA HIS B 382 9.93 2.16 -12.52
C HIS B 382 11.24 1.40 -12.52
N PHE B 383 12.02 1.56 -13.59
CA PHE B 383 13.37 1.05 -13.67
C PHE B 383 14.28 2.13 -14.24
N ARG B 384 15.54 2.10 -13.84
CA ARG B 384 16.48 3.10 -14.25
C ARG B 384 17.82 2.46 -14.49
N PRO B 385 18.31 2.51 -15.74
CA PRO B 385 19.61 1.91 -16.03
C PRO B 385 20.75 2.73 -15.43
N TYR B 386 21.73 2.02 -14.90
CA TYR B 386 22.88 2.64 -14.27
C TYR B 386 24.14 1.91 -14.73
N LEU B 387 25.11 2.65 -15.26
CA LEU B 387 26.46 2.12 -15.34
C LEU B 387 26.91 2.05 -13.90
N LYS B 388 27.50 0.94 -13.51
CA LYS B 388 27.67 0.62 -12.08
C LYS B 388 28.45 1.62 -11.22
N PRO B 389 29.35 2.42 -11.84
CA PRO B 389 29.94 3.48 -11.02
C PRO B 389 29.00 4.67 -10.73
N PHE B 390 27.85 4.73 -11.40
CA PHE B 390 26.91 5.82 -11.16
C PHE B 390 25.74 5.42 -10.27
N LEU B 391 25.70 4.15 -9.83
CA LEU B 391 24.79 3.78 -8.76
C LEU B 391 25.14 4.60 -7.54
N PRO B 392 24.19 4.80 -6.62
CA PRO B 392 24.46 5.50 -5.37
C PRO B 392 25.60 4.86 -4.60
N LYS B 393 26.45 5.69 -4.00
CA LYS B 393 27.65 5.17 -3.34
C LYS B 393 27.33 4.41 -2.07
N ARG B 394 26.19 4.72 -1.48
CA ARG B 394 25.76 4.01 -0.28
C ARG B 394 25.58 2.51 -0.53
N LEU B 395 25.23 2.14 -1.76
CA LEU B 395 25.02 0.73 -2.10
C LEU B 395 26.31 -0.07 -2.18
N HIS B 396 27.43 0.61 -2.38
CA HIS B 396 28.75 -0.02 -2.44
C HIS B 396 28.75 -1.23 -3.36
N PHE B 397 28.28 -1.02 -4.58
CA PHE B 397 28.04 -2.13 -5.49
C PHE B 397 28.73 -2.05 -6.84
N ALA B 398 29.98 -1.56 -6.89
CA ALA B 398 30.65 -1.38 -8.18
C ALA B 398 31.95 -2.13 -8.33
N LYS B 399 32.75 -2.23 -7.27
CA LYS B 399 34.16 -2.65 -7.37
C LYS B 399 34.32 -4.17 -7.43
N SER B 400 33.94 -4.75 -8.55
CA SER B 400 34.10 -6.19 -8.75
C SER B 400 33.86 -6.52 -10.21
N ASP B 401 34.67 -7.42 -10.76
CA ASP B 401 34.48 -7.88 -12.14
C ASP B 401 33.20 -8.71 -12.19
N ARG B 402 32.89 -9.37 -11.09
CA ARG B 402 31.68 -10.19 -10.98
C ARG B 402 30.40 -9.34 -11.24
N ILE B 403 30.43 -8.06 -10.88
CA ILE B 403 29.31 -7.15 -11.10
C ILE B 403 29.34 -6.64 -12.54
N GLU B 404 28.23 -6.81 -13.25
CA GLU B 404 28.20 -6.44 -14.66
C GLU B 404 28.25 -4.94 -14.80
N PRO B 405 28.77 -4.45 -15.94
CA PRO B 405 28.87 -3.00 -16.15
C PRO B 405 27.54 -2.26 -16.09
N LEU B 406 26.47 -2.87 -16.58
CA LEU B 406 25.15 -2.25 -16.60
C LEU B 406 24.22 -2.87 -15.57
N THR B 407 23.82 -2.09 -14.57
CA THR B 407 22.87 -2.51 -13.56
C THR B 407 21.58 -1.71 -13.69
N PHE B 408 20.53 -2.16 -13.00
CA PHE B 408 19.24 -1.49 -13.01
C PHE B 408 18.75 -1.28 -11.59
N TYR B 409 18.23 -0.09 -11.32
CA TYR B 409 17.64 0.23 -10.04
C TYR B 409 16.13 0.23 -10.21
N LEU B 410 15.43 -0.62 -9.45
CA LEU B 410 13.95 -0.65 -9.52
C LEU B 410 13.24 -0.03 -8.35
N ASP B 411 12.09 0.59 -8.65
CA ASP B 411 11.21 1.16 -7.64
C ASP B 411 10.70 0.05 -6.76
N PRO B 412 10.28 0.38 -5.55
CA PRO B 412 9.74 -0.65 -4.68
C PRO B 412 8.65 -1.46 -5.34
N GLN B 413 8.66 -2.77 -5.08
CA GLN B 413 7.71 -3.76 -5.63
C GLN B 413 7.93 -4.16 -7.09
N TRP B 414 8.80 -3.46 -7.81
CA TRP B 414 9.05 -3.72 -9.22
C TRP B 414 10.24 -4.65 -9.47
N GLN B 415 10.18 -5.33 -10.62
CA GLN B 415 11.22 -6.27 -11.06
C GLN B 415 11.42 -6.20 -12.57
N LEU B 416 12.62 -6.57 -13.02
CA LEU B 416 12.98 -6.50 -14.44
C LEU B 416 13.50 -7.86 -14.94
N ALA B 417 13.14 -8.19 -16.17
CA ALA B 417 13.68 -9.36 -16.84
C ALA B 417 13.89 -9.00 -18.29
N LEU B 418 14.50 -9.91 -19.07
CA LEU B 418 14.66 -9.64 -20.49
C LEU B 418 13.33 -9.82 -21.20
N ASN B 419 12.54 -10.78 -20.74
CA ASN B 419 11.23 -11.06 -21.30
C ASN B 419 10.42 -11.88 -20.28
N PRO B 420 9.13 -12.13 -20.55
CA PRO B 420 8.31 -12.91 -19.63
C PRO B 420 8.80 -14.34 -19.35
N SER B 421 9.58 -14.91 -20.28
CA SER B 421 10.07 -16.27 -20.15
C SER B 421 11.25 -16.40 -19.20
N GLU B 422 12.09 -15.37 -19.11
CA GLU B 422 13.28 -15.42 -18.23
C GLU B 422 12.91 -15.42 -16.77
N ARG B 423 12.07 -14.48 -16.35
CA ARG B 423 11.67 -14.36 -14.95
C ARG B 423 11.07 -15.63 -14.33
N LYS B 424 11.16 -15.71 -13.00
CA LYS B 424 10.36 -16.63 -12.21
C LYS B 424 8.90 -16.23 -12.35
N TYR B 425 7.99 -17.00 -11.74
CA TYR B 425 6.60 -16.62 -11.71
C TYR B 425 6.47 -15.26 -11.03
N CYS B 426 5.76 -14.32 -11.67
CA CYS B 426 5.74 -12.91 -11.25
C CYS B 426 4.83 -12.62 -10.06
N GLY B 427 3.91 -13.53 -9.78
CA GLY B 427 3.04 -13.38 -8.62
C GLY B 427 3.71 -13.65 -7.29
N SER B 428 4.92 -14.22 -7.30
CA SER B 428 5.60 -14.63 -6.06
C SER B 428 6.04 -13.48 -5.19
N GLY B 429 6.49 -13.80 -3.98
CA GLY B 429 7.20 -12.84 -3.14
C GLY B 429 8.61 -12.79 -3.67
N PHE B 430 9.30 -11.68 -3.45
CA PHE B 430 10.69 -11.53 -3.90
C PHE B 430 11.48 -10.63 -2.97
N HIS B 431 12.78 -10.53 -3.24
CA HIS B 431 13.65 -9.58 -2.55
C HIS B 431 14.88 -9.35 -3.41
N GLY B 432 15.74 -8.44 -2.98
CA GLY B 432 16.91 -8.03 -3.76
C GLY B 432 16.97 -6.53 -3.98
N SER B 433 15.84 -5.86 -3.75
CA SER B 433 15.71 -4.42 -3.93
C SER B 433 16.62 -3.59 -3.05
N ASP B 434 16.64 -2.29 -3.34
CA ASP B 434 17.37 -1.30 -2.54
C ASP B 434 17.34 -1.64 -1.05
N ASN B 435 18.51 -1.84 -0.45
CA ASN B 435 18.59 -2.20 0.96
C ASN B 435 18.09 -1.16 1.96
N LEU B 436 17.58 -0.03 1.48
CA LEU B 436 16.98 0.95 2.37
C LEU B 436 15.46 0.96 2.28
N PHE B 437 14.89 0.12 1.41
CA PHE B 437 13.44 -0.05 1.41
C PHE B 437 13.04 -0.76 2.70
N SER B 438 11.93 -0.34 3.28
CA SER B 438 11.54 -0.82 4.61
C SER B 438 11.30 -2.33 4.66
N ASN B 439 10.67 -2.88 3.62
CA ASN B 439 10.36 -4.30 3.62
C ASN B 439 11.55 -5.22 3.34
N MET B 440 12.69 -4.64 2.98
CA MET B 440 13.92 -5.41 2.86
C MET B 440 14.69 -5.42 4.19
N GLN B 441 14.32 -4.56 5.13
CA GLN B 441 14.99 -4.54 6.42
C GLN B 441 14.89 -5.89 7.12
N ALA B 442 15.84 -6.14 8.02
CA ALA B 442 16.06 -7.48 8.57
C ALA B 442 15.94 -7.55 10.09
N LEU B 443 15.90 -8.79 10.57
CA LEU B 443 15.79 -9.06 12.00
C LEU B 443 17.15 -9.20 12.70
N PHE B 444 17.27 -8.60 13.88
CA PHE B 444 18.41 -8.80 14.75
C PHE B 444 17.94 -8.73 16.19
N ILE B 445 18.20 -9.79 16.93
CA ILE B 445 18.05 -9.79 18.38
C ILE B 445 19.30 -10.42 18.98
N GLY B 446 19.91 -9.70 19.91
CA GLY B 446 21.05 -10.24 20.65
C GLY B 446 20.57 -10.54 22.05
N TYR B 447 20.71 -11.80 22.48
CA TYR B 447 20.36 -12.19 23.84
C TYR B 447 21.49 -13.01 24.44
N GLY B 448 21.80 -12.74 25.70
CA GLY B 448 22.87 -13.46 26.40
C GLY B 448 23.51 -12.67 27.50
N PRO B 449 24.50 -13.26 28.17
CA PRO B 449 25.20 -12.57 29.26
C PRO B 449 26.08 -11.42 28.81
N ALA B 450 26.15 -11.13 27.52
CA ALA B 450 26.95 -10.03 26.99
C ALA B 450 26.05 -8.87 26.57
N PHE B 451 24.89 -9.19 26.00
CA PHE B 451 23.94 -8.19 25.51
C PHE B 451 23.03 -7.63 26.61
N LYS B 452 22.85 -6.31 26.59
CA LYS B 452 21.92 -5.65 27.51
C LYS B 452 20.55 -6.29 27.46
N HIS B 453 19.85 -6.26 28.58
CA HIS B 453 18.51 -6.82 28.63
C HIS B 453 17.49 -5.74 28.43
N GLY B 454 16.61 -5.95 27.44
CA GLY B 454 15.52 -5.01 27.14
C GLY B 454 16.00 -3.66 26.65
N ALA B 455 17.02 -3.66 25.80
CA ALA B 455 17.53 -2.45 25.20
C ALA B 455 17.14 -2.45 23.73
N GLU B 456 16.52 -1.38 23.27
CA GLU B 456 16.21 -1.21 21.85
C GLU B 456 17.14 -0.16 21.29
N VAL B 457 17.71 -0.44 20.11
CA VAL B 457 18.71 0.45 19.51
C VAL B 457 18.35 0.80 18.07
N ASP B 458 18.96 1.87 17.56
CA ASP B 458 18.70 2.30 16.19
C ASP B 458 19.33 1.36 15.21
N SER B 459 18.81 1.36 13.99
CA SER B 459 19.25 0.45 12.96
C SER B 459 20.75 0.55 12.68
N PHE B 460 21.38 -0.60 12.49
CA PHE B 460 22.74 -0.69 12.04
C PHE B 460 22.79 -1.68 10.89
N GLU B 461 23.89 -1.66 10.14
CA GLU B 461 24.05 -2.54 8.97
C GLU B 461 24.61 -3.88 9.42
N ASN B 462 24.29 -4.94 8.71
CA ASN B 462 24.71 -6.28 9.15
C ASN B 462 26.23 -6.50 9.10
N ILE B 463 26.94 -5.73 8.29
CA ILE B 463 28.41 -5.84 8.24
C ILE B 463 29.05 -5.46 9.57
N GLU B 464 28.32 -4.76 10.42
CA GLU B 464 28.82 -4.41 11.74
C GLU B 464 28.90 -5.64 12.66
N VAL B 465 28.22 -6.72 12.28
CA VAL B 465 28.14 -7.89 13.16
C VAL B 465 29.46 -8.69 13.20
N TYR B 466 30.23 -8.71 12.12
CA TYR B 466 31.52 -9.43 12.13
C TYR B 466 32.34 -9.04 13.35
N ASN B 467 32.53 -7.75 13.55
CA ASN B 467 33.30 -7.28 14.69
C ASN B 467 32.68 -7.63 16.04
N LEU B 468 31.36 -7.57 16.11
CA LEU B 468 30.65 -7.89 17.35
C LEU B 468 30.93 -9.33 17.78
N MET B 469 30.87 -10.25 16.82
CA MET B 469 31.09 -11.67 17.10
C MET B 469 32.56 -11.96 17.41
N CYS B 470 33.47 -11.18 16.84
CA CYS B 470 34.88 -11.24 17.21
C CYS B 470 35.06 -10.83 18.67
N ASP B 471 34.43 -9.72 19.06
CA ASP B 471 34.46 -9.25 20.45
C ASP B 471 33.82 -10.26 21.40
N LEU B 472 32.80 -10.97 20.93
CA LEU B 472 32.13 -11.97 21.76
C LEU B 472 32.96 -13.25 21.88
N LEU B 473 33.60 -13.66 20.79
CA LEU B 473 34.44 -14.86 20.80
C LEU B 473 35.84 -14.58 21.31
N GLY B 474 36.21 -13.30 21.37
CA GLY B 474 37.54 -12.89 21.84
C GLY B 474 38.58 -13.00 20.74
N LEU B 475 38.23 -12.55 19.53
CA LEU B 475 39.09 -12.68 18.37
C LEU B 475 39.49 -11.31 17.84
N ILE B 476 40.73 -11.19 17.37
CA ILE B 476 41.18 -9.99 16.66
C ILE B 476 40.60 -10.04 15.25
N PRO B 477 39.76 -9.05 14.89
CA PRO B 477 39.05 -9.14 13.61
C PRO B 477 39.93 -8.84 12.40
N ALA B 478 39.70 -9.58 11.32
CA ALA B 478 40.31 -9.30 10.04
C ALA B 478 39.79 -7.96 9.50
N PRO B 479 40.57 -7.31 8.60
CA PRO B 479 40.11 -6.02 8.10
C PRO B 479 38.76 -6.15 7.38
N ASN B 480 37.76 -5.40 7.83
CA ASN B 480 36.40 -5.42 7.25
C ASN B 480 35.90 -3.99 7.08
N ASN B 481 34.62 -3.85 6.67
CA ASN B 481 34.00 -2.55 6.45
C ASN B 481 33.12 -2.11 7.61
N GLY B 482 33.21 -2.83 8.72
CA GLY B 482 32.47 -2.49 9.93
C GLY B 482 33.30 -1.58 10.80
N SER B 483 32.67 -0.55 11.37
CA SER B 483 33.33 0.36 12.29
C SER B 483 33.42 -0.26 13.68
N HIS B 484 34.59 -0.80 14.01
CA HIS B 484 34.81 -1.48 15.29
C HIS B 484 34.46 -0.58 16.48
N GLY B 485 33.50 -1.03 17.29
CA GLY B 485 33.08 -0.31 18.48
C GLY B 485 31.76 0.43 18.33
N SER B 486 31.24 0.49 17.10
CA SER B 486 29.98 1.20 16.83
C SER B 486 28.75 0.52 17.46
N LEU B 487 28.88 -0.77 17.79
CA LEU B 487 27.81 -1.49 18.49
C LEU B 487 28.05 -1.69 19.99
N ASN B 488 29.07 -1.06 20.57
CA ASN B 488 29.33 -1.16 22.02
C ASN B 488 28.10 -0.92 22.90
N HIS B 489 27.22 -0.02 22.44
CA HIS B 489 25.95 0.27 23.12
C HIS B 489 24.97 -0.92 23.19
N LEU B 490 25.22 -1.97 22.40
CA LEU B 490 24.47 -3.21 22.52
C LEU B 490 24.98 -4.08 23.68
N LEU B 491 26.22 -3.83 24.11
CA LEU B 491 26.90 -4.68 25.10
C LEU B 491 26.84 -4.11 26.51
N LYS B 492 26.82 -5.01 27.50
CA LYS B 492 26.87 -4.61 28.90
C LYS B 492 28.23 -4.02 29.18
N LYS B 493 29.27 -4.75 28.82
CA LYS B 493 30.65 -4.34 29.04
C LYS B 493 31.44 -4.51 27.75
N PRO B 494 31.68 -3.39 27.04
CA PRO B 494 32.46 -3.38 25.81
C PRO B 494 33.90 -3.91 25.95
N ILE B 495 34.32 -4.69 24.98
CA ILE B 495 35.67 -5.26 24.93
C ILE B 495 36.63 -4.27 24.26
N TYR B 496 36.14 -3.61 23.20
CA TYR B 496 36.96 -2.71 22.39
C TYR B 496 36.55 -1.28 22.64
N ASN B 497 37.52 -0.42 22.89
CA ASN B 497 37.27 1.02 22.99
C ASN B 497 37.85 1.71 21.77
N PRO B 498 36.98 2.13 20.84
CA PRO B 498 37.47 2.72 19.61
C PRO B 498 38.14 4.06 19.83
N SER B 499 39.04 4.42 18.92
CA SER B 499 39.73 5.71 18.95
C SER B 499 39.42 6.47 17.68
N HIS B 500 39.51 7.77 17.73
CA HIS B 500 39.46 8.58 16.52
C HIS B 500 40.76 8.35 15.76
N PRO B 501 40.68 8.24 14.43
CA PRO B 501 41.90 8.12 13.64
C PRO B 501 42.71 9.41 13.67
N LYS B 502 44.03 9.30 13.77
CA LYS B 502 44.88 10.48 13.85
C LYS B 502 45.19 11.06 12.47
N GLU B 503 45.60 12.33 12.45
CA GLU B 503 45.96 13.01 11.21
C GLU B 503 47.32 12.56 10.71
N GLU B 504 47.42 12.42 9.38
CA GLU B 504 48.64 12.07 8.66
C GLU B 504 49.02 13.09 7.57
N GLY B 505 48.07 13.90 7.08
CA GLY B 505 48.44 14.91 6.08
C GLY B 505 49.40 15.94 6.64
N PHE B 506 49.97 16.75 5.77
CA PHE B 506 51.04 17.69 6.15
C PHE B 506 50.46 19.10 6.29
N LEU B 507 50.15 19.51 7.53
CA LEU B 507 49.50 20.80 7.75
C LEU B 507 50.56 21.84 7.49
N SER B 508 50.52 22.43 6.30
CA SER B 508 51.47 23.47 5.90
C SER B 508 50.87 24.86 6.11
N GLN B 509 51.74 25.86 6.19
CA GLN B 509 51.32 27.25 6.27
C GLN B 509 50.94 27.71 4.88
N CYS B 510 49.97 28.62 4.81
CA CYS B 510 49.74 29.45 3.63
C CYS B 510 49.81 30.92 4.05
N PRO B 511 50.99 31.55 3.92
CA PRO B 511 51.07 32.97 4.19
C PRO B 511 50.54 33.78 3.02
N ILE B 512 49.94 34.93 3.31
CA ILE B 512 49.45 35.82 2.27
C ILE B 512 50.64 36.42 1.51
N LYS B 513 51.06 35.74 0.45
CA LYS B 513 52.23 36.17 -0.32
C LYS B 513 51.94 36.52 -1.77
N SER B 514 51.05 35.78 -2.40
CA SER B 514 50.74 35.92 -3.83
C SER B 514 50.42 37.36 -4.19
N THR B 515 50.88 37.84 -5.35
CA THR B 515 50.57 39.21 -5.78
C THR B 515 49.49 39.22 -6.88
N SER B 516 48.62 40.22 -6.82
CA SER B 516 47.38 40.19 -7.60
C SER B 516 47.64 40.20 -9.10
N ASN B 517 47.11 39.19 -9.78
CA ASN B 517 47.05 39.17 -11.25
C ASN B 517 45.64 39.52 -11.69
N ASP B 518 45.46 39.73 -12.99
CA ASP B 518 44.13 39.91 -13.54
C ASP B 518 43.52 38.53 -13.76
N LEU B 519 42.43 38.25 -13.05
CA LEU B 519 41.70 37.00 -13.23
C LEU B 519 40.75 37.08 -14.42
N GLY B 520 40.49 38.32 -14.87
CA GLY B 520 39.62 38.56 -16.01
C GLY B 520 38.15 38.46 -15.66
N CYS B 521 37.78 39.03 -14.52
CA CYS B 521 36.38 39.03 -14.07
C CYS B 521 35.81 40.43 -14.09
N THR B 522 34.67 40.60 -14.77
CA THR B 522 33.87 41.81 -14.63
C THR B 522 32.87 41.60 -13.49
N CYS B 523 33.20 42.13 -12.31
CA CYS B 523 32.31 42.11 -11.16
C CYS B 523 31.30 43.26 -11.27
N ASP B 524 30.08 43.03 -10.82
CA ASP B 524 29.07 44.09 -10.75
C ASP B 524 29.53 45.21 -9.82
N PRO B 525 28.90 46.40 -9.95
CA PRO B 525 29.15 47.42 -8.93
C PRO B 525 28.51 47.01 -7.59
N TRP B 526 27.43 46.23 -7.67
CA TRP B 526 26.75 45.65 -6.52
C TRP B 526 27.69 45.03 -5.48
N ILE B 527 28.70 44.30 -5.96
CA ILE B 527 29.58 43.56 -5.06
C ILE B 527 30.51 44.49 -4.27
N VAL B 528 30.82 44.08 -3.04
CA VAL B 528 31.75 44.78 -2.15
C VAL B 528 33.14 44.19 -2.33
N PRO B 529 34.17 45.03 -2.50
CA PRO B 529 35.52 44.42 -2.64
C PRO B 529 36.07 43.81 -1.33
N ILE B 530 37.11 42.99 -1.43
CA ILE B 530 37.64 42.24 -0.27
C ILE B 530 38.36 43.11 0.79
N LYS B 531 39.32 43.95 0.40
CA LYS B 531 40.06 44.73 1.40
C LYS B 531 39.15 45.63 2.25
N ASP B 532 38.26 46.36 1.59
CA ASP B 532 37.21 47.13 2.27
C ASP B 532 36.36 46.28 3.24
N PHE B 533 36.16 45.01 2.89
CA PHE B 533 35.23 44.13 3.61
C PHE B 533 35.40 44.15 5.14
N GLU B 534 36.64 44.19 5.61
CA GLU B 534 36.94 44.39 7.03
C GLU B 534 36.61 45.80 7.53
N LYS B 535 36.88 46.83 6.71
CA LYS B 535 36.61 48.23 7.06
C LYS B 535 35.10 48.42 7.10
N GLN B 536 34.42 48.01 6.04
CA GLN B 536 32.96 47.87 5.99
C GLN B 536 32.46 47.24 7.31
N LEU B 537 33.19 46.21 7.73
CA LEU B 537 32.74 45.15 8.65
C LEU B 537 32.26 45.54 10.05
N ASN B 538 32.97 46.46 10.69
CA ASN B 538 32.74 46.79 12.12
C ASN B 538 31.31 47.18 12.56
N LEU B 539 30.71 48.09 11.79
CA LEU B 539 29.44 48.73 12.13
C LEU B 539 28.30 47.75 12.06
N THR B 540 27.52 47.67 13.12
CA THR B 540 26.42 46.71 13.24
C THR B 540 26.94 45.29 13.44
N THR B 541 28.26 45.10 13.31
CA THR B 541 28.91 43.79 13.40
C THR B 541 29.84 43.64 14.63
N GLU B 542 29.82 44.62 15.54
CA GLU B 542 30.85 44.69 16.57
C GLU B 542 30.96 43.48 17.53
N ASP B 543 29.83 43.00 18.02
CA ASP B 543 29.80 41.96 19.06
C ASP B 543 31.01 40.99 19.07
N VAL B 544 31.52 40.70 20.28
CA VAL B 544 32.58 39.70 20.48
C VAL B 544 32.08 38.24 20.52
N ASP B 545 32.53 37.44 19.57
CA ASP B 545 32.21 36.02 19.51
C ASP B 545 33.23 35.36 18.60
N ASP B 546 33.32 34.03 18.61
CA ASP B 546 34.48 33.31 18.04
C ASP B 546 34.22 32.79 16.64
N ILE B 547 35.00 33.21 15.63
CA ILE B 547 34.76 32.78 14.25
C ILE B 547 35.20 31.34 13.96
N TYR B 548 36.25 30.87 14.64
CA TYR B 548 36.72 29.49 14.43
C TYR B 548 35.66 28.49 14.88
N HIS B 549 35.06 28.75 16.04
CA HIS B 549 34.01 27.87 16.58
C HIS B 549 32.73 27.99 15.76
N MET B 550 32.42 29.21 15.31
CA MET B 550 31.26 29.44 14.44
C MET B 550 31.32 28.66 13.12
N THR B 551 32.54 28.31 12.69
CA THR B 551 32.74 27.60 11.41
C THR B 551 32.82 26.09 11.57
N VAL B 552 33.51 25.63 12.60
CA VAL B 552 33.68 24.19 12.86
C VAL B 552 33.38 23.87 14.32
N PRO B 553 32.12 24.08 14.75
CA PRO B 553 31.75 23.89 16.16
C PRO B 553 31.91 22.48 16.73
N TYR B 554 32.05 21.48 15.86
CA TYR B 554 32.20 20.10 16.33
C TYR B 554 33.65 19.60 16.22
N GLY B 555 34.57 20.53 15.98
CA GLY B 555 35.94 20.22 15.62
C GLY B 555 36.06 20.31 14.11
N ARG B 556 37.25 20.66 13.62
CA ARG B 556 37.46 20.78 12.19
C ARG B 556 37.66 19.41 11.58
N PRO B 557 37.25 19.21 10.32
CA PRO B 557 37.56 17.89 9.75
C PRO B 557 39.05 17.59 9.87
N ARG B 558 39.39 16.34 10.15
CA ARG B 558 40.78 15.92 10.27
C ARG B 558 41.19 15.25 8.96
N ILE B 559 42.40 15.57 8.49
CA ILE B 559 42.89 15.04 7.22
C ILE B 559 43.60 13.70 7.44
N LEU B 560 43.06 12.64 6.84
CA LEU B 560 43.64 11.30 6.94
C LEU B 560 44.40 10.90 5.69
N LEU B 561 44.34 11.75 4.66
CA LEU B 561 45.04 11.49 3.41
C LEU B 561 46.52 11.34 3.73
N LYS B 562 47.12 10.29 3.17
CA LYS B 562 48.39 9.77 3.67
C LYS B 562 49.49 10.85 3.70
N GLN B 563 49.97 11.25 2.53
CA GLN B 563 50.79 12.44 2.41
C GLN B 563 50.04 13.37 1.50
N HIS B 564 49.55 14.47 2.06
CA HIS B 564 48.78 15.43 1.32
C HIS B 564 48.96 16.80 1.95
N HIS B 565 49.47 17.75 1.17
CA HIS B 565 49.80 19.08 1.69
C HIS B 565 48.54 19.91 1.79
N VAL B 566 48.22 20.33 3.01
CA VAL B 566 46.96 21.03 3.30
C VAL B 566 47.19 22.32 4.08
N CYS B 567 46.46 23.36 3.68
CA CYS B 567 46.32 24.59 4.46
C CYS B 567 44.95 24.65 5.10
N LEU B 568 44.87 25.27 6.27
CA LEU B 568 43.59 25.68 6.83
C LEU B 568 43.44 27.17 6.57
N LEU B 569 42.52 27.54 5.69
CA LEU B 569 42.28 28.94 5.37
C LEU B 569 41.07 29.44 6.12
N GLN B 570 41.29 30.35 7.07
CA GLN B 570 40.22 30.95 7.86
C GLN B 570 39.63 32.15 7.12
N GLN B 571 38.30 32.22 7.15
CA GLN B 571 37.56 33.38 6.70
C GLN B 571 36.57 33.71 7.83
N GLN B 572 35.75 34.73 7.64
CA GLN B 572 34.83 35.17 8.69
C GLN B 572 33.70 34.18 8.96
N GLN B 573 33.08 33.66 7.91
CA GLN B 573 31.91 32.78 8.03
C GLN B 573 32.16 31.36 7.56
N PHE B 574 33.36 31.05 7.10
CA PHE B 574 33.72 29.66 6.85
C PHE B 574 35.20 29.38 7.06
N LEU B 575 35.51 28.08 7.15
CA LEU B 575 36.87 27.59 7.25
C LEU B 575 37.07 26.61 6.10
N THR B 576 38.03 26.88 5.23
CA THR B 576 38.30 25.97 4.11
C THR B 576 39.61 25.20 4.39
N GLY B 577 39.55 23.88 4.20
CA GLY B 577 40.74 23.01 4.22
C GLY B 577 41.24 22.87 2.79
N TYR B 578 42.36 23.55 2.47
CA TYR B 578 42.80 23.71 1.08
C TYR B 578 44.00 22.84 0.71
N SER B 579 43.79 21.94 -0.25
CA SER B 579 44.86 21.07 -0.75
C SER B 579 45.80 21.83 -1.69
N LEU B 580 47.05 21.96 -1.27
CA LEU B 580 48.08 22.55 -2.12
C LEU B 580 48.46 21.60 -3.25
N ASP B 581 48.35 20.30 -3.00
CA ASP B 581 48.60 19.28 -4.01
C ASP B 581 47.67 19.41 -5.22
N LEU B 582 46.40 19.68 -4.96
CA LEU B 582 45.38 19.73 -6.03
C LEU B 582 44.98 21.16 -6.44
N LEU B 583 45.46 22.15 -5.69
CA LEU B 583 45.04 23.54 -5.87
C LEU B 583 43.52 23.61 -6.00
N MET B 584 42.88 23.22 -4.91
CA MET B 584 41.45 22.98 -4.88
C MET B 584 41.08 22.78 -3.42
N PRO B 585 39.90 23.27 -2.99
CA PRO B 585 39.49 23.04 -1.60
C PRO B 585 38.99 21.62 -1.38
N LEU B 586 39.55 20.93 -0.38
CA LEU B 586 39.06 19.61 0.00
C LEU B 586 37.75 19.68 0.78
N TRP B 587 37.58 20.74 1.56
CA TRP B 587 36.32 20.98 2.27
C TRP B 587 36.16 22.40 2.76
N ALA B 588 34.93 22.88 2.76
CA ALA B 588 34.58 24.13 3.42
C ALA B 588 33.55 23.83 4.52
N SER B 589 33.69 24.48 5.67
CA SER B 589 32.78 24.26 6.79
C SER B 589 32.18 25.59 7.25
N TYR B 590 30.86 25.64 7.38
CA TYR B 590 30.21 26.86 7.84
C TYR B 590 28.90 26.55 8.58
N THR B 591 28.35 27.59 9.22
CA THR B 591 27.12 27.47 10.00
C THR B 591 26.09 28.51 9.54
N PHE B 592 25.01 28.06 8.93
CA PHE B 592 23.91 28.92 8.50
C PHE B 592 22.93 29.01 9.68
N LEU B 593 22.99 30.13 10.40
CA LEU B 593 22.07 30.37 11.50
C LEU B 593 20.71 30.77 10.97
N ARG B 594 19.67 30.37 11.69
CA ARG B 594 18.28 30.61 11.32
C ARG B 594 18.03 32.06 10.87
N ASN B 595 18.59 33.03 11.59
CA ASN B 595 18.46 34.45 11.27
C ASN B 595 19.48 35.04 10.29
N ASP B 596 20.30 34.20 9.68
CA ASP B 596 21.27 34.72 8.70
C ASP B 596 20.56 35.18 7.43
N GLN B 597 20.96 36.34 6.93
CA GLN B 597 20.34 36.93 5.74
C GLN B 597 20.88 36.21 4.52
N PHE B 598 20.04 36.10 3.47
CA PHE B 598 20.39 35.42 2.23
C PHE B 598 20.17 36.40 1.09
N SER B 599 21.24 36.76 0.37
CA SER B 599 21.14 37.80 -0.66
C SER B 599 20.50 37.30 -1.93
N ARG B 600 19.76 38.18 -2.59
CA ARG B 600 19.12 37.90 -3.86
C ARG B 600 19.87 38.59 -5.02
N ASP B 601 21.06 39.13 -4.74
CA ASP B 601 21.82 39.83 -5.78
C ASP B 601 22.42 38.87 -6.80
N ASP B 602 22.66 39.38 -8.01
CA ASP B 602 23.17 38.58 -9.12
C ASP B 602 24.70 38.72 -9.18
N PHE B 603 25.43 37.60 -9.00
CA PHE B 603 26.90 37.64 -8.89
C PHE B 603 27.67 36.82 -9.96
N SER B 604 27.40 37.08 -11.23
CA SER B 604 28.04 36.36 -12.35
C SER B 604 29.50 36.78 -12.56
N ASN B 605 30.39 35.84 -12.85
CA ASN B 605 31.75 36.14 -13.33
C ASN B 605 32.48 37.13 -12.42
N CYS B 606 32.53 36.80 -11.13
CA CYS B 606 33.31 37.59 -10.17
C CYS B 606 34.06 36.69 -9.19
N LEU B 607 35.40 36.69 -9.30
CA LEU B 607 36.29 35.92 -8.42
C LEU B 607 37.34 36.83 -7.79
N TYR B 608 37.72 36.52 -6.55
CA TYR B 608 38.71 37.28 -5.79
C TYR B 608 39.91 36.41 -5.51
N GLN B 609 41.06 36.76 -6.08
CA GLN B 609 42.23 35.92 -5.92
C GLN B 609 42.66 35.87 -4.46
N ASP B 610 42.53 34.69 -3.87
CA ASP B 610 43.11 34.43 -2.57
C ASP B 610 44.62 34.53 -2.69
N LEU B 611 45.18 35.53 -2.02
CA LEU B 611 46.62 35.79 -2.03
C LEU B 611 47.41 34.74 -1.23
N ARG B 612 46.70 33.94 -0.43
CA ARG B 612 47.34 32.92 0.40
C ARG B 612 47.70 31.67 -0.38
N ILE B 613 47.09 31.47 -1.55
CA ILE B 613 47.30 30.23 -2.31
C ILE B 613 47.90 30.48 -3.70
N PRO B 614 48.56 29.45 -4.26
CA PRO B 614 49.13 29.57 -5.60
C PRO B 614 48.05 29.79 -6.64
N LEU B 615 48.31 30.69 -7.59
CA LEU B 615 47.33 31.00 -8.62
C LEU B 615 47.40 29.97 -9.73
N SER B 616 46.36 29.17 -9.86
CA SER B 616 46.23 28.22 -10.96
C SER B 616 45.52 28.91 -12.13
N PRO B 617 45.83 28.50 -13.37
CA PRO B 617 45.06 29.00 -14.51
C PRO B 617 43.57 28.64 -14.45
N VAL B 618 43.23 27.64 -13.64
CA VAL B 618 41.84 27.19 -13.46
C VAL B 618 41.07 28.01 -12.39
N HIS B 619 41.76 28.89 -11.66
CA HIS B 619 41.11 29.82 -10.73
C HIS B 619 40.60 31.07 -11.41
N LYS B 620 41.03 31.30 -12.66
CA LYS B 620 40.72 32.52 -13.37
C LYS B 620 39.34 32.43 -14.02
N CYS B 621 38.61 33.55 -13.99
CA CYS B 621 37.31 33.66 -14.65
C CYS B 621 37.43 33.45 -16.15
N SER B 622 38.46 34.05 -16.73
CA SER B 622 38.74 33.90 -18.16
C SER B 622 38.66 32.43 -18.59
N TYR B 623 39.19 31.53 -17.76
CA TYR B 623 39.18 30.09 -18.06
C TYR B 623 37.77 29.53 -18.29
N TYR B 624 36.81 29.99 -17.48
CA TYR B 624 35.43 29.53 -17.60
C TYR B 624 34.59 30.45 -18.49
N LYS B 625 35.10 31.65 -18.78
CA LYS B 625 34.38 32.62 -19.58
C LYS B 625 33.79 31.95 -20.83
N SER B 626 32.47 31.84 -20.84
CA SER B 626 31.74 31.22 -21.95
C SER B 626 32.25 29.82 -22.32
N ASN B 627 32.68 29.08 -21.29
CA ASN B 627 33.18 27.72 -21.47
C ASN B 627 31.99 26.75 -21.48
N SER B 628 31.68 26.20 -22.65
CA SER B 628 30.57 25.24 -22.79
C SER B 628 30.86 23.94 -22.06
N LYS B 629 32.12 23.50 -22.05
CA LYS B 629 32.50 22.21 -21.45
C LYS B 629 32.21 22.13 -19.95
N LEU B 630 32.70 23.09 -19.17
CA LEU B 630 32.36 23.12 -17.76
C LEU B 630 32.40 24.52 -17.18
N SER B 631 31.95 24.62 -15.94
CA SER B 631 31.91 25.86 -15.20
C SER B 631 32.58 25.64 -13.84
N TYR B 632 32.28 26.49 -12.87
CA TYR B 632 32.75 26.33 -11.50
C TYR B 632 31.57 26.50 -10.53
N GLY B 633 31.78 26.07 -9.28
CA GLY B 633 30.77 26.23 -8.23
C GLY B 633 31.42 26.60 -6.91
N PHE B 634 30.65 27.18 -5.99
CA PHE B 634 31.16 27.56 -4.67
C PHE B 634 30.83 26.50 -3.62
N LEU B 635 31.82 26.15 -2.80
CA LEU B 635 31.58 25.21 -1.71
C LEU B 635 30.80 25.85 -0.58
N THR B 636 30.83 27.18 -0.49
CA THR B 636 29.99 27.92 0.45
C THR B 636 29.26 29.01 -0.31
N PRO B 637 27.93 29.07 -0.18
CA PRO B 637 27.15 30.01 -0.97
C PRO B 637 27.56 31.44 -0.66
N PRO B 638 27.75 32.25 -1.71
CA PRO B 638 27.98 33.69 -1.56
C PRO B 638 26.74 34.47 -1.09
N ARG B 639 25.57 33.88 -1.25
CA ARG B 639 24.33 34.56 -0.84
C ARG B 639 24.19 34.61 0.69
N LEU B 640 24.87 33.71 1.40
CA LEU B 640 24.78 33.64 2.85
C LEU B 640 25.67 34.70 3.48
N ASN B 641 25.08 35.50 4.39
CA ASN B 641 25.75 36.68 4.98
C ASN B 641 25.16 37.12 6.33
N ARG B 642 25.95 37.01 7.40
CA ARG B 642 25.45 37.29 8.76
C ARG B 642 25.07 38.75 9.02
N VAL B 643 25.82 39.67 8.41
CA VAL B 643 25.77 41.08 8.79
C VAL B 643 24.77 41.96 8.01
N SER B 644 24.39 41.55 6.80
CA SER B 644 23.67 42.47 5.91
C SER B 644 22.91 41.77 4.77
N ASN B 645 22.23 42.58 3.96
CA ASN B 645 21.51 42.11 2.79
C ASN B 645 22.44 41.82 1.60
N HIS B 646 23.70 42.23 1.72
CA HIS B 646 24.65 42.20 0.62
C HIS B 646 25.30 40.83 0.53
N ILE B 647 26.01 40.60 -0.57
CA ILE B 647 26.65 39.31 -0.79
C ILE B 647 27.94 39.22 0.00
N TYR B 648 28.21 38.02 0.50
CA TYR B 648 29.45 37.73 1.23
C TYR B 648 30.63 37.63 0.27
N SER B 649 31.55 38.59 0.36
CA SER B 649 32.66 38.70 -0.58
C SER B 649 33.69 37.57 -0.44
N GLU B 650 33.96 37.18 0.80
CA GLU B 650 34.89 36.08 1.10
C GLU B 650 34.47 34.78 0.45
N ALA B 651 33.19 34.66 0.11
CA ALA B 651 32.66 33.47 -0.57
C ALA B 651 33.13 33.39 -2.02
N LEU B 652 33.47 34.55 -2.60
CA LEU B 652 33.91 34.65 -3.99
C LEU B 652 35.43 34.49 -4.13
N LEU B 653 36.12 34.20 -3.03
CA LEU B 653 37.54 33.86 -3.07
C LEU B 653 37.85 32.64 -3.94
N THR B 654 38.95 32.72 -4.68
CA THR B 654 39.38 31.66 -5.60
C THR B 654 39.67 30.33 -4.90
N SER B 655 39.80 30.35 -3.57
CA SER B 655 40.01 29.14 -2.76
C SER B 655 38.70 28.47 -2.34
N ASN B 656 37.58 29.02 -2.81
CA ASN B 656 36.27 28.50 -2.47
C ASN B 656 35.54 27.93 -3.68
N ILE B 657 36.20 27.85 -4.83
CA ILE B 657 35.56 27.35 -6.05
C ILE B 657 36.07 25.97 -6.43
N VAL B 658 35.29 25.28 -7.26
CA VAL B 658 35.58 23.91 -7.72
C VAL B 658 34.99 23.70 -9.12
N PRO B 659 35.58 22.80 -9.93
CA PRO B 659 35.05 22.60 -11.28
C PRO B 659 33.66 21.98 -11.20
N MET B 660 32.73 22.43 -12.03
CA MET B 660 31.36 21.97 -11.90
C MET B 660 30.56 22.12 -13.18
N TYR B 661 30.23 20.98 -13.81
CA TYR B 661 29.33 20.93 -14.96
C TYR B 661 28.12 21.84 -14.78
N GLN B 662 27.70 22.48 -15.87
CA GLN B 662 26.54 23.36 -15.87
C GLN B 662 25.28 22.63 -15.40
N SER B 663 25.12 21.38 -15.85
CA SER B 663 23.92 20.59 -15.52
C SER B 663 23.82 20.32 -14.02
N PHE B 664 24.95 19.97 -13.41
CA PHE B 664 25.00 19.74 -11.96
C PHE B 664 24.70 21.01 -11.18
N GLN B 665 25.07 22.17 -11.74
CA GLN B 665 24.80 23.46 -11.08
C GLN B 665 23.31 23.61 -10.79
N VAL B 666 22.46 23.09 -11.67
CA VAL B 666 21.03 23.11 -11.44
C VAL B 666 20.71 22.47 -10.08
N ILE B 667 21.23 21.27 -9.88
CA ILE B 667 21.10 20.57 -8.59
C ILE B 667 21.74 21.38 -7.47
N TRP B 668 22.95 21.86 -7.70
CA TRP B 668 23.72 22.56 -6.67
C TRP B 668 23.10 23.91 -6.30
N HIS B 669 22.52 24.59 -7.29
CA HIS B 669 21.88 25.88 -7.05
C HIS B 669 20.64 25.71 -6.21
N TYR B 670 19.77 24.76 -6.61
CA TYR B 670 18.52 24.53 -5.90
C TYR B 670 18.80 24.15 -4.47
N LEU B 671 19.76 23.24 -4.28
CA LEU B 671 20.15 22.78 -2.94
C LEU B 671 20.51 23.96 -2.04
N HIS B 672 21.19 24.96 -2.58
CA HIS B 672 21.61 26.12 -1.77
C HIS B 672 20.60 27.27 -1.76
N ASP B 673 19.96 27.54 -2.90
CA ASP B 673 19.01 28.65 -2.99
C ASP B 673 17.76 28.43 -2.16
N THR B 674 17.14 27.26 -2.31
CA THR B 674 15.87 27.01 -1.62
C THR B 674 16.00 26.02 -0.44
N LEU B 675 16.68 24.89 -0.64
CA LEU B 675 16.71 23.84 0.38
C LEU B 675 17.48 24.20 1.64
N LEU B 676 18.67 24.76 1.47
CA LEU B 676 19.52 25.00 2.64
C LEU B 676 18.86 26.03 3.56
N GLN B 677 18.26 27.04 2.94
CA GLN B 677 17.44 28.01 3.65
C GLN B 677 16.32 27.36 4.47
N ARG B 678 15.62 26.41 3.86
CA ARG B 678 14.53 25.72 4.52
C ARG B 678 15.03 24.91 5.71
N TYR B 679 16.03 24.07 5.49
CA TYR B 679 16.60 23.25 6.57
C TYR B 679 17.07 24.15 7.71
N ALA B 680 17.67 25.29 7.36
CA ALA B 680 18.13 26.25 8.38
C ALA B 680 16.97 26.74 9.20
N HIS B 681 15.86 27.00 8.53
CA HIS B 681 14.66 27.46 9.20
C HIS B 681 14.08 26.34 10.07
N GLU B 682 13.88 25.17 9.47
CA GLU B 682 13.27 24.03 10.15
C GLU B 682 14.08 23.39 11.29
N ARG B 683 15.39 23.66 11.37
CA ARG B 683 16.27 23.01 12.37
C ARG B 683 16.94 24.00 13.31
N ASN B 684 16.43 25.23 13.32
CA ASN B 684 17.01 26.33 14.09
C ASN B 684 18.48 26.56 13.77
N GLY B 685 18.80 26.56 12.49
CA GLY B 685 20.18 26.68 12.03
C GLY B 685 20.70 25.36 11.51
N ILE B 686 21.74 25.42 10.69
CA ILE B 686 22.29 24.22 10.09
C ILE B 686 23.78 24.43 9.84
N ASN B 687 24.57 23.39 10.08
CA ASN B 687 26.00 23.43 9.84
C ASN B 687 26.36 22.58 8.61
N VAL B 688 27.13 23.15 7.71
CA VAL B 688 27.44 22.50 6.43
C VAL B 688 28.93 22.22 6.33
N VAL B 689 29.26 21.07 5.75
CA VAL B 689 30.62 20.80 5.29
C VAL B 689 30.50 20.22 3.87
N SER B 690 30.85 21.02 2.88
CA SER B 690 30.77 20.60 1.49
C SER B 690 32.16 20.36 0.97
N GLY B 691 32.28 19.55 -0.09
CA GLY B 691 33.56 19.33 -0.72
C GLY B 691 33.51 18.36 -1.88
N PRO B 692 34.53 18.41 -2.76
CA PRO B 692 34.62 17.56 -3.92
C PRO B 692 35.04 16.15 -3.53
N VAL B 693 34.87 15.21 -4.45
CA VAL B 693 35.16 13.80 -4.20
C VAL B 693 35.84 13.21 -5.43
N PHE B 694 36.85 12.38 -5.20
CA PHE B 694 37.56 11.73 -6.30
C PHE B 694 37.64 10.24 -6.05
N ASP B 695 36.77 9.49 -6.75
CA ASP B 695 36.76 8.03 -6.69
C ASP B 695 36.64 7.45 -8.10
N PHE B 696 37.68 7.65 -8.91
CA PHE B 696 37.67 7.23 -10.31
C PHE B 696 37.73 5.72 -10.48
N ASP B 697 38.42 5.04 -9.56
CA ASP B 697 38.45 3.57 -9.54
C ASP B 697 37.19 2.95 -8.92
N TYR B 698 36.22 3.81 -8.55
CA TYR B 698 34.95 3.42 -7.90
C TYR B 698 35.08 2.31 -6.86
N ASP B 699 36.06 2.44 -5.97
CA ASP B 699 36.25 1.50 -4.86
C ASP B 699 35.75 2.08 -3.54
N GLY B 700 35.03 3.20 -3.63
CA GLY B 700 34.43 3.82 -2.46
C GLY B 700 35.39 4.53 -1.51
N ARG B 701 36.67 4.63 -1.89
CA ARG B 701 37.67 5.23 -1.02
C ARG B 701 38.44 6.32 -1.76
N TYR B 702 39.01 7.26 -1.01
CA TYR B 702 39.70 8.40 -1.62
C TYR B 702 40.82 7.91 -2.53
N ASP B 703 40.95 8.55 -3.69
CA ASP B 703 41.88 8.09 -4.71
C ASP B 703 43.33 8.41 -4.37
N SER B 704 44.20 7.47 -4.70
CA SER B 704 45.65 7.66 -4.68
C SER B 704 46.03 8.86 -5.58
N LEU B 705 47.08 9.58 -5.21
CA LEU B 705 47.60 10.67 -6.06
C LEU B 705 48.02 10.18 -7.45
N GLU B 706 48.55 8.96 -7.50
CA GLU B 706 48.81 8.26 -8.77
C GLU B 706 47.56 8.20 -9.65
N ILE B 707 46.44 7.81 -9.04
CA ILE B 707 45.17 7.63 -9.75
C ILE B 707 44.55 8.96 -10.17
N LEU B 708 44.71 9.98 -9.33
CA LEU B 708 44.26 11.32 -9.65
C LEU B 708 44.97 11.84 -10.90
N LYS B 709 46.30 11.69 -10.95
CA LYS B 709 47.09 12.06 -12.13
C LYS B 709 46.47 11.48 -13.39
N GLN B 710 46.18 10.18 -13.34
CA GLN B 710 45.70 9.45 -14.52
C GLN B 710 44.34 9.93 -15.01
N ASN B 711 43.54 10.53 -14.13
CA ASN B 711 42.19 10.95 -14.49
C ASN B 711 42.04 12.46 -14.65
N SER B 712 43.15 13.17 -14.51
CA SER B 712 43.23 14.53 -14.97
C SER B 712 42.94 14.58 -16.47
N ARG B 713 42.41 15.72 -16.92
CA ARG B 713 42.09 15.94 -18.32
C ARG B 713 42.40 17.39 -18.68
N VAL B 714 42.45 17.69 -19.96
CA VAL B 714 42.66 19.08 -20.41
C VAL B 714 41.39 19.57 -21.10
N ILE B 715 40.89 20.74 -20.69
CA ILE B 715 39.61 21.23 -21.20
C ILE B 715 39.79 22.48 -22.07
N ARG B 716 40.41 23.53 -21.54
CA ARG B 716 40.75 24.68 -22.36
C ARG B 716 42.25 24.71 -22.54
N SER B 717 42.78 23.60 -23.02
CA SER B 717 44.22 23.35 -23.05
C SER B 717 44.85 23.59 -21.69
N GLN B 718 44.06 23.37 -20.64
CA GLN B 718 44.51 23.53 -19.29
C GLN B 718 44.17 22.27 -18.54
N GLU B 719 45.13 21.77 -17.78
CA GLU B 719 44.96 20.50 -17.10
C GLU B 719 44.10 20.70 -15.86
N ILE B 720 43.03 19.91 -15.75
CA ILE B 720 42.04 20.03 -14.67
C ILE B 720 41.55 18.63 -14.31
N LEU B 721 41.20 18.44 -13.04
CA LEU B 721 40.71 17.14 -12.55
C LEU B 721 39.29 17.35 -11.97
N ILE B 722 38.31 16.72 -12.62
CA ILE B 722 36.87 16.95 -12.37
C ILE B 722 36.30 15.94 -11.35
N PRO B 723 35.73 16.44 -10.23
CA PRO B 723 35.23 15.57 -9.17
C PRO B 723 34.22 14.53 -9.63
N THR B 724 34.39 13.29 -9.19
CA THR B 724 33.47 12.20 -9.50
C THR B 724 32.13 12.44 -8.83
N HIS B 725 32.17 12.93 -7.59
CA HIS B 725 30.97 13.27 -6.83
C HIS B 725 31.21 14.56 -6.03
N PHE B 726 30.14 15.05 -5.41
CA PHE B 726 30.24 16.15 -4.46
C PHE B 726 29.57 15.75 -3.16
N PHE B 727 30.26 15.96 -2.04
CA PHE B 727 29.74 15.56 -0.75
C PHE B 727 29.28 16.77 0.03
N ILE B 728 28.34 16.52 0.94
CA ILE B 728 27.82 17.55 1.81
C ILE B 728 27.38 16.85 3.10
N VAL B 729 27.69 17.46 4.24
CA VAL B 729 27.38 16.89 5.55
C VAL B 729 26.68 17.92 6.42
N LEU B 730 25.37 17.76 6.54
CA LEU B 730 24.54 18.66 7.34
C LEU B 730 24.54 18.24 8.80
N THR B 731 24.56 19.21 9.71
CA THR B 731 24.52 18.91 11.13
C THR B 731 23.75 19.99 11.90
N SER B 732 22.86 19.54 12.77
CA SER B 732 22.11 20.41 13.68
C SER B 732 21.78 19.66 14.96
N CYS B 733 21.26 20.40 15.94
CA CYS B 733 20.93 19.83 17.23
C CYS B 733 19.66 19.02 17.13
N LYS B 734 19.50 18.06 18.03
CA LYS B 734 18.27 17.28 18.16
C LYS B 734 17.21 18.14 18.80
N GLN B 735 17.57 18.83 19.87
CA GLN B 735 16.66 19.78 20.48
C GLN B 735 16.56 21.04 19.63
N LEU B 736 15.40 21.26 19.03
CA LEU B 736 15.19 22.44 18.17
C LEU B 736 15.46 23.77 18.87
N SER B 737 15.48 23.78 20.20
CA SER B 737 15.79 25.01 20.95
C SER B 737 17.27 25.39 20.92
N GLU B 738 18.14 24.52 20.40
CA GLU B 738 19.59 24.78 20.37
C GLU B 738 20.11 25.02 18.94
N THR B 739 20.86 26.10 18.73
CA THR B 739 21.51 26.32 17.43
C THR B 739 22.71 25.41 17.28
N PRO B 740 23.15 25.15 16.02
CA PRO B 740 24.20 24.17 15.79
C PRO B 740 25.50 24.44 16.57
N LEU B 741 25.68 25.68 17.03
CA LEU B 741 26.87 26.04 17.79
C LEU B 741 26.84 25.57 19.25
N GLU B 742 25.74 24.98 19.68
CA GLU B 742 25.56 24.60 21.09
C GLU B 742 24.66 23.35 21.24
N CYS B 743 24.90 22.34 20.41
CA CYS B 743 24.16 21.09 20.49
C CYS B 743 24.59 20.25 21.68
N SER B 744 23.60 19.66 22.33
CA SER B 744 23.81 18.64 23.36
C SER B 744 23.97 17.30 22.68
N ALA B 745 23.18 17.08 21.64
CA ALA B 745 23.29 15.89 20.79
C ALA B 745 23.10 16.29 19.33
N LEU B 746 23.78 15.57 18.44
CA LEU B 746 23.81 15.95 17.04
C LEU B 746 22.80 15.17 16.17
N GLU B 747 22.32 15.86 15.14
CA GLU B 747 21.54 15.27 14.08
C GLU B 747 22.37 15.40 12.80
N SER B 748 22.65 14.29 12.12
CA SER B 748 23.53 14.31 10.94
C SER B 748 22.88 13.74 9.69
N SER B 749 22.88 14.52 8.62
CA SER B 749 22.61 14.01 7.28
C SER B 749 23.89 14.11 6.47
N ALA B 750 24.01 13.27 5.45
CA ALA B 750 25.19 13.27 4.59
C ALA B 750 24.80 12.78 3.22
N TYR B 751 25.42 13.36 2.20
CA TYR B 751 25.12 13.03 0.81
C TYR B 751 26.39 12.93 -0.01
N ILE B 752 26.35 12.10 -1.05
CA ILE B 752 27.43 11.95 -2.00
C ILE B 752 26.79 12.02 -3.37
N LEU B 753 26.61 13.24 -3.85
CA LEU B 753 25.88 13.50 -5.08
C LEU B 753 26.73 13.21 -6.29
N PRO B 754 26.22 12.41 -7.24
CA PRO B 754 27.03 12.16 -8.41
C PRO B 754 27.15 13.41 -9.26
N HIS B 755 28.36 13.61 -9.77
CA HIS B 755 28.71 14.77 -10.57
C HIS B 755 28.69 14.44 -12.05
N ARG B 756 27.51 14.40 -12.65
CA ARG B 756 27.36 13.96 -14.03
C ARG B 756 27.10 15.16 -14.94
N PRO B 757 27.60 15.11 -16.19
CA PRO B 757 27.53 16.25 -17.11
C PRO B 757 26.16 16.48 -17.76
N ASP B 758 25.22 15.56 -17.58
CA ASP B 758 23.81 15.78 -17.91
C ASP B 758 22.95 15.41 -16.69
N ASN B 759 21.62 15.39 -16.86
CA ASN B 759 20.72 14.97 -15.79
C ASN B 759 19.74 13.88 -16.25
N ILE B 760 20.21 12.96 -17.09
CA ILE B 760 19.32 11.90 -17.60
C ILE B 760 18.90 10.94 -16.49
N GLU B 761 19.75 10.82 -15.47
CA GLU B 761 19.39 10.04 -14.30
C GLU B 761 18.01 10.46 -13.82
N SER B 762 17.75 11.77 -13.80
CA SER B 762 16.51 12.31 -13.25
C SER B 762 15.33 12.45 -14.23
N CYS B 763 15.53 12.10 -15.50
CA CYS B 763 14.46 12.20 -16.50
C CYS B 763 13.60 13.43 -16.24
N THR B 764 14.20 14.60 -16.40
CA THR B 764 13.57 15.85 -15.96
C THR B 764 12.32 16.24 -16.73
N HIS B 765 12.30 15.97 -18.02
CA HIS B 765 11.19 16.42 -18.85
C HIS B 765 9.85 16.23 -18.13
N GLY B 766 9.03 17.28 -18.13
CA GLY B 766 7.72 17.23 -17.49
C GLY B 766 7.73 17.54 -16.00
N LYS B 767 8.87 17.35 -15.33
CA LYS B 767 8.95 17.55 -13.89
C LYS B 767 9.34 18.97 -13.50
N ARG B 768 9.25 19.27 -12.20
CA ARG B 768 9.71 20.53 -11.63
C ARG B 768 10.92 20.24 -10.76
N GLU B 769 11.79 21.23 -10.57
CA GLU B 769 13.05 20.99 -9.87
C GLU B 769 12.87 20.57 -8.41
N SER B 770 11.91 21.21 -7.74
CA SER B 770 11.55 20.80 -6.38
C SER B 770 11.35 19.28 -6.32
N SER B 771 10.59 18.74 -7.27
CA SER B 771 10.36 17.30 -7.37
C SER B 771 11.65 16.51 -7.61
N TRP B 772 12.32 16.74 -8.74
CA TRP B 772 13.41 15.83 -9.16
C TRP B 772 14.76 16.02 -8.46
N VAL B 773 15.07 17.24 -8.02
CA VAL B 773 16.34 17.45 -7.31
C VAL B 773 16.27 16.83 -5.92
N GLU B 774 15.19 17.09 -5.21
CA GLU B 774 15.03 16.56 -3.86
C GLU B 774 14.99 15.04 -3.90
N GLU B 775 14.37 14.48 -4.94
CA GLU B 775 14.37 13.03 -5.11
C GLU B 775 15.80 12.50 -5.28
N LEU B 776 16.60 13.22 -6.03
CA LEU B 776 17.98 12.83 -6.31
C LEU B 776 18.85 12.85 -5.04
N LEU B 777 18.70 13.88 -4.20
CA LEU B 777 19.44 13.94 -2.94
C LEU B 777 19.11 12.72 -2.11
N THR B 778 17.82 12.48 -1.95
CA THR B 778 17.34 11.38 -1.14
C THR B 778 17.93 10.07 -1.64
N LEU B 779 17.92 9.85 -2.94
CA LEU B 779 18.49 8.64 -3.50
C LEU B 779 19.98 8.51 -3.20
N HIS B 780 20.70 9.62 -3.16
CA HIS B 780 22.16 9.59 -2.95
C HIS B 780 22.56 10.00 -1.55
N ARG B 781 21.63 9.88 -0.62
CA ARG B 781 21.97 10.07 0.78
C ARG B 781 23.02 9.01 1.10
N ALA B 782 23.83 9.27 2.10
CA ALA B 782 24.89 8.34 2.48
C ALA B 782 25.21 8.47 3.95
N ARG B 783 25.96 7.51 4.46
CA ARG B 783 26.42 7.55 5.84
C ARG B 783 27.47 8.64 5.95
N VAL B 784 27.61 9.27 7.11
CA VAL B 784 28.72 10.20 7.29
C VAL B 784 30.01 9.41 7.04
N THR B 785 30.06 8.19 7.57
CA THR B 785 31.21 7.34 7.37
C THR B 785 31.53 7.10 5.90
N ASP B 786 30.50 7.06 5.05
CA ASP B 786 30.71 6.85 3.61
C ASP B 786 31.52 8.00 3.04
N VAL B 787 31.18 9.21 3.47
CA VAL B 787 31.93 10.40 3.12
C VAL B 787 33.37 10.28 3.64
N GLU B 788 33.52 10.00 4.91
CA GLU B 788 34.83 9.83 5.52
C GLU B 788 35.73 8.88 4.72
N LEU B 789 35.20 7.73 4.32
CA LEU B 789 35.98 6.75 3.56
C LEU B 789 36.42 7.26 2.20
N ILE B 790 35.51 8.00 1.53
CA ILE B 790 35.73 8.40 0.13
C ILE B 790 36.47 9.73 -0.01
N THR B 791 36.57 10.49 1.08
CA THR B 791 37.25 11.80 1.07
C THR B 791 38.59 11.77 1.83
N GLY B 792 38.69 10.88 2.81
CA GLY B 792 39.86 10.82 3.69
C GLY B 792 39.78 11.85 4.80
N LEU B 793 38.55 12.24 5.18
CA LEU B 793 38.32 13.20 6.26
C LEU B 793 37.66 12.53 7.46
N SER B 794 37.70 13.19 8.62
CA SER B 794 37.17 12.64 9.86
C SER B 794 36.48 13.73 10.68
N PHE B 795 35.17 13.57 10.87
CA PHE B 795 34.32 14.63 11.43
C PHE B 795 34.02 14.48 12.92
N TYR B 796 33.55 15.58 13.51
CA TYR B 796 33.02 15.59 14.88
C TYR B 796 34.04 15.16 15.97
N GLN B 797 35.34 15.26 15.69
CA GLN B 797 36.34 14.71 16.61
C GLN B 797 36.40 15.43 17.96
N ASP B 798 36.09 16.72 17.99
CA ASP B 798 36.16 17.48 19.23
C ASP B 798 34.91 17.39 20.08
N ARG B 799 33.89 16.69 19.58
CA ARG B 799 32.65 16.52 20.33
C ARG B 799 32.90 15.79 21.65
N GLN B 800 32.24 16.27 22.69
CA GLN B 800 32.29 15.68 24.04
C GLN B 800 31.95 14.19 24.08
N GLU B 801 31.03 13.75 23.22
CA GLU B 801 30.60 12.34 23.19
C GLU B 801 31.76 11.37 23.00
N SER B 802 31.59 10.13 23.45
CA SER B 802 32.60 9.10 23.27
C SER B 802 32.73 8.74 21.79
N VAL B 803 33.78 8.02 21.44
CA VAL B 803 34.02 7.67 20.05
C VAL B 803 32.97 6.70 19.53
N SER B 804 32.58 5.74 20.36
CA SER B 804 31.56 4.77 19.96
C SER B 804 30.20 5.42 19.78
N GLU B 805 29.90 6.45 20.58
CA GLU B 805 28.69 7.24 20.39
C GLU B 805 28.69 7.86 19.00
N LEU B 806 29.79 8.53 18.69
CA LEU B 806 29.93 9.22 17.41
C LEU B 806 29.95 8.24 16.25
N LEU B 807 30.46 7.04 16.49
CA LEU B 807 30.44 5.99 15.47
C LEU B 807 29.01 5.54 15.10
N ARG B 808 28.08 5.67 16.04
CA ARG B 808 26.66 5.43 15.72
C ARG B 808 26.14 6.51 14.80
N LEU B 809 26.33 7.76 15.24
CA LEU B 809 25.91 8.93 14.50
C LEU B 809 26.43 8.88 13.07
N LYS B 810 27.68 8.44 12.92
CA LYS B 810 28.33 8.46 11.62
C LYS B 810 27.91 7.32 10.70
N THR B 811 27.55 6.17 11.25
CA THR B 811 27.16 5.02 10.44
C THR B 811 25.68 5.00 10.11
N HIS B 812 24.91 5.94 10.66
CA HIS B 812 23.47 5.95 10.46
C HIS B 812 23.05 6.27 9.04
N LEU B 813 21.91 5.72 8.62
CA LEU B 813 21.26 6.08 7.37
C LEU B 813 19.75 5.89 7.52
N PRO B 814 18.93 6.86 7.05
CA PRO B 814 17.47 6.69 7.11
C PRO B 814 16.88 5.64 6.18
N ILE B 815 15.88 4.93 6.67
CA ILE B 815 15.16 3.94 5.88
C ILE B 815 14.14 4.69 5.02
N PHE B 816 13.99 4.28 3.77
CA PHE B 816 12.94 4.78 2.90
C PHE B 816 11.65 4.13 3.36
N SER B 817 10.72 4.91 3.89
CA SER B 817 9.49 4.30 4.42
C SER B 817 8.52 4.02 3.30
N GLN B 818 8.02 2.79 3.28
CA GLN B 818 6.94 2.39 2.38
C GLN B 818 5.64 2.64 3.14
N GLU B 819 5.01 3.79 2.80
CA GLU B 819 3.95 4.49 3.56
C GLU B 819 4.44 5.90 3.84
#